data_8AE6
#
_entry.id   8AE6
#
_cell.length_a   1.00
_cell.length_b   1.00
_cell.length_c   1.00
_cell.angle_alpha   90.00
_cell.angle_beta   90.00
_cell.angle_gamma   90.00
#
_symmetry.space_group_name_H-M   'P 1'
#
loop_
_entity.id
_entity.type
_entity.pdbx_description
1 polymer 'Nitrogen permease regulator 3'
2 polymer 'Maintenance of telomere capping protein 5'
3 polymer 'Vacuolar membrane-associated protein IML1'
4 polymer 'Nitrogen permease regulator 2'
#
loop_
_entity_poly.entity_id
_entity_poly.type
_entity_poly.pdbx_seq_one_letter_code
_entity_poly.pdbx_strand_id
1 'polypeptide(L)'
;MDECLPNSCLLGVHLVISTHSGPQIVYHYPPSNTAFLTNNPTKHQHLYGNHANLNKNTSTNKEEKLFNSGSTKTASQIAL
NESAKSYNTAITPSMTNTNTNNVTLPPTRSHANTVGSQSSIPAATNGVGYRKTDIEDTSRTFQYQETESETSSSGLSDSE
LSTDYLDISSDSFSISSSLSSSSLSSSPSSSSSSSPPQDGLSRTNSSFQSTDSMSPTSPQMIMENDSISVAESYLDSGTN
NKSRAASKRSQNFFHKLSTKKSTDSKTHSPVRKLKSKPSQSTKKGNKLLKNTSNETDGNAFTGSCSISSKKSLSSTGEHN
QELRNSSLNDTPGQSPHHYHHRYHHYHKNAATSQRNSHTQYDVEEEDMEVSAMLQDGKISMNEIFFEEENFQDINKILEF
DNDFVAEFCSPEREMCNTRFEFTVDNFCFLGLPIHVDSQGRWRKSKHKNKTRSKRSSSTTTNISRKKSIASKISSLSENT
LKKVNSGEADTVYDSNIGHEASTDTPNLRINTDVSGNEFEREKEDLGKNMNMFHVCFVMNPHLIEYNKRIDDMYQFVVTR
LSLLLRYVQSKTSYISSECHIILKEKERVLKHSKTYQSIRGAGNKGKYLYQRILAKSSLARALTECVDKIQRNEIACLEI
NDDKVISLQIPIQNEFEKMPNFKLQPVLRGSYLTSILNMKFLEKSSLRIESQNRQNDQAQFSDTNNNIYRFGNNINSTGH
CGAANVDDGDDNESNYYCDDNDDLLNYALLLLDEPNNIISSLETFSYQDDIGTIILKHLVRNIQPNIPLRSYRYLITDLL
DNPSSLDDLTTETNSLESSILRSCALHLMYWRHARIVIPLSSKYTYIVSPLAPIQGYTIDDYKSTSQNDGNVKKMDDREN
NKSGSDRVPLIYQNSMLFRSKFPSLPSLPIFLSLLSTDKPQAYSNIIPSREHKPVYLNALAWLIQYGYVTQLLTFINIRV
DKHIKMAVDEDLEKEGFRKTNTARRPSMDYKKTDKKLDDEDGQSRDANASEACSGKNEGMQSNDNNKDVDEKDNENDSRV
DDRDDNEIAIADEEEILHFEYDDPEMQHDYTIILEPERATAIEKRWLYRCIYGQPSDIQILFNKLLKYFNGKVPMELVII
KEEISRHDLKKLLNALDKYLIEIHHW
;
U
2 'polypeptide(L)'
;MCSSINEGPYNSPTFGKSLSLKVDGGFNAVSINPSGRDIVLASRQGLYIIDLDDPFTPPRWLHHITPWQVADVQWSPHPA
KPYWIVSTSNQKAIIWNLAKSSSNAIEFVLHGHSRAITDINFNPQHPDVLATCSVDTYVHAWDMRSPHRPFYSTSSWRSA
ASQVKWNYKDPNVLASSHGNDIFVWDLRKGSTPLCSLKGHVSSVNSIDFNRFKYSEIMSSSNDGTVKFWDYSKSTTESKR
TVTTNFPIWRGRYLPFGEGYCIMPMVGGNNAVYLINLCDDDDSEQNKKTKLQPIYAFKGHSDRVIDFLWRSRHTCDGDYD
DREFQLVTWSKDCDLKLWPISDSIYGKVNFDRGKRLEEKLPDYDYCSYNKEPENRENVQKNEFRRLRENFVTTSGLKKNK
TNHITWLSGIRMNSATSQEDLFNETKIQNLGEEVSAIGHKFPKVVFEKISVSTRELCLTLNGPWSEENPDDYIFLRISIN
FPLNYPNKGDPPKFTIEENSNLTMSKRQEILSNLATIGQKYTDSNLYCLEPCIRFVLGEKVSLEDIEEGQEPLLNFDIAD
HIDFEELSSLDSSYSDSQNPENLSSQSDIESYKEALVFPDTSNQGLDFGRNLALDTTPVPNGCGSCWTATGELFCFFANE
KKPEKKQNAIIKLSQKEAGVEKHPFKIEPQVLYDKEVDSSVITAADELKARPKRYVDTLGLGGGTNGDSRTYFDDETSSD
DSFDSVADDWDDILRNDIIVRTKIPILRGNFKAFSSVHSESGKTVESTKKNKNLVISKNFSSLLSDRKELALEYLFMDAT
PEGFARNNALVAEKFDLDEISHCWQILSDMLIDQSDYDPYTTIWNNHPMGIKWFIKEAIVYFERQQNLQMLAMLCCVILS
ARRKKIPARYYGQELENMEGTIVFNDNESQNTSFWKGSDAFSTRSRSSTVTPNFYGNHLRGKNIHGGDNSSIRSDDHHAR
LRTHNTLNGSSKFTEPAQKQGSRAISSSPFHSRMPDIKVELLHDDIIEAYEQEDLLHLEVSDIPKFQTYIYQYSKLLFRW
GLPLERVKILKVSTDFRSSYSSQGIPPNNNKKSPYNGVLTHWIENNEFGEEKFLARNCNYCDLRVTRSSFICGNCQHVLH
SSCARIWWEIGDECPSGCGCNCPEMFDA
;
Q
3 'polypeptide(L)'
;MFAKLHGKKQRPISSINSQTPRTSNTTHANSISLSSGNLIVGSNRNLRQKKEQFGSQQRASGRKLISNKENDDNVNNGGD
NNYDNGERVHRHHIPGLKIKAYQAELGYHESRFSENLVMLNLVEFPDIKPGDLVELKTYHKNPSASNGDKKIYFIAKDFD
GETKRRAKTSNVSILSGQLQTLLDLPSRSRIWIKLKPNKFDLQADVVEFNIKDCLLNRGDMWVLSSKLVDTCVFMDQRLA
FLDSIRGTIKGIYRNGKKIVSGYIGEQTRIIFRSESARLIFLIQITDEMWNFEETGEQLFQKMVNSFFPKIFKKWKDVDT
HHTITIAFAISMDLSDTSFKDLTPGESLKNSQDYFRIVVDQVSIIHWVDIMETLREEFMEIRKDLLNKQTDKGYSVANGR
FSPVIKSNFLELVNFATTILTDPFKQLDLRHTTTHVMIISPGSGLFDVDYSLLRLTGKKLLSLEMTMDLICLSKAPLHIV
PLFRYRDFENKLHHCVPLWLSVFFWNDHDKKSNSEWTPRCKIYDLQMMGITENELIREVDVEYLQLNKKVKSLSEFMNDY
DKNAFEVKILCAGSNTKQSKKLNSKFDTVFENDVVVKARKIPATATTTHGNTKFIWRGPKVALPAIKDIQKPNVIPDLSI
KTIEASFYDDCNTTNDKISTPTTSNNDNLEMNDSLVSVRSADNQNTSLALDSLKGLSKRNSLKDFTQRVITKFISNIDTS
KNKKIKSTLLRDDVDNSPLGSNTPLPSSESKISGLKLQQKGLADENVISKRGNLIIKKNLSIFGLPSNEIMSGSPSSYLG
SSHTRTSSKLSNMSDKAAFITEGQKSKHDDSNTYSLTQQLKHRISETWVDIKSPSIPVSSEFANELLPIRWKDVWPKYVA
RKYSKWRSFTTPAELPITISDFPSKDDFDRNFIFRNHSVTLNTDQEQYNQTYKDLLRDMIYMRLLTGFQICVGRQVEKIE
LSRESGESETVVNKYLDFNQNDAFKLYLMIDSEIHRITCSSSGIIDVERYLRKDEANLFDQVPSYIPLVKTRYESSFRDA
MIDPLHVKRESLNWNQIDQVLAGYGDNLIDRKWHGFRAKYVVLPTDIPPNTYSMVINGKSETLNPEEIRVEGLRRLIGSI
TRSRLRTEKEKKGRKTKREEIQPEVMFYTGPLYNFINEQQTSLESSAINFKDSIFVNDNNLLNRNVELSKLAYQIQRGED
RITLVNRKWHWKKHEKCFVGSEMVNWLIRNFSDIDTREDAIKYGQKVMKEGLFVHVLNKHNFLDGHYFYQFSPEYVMDTN
KLEKTNSHRSTLSDPKQMLRKASTGSSNDPSAMTPFSSVVPAISASNASVADAKEPSRPILMLSNSLVIDVDPAGKSSKQ
ESCTVHYDRVHNPDHCFHIRLEWLTTTPKLIDDLVGNWSRLCERYGLKMIEIPWEELCTIPSVNPFHSFVEIKLAINPWE
DPEFKDRELFAKSKFYYHVYLLKASGFLLDNRASKFLQNQDIEFDIMYSWGKPQFKYVQYIHHTGAYVAELRENGCLFLA
PNNIYISRVNPGNIIGKIHSASSSSLDAQKVILNFKSTCLDYQKLRSIFLDAKEMWITGKIVED
;
W
4 'polypeptide(L)'
;MLSYFQGFVPIHTIFYSVFHPTEGSKIKYEFPPNNLKNHGINFNTFKNYIIPKPILCHKLITFKYGTYRIVCYPVTINSP
IYARNFFSFNFVFVFPYDCETSPYEPAITRLGKMFKVLEEQNQLLSKSERDPVFFDLKVLENSTTTPSTAGPSSTPNPSS
NTTPTHPTSEKDTKDMRSSRYSDLIKDLGLPQSAFSIQDLLMRIFQDLNNYSECLIPIDEGNAVDIKIFPLLRPPTTCVS
LEDVPLSSVNLKKIIDVNWDPTMMSIVPYIDGLNSIAKISKLSNSDPGLVIECIRHLIYYKCVTLSDIFQFSNIYAPSSL
IRNFLTDPLMASDCQSYVTFPEVSKISNLPLNKSLGSGDQDSPSFSVRRKSKSSSIPSNPDSRTTSFSSTSRVSQNSSLN
SSFSSIYKDWRQSQTSCSSSNIHVINNRNRFLPTRSCLFDLYRSLSQGQTLKTWYESKYMILKENNIDIRRFITFGLEKR
IIYRCYSFPVMINAGSREPKEMTPIITKDLVNNDKLLEKRNHNHLLSATGSRNTAQSGNLKPERPSKVSFEMQRVSSLAT
GKSTMPKLSDEEEGILEESIRNAETFDKICVLLSKPKLEVESYLNELGEFKVINS
;
S
#
# COMPACT_ATOMS: atom_id res chain seq x y z
N GLU A 3 14.92 6.24 13.96
CA GLU A 3 15.03 5.30 15.06
C GLU A 3 16.29 5.56 15.87
N CYS A 4 16.16 5.58 17.19
CA CYS A 4 17.29 5.81 18.09
C CYS A 4 18.02 4.53 18.46
N LEU A 5 17.44 3.37 18.20
CA LEU A 5 18.13 2.11 18.45
C LEU A 5 19.22 1.91 17.40
N PRO A 6 20.42 1.50 17.79
CA PRO A 6 21.51 1.35 16.81
C PRO A 6 21.32 0.10 15.97
N ASN A 7 21.43 0.27 14.65
CA ASN A 7 21.31 -0.85 13.72
C ASN A 7 22.18 -0.52 12.50
N SER A 8 23.41 -1.02 12.51
CA SER A 8 24.26 -0.98 11.34
C SER A 8 23.80 -2.09 10.39
N CYS A 9 23.33 -1.70 9.22
CA CYS A 9 22.58 -2.62 8.35
C CYS A 9 23.47 -3.35 7.35
N LEU A 10 24.73 -3.61 7.69
CA LEU A 10 25.62 -4.30 6.77
C LEU A 10 25.22 -5.74 6.53
N LEU A 11 25.46 -6.20 5.30
CA LEU A 11 25.41 -7.61 4.97
C LEU A 11 26.75 -8.19 4.55
N GLY A 12 27.71 -7.36 4.14
CA GLY A 12 29.00 -7.84 3.74
C GLY A 12 29.83 -6.76 3.09
N VAL A 13 31.01 -7.17 2.64
CA VAL A 13 31.97 -6.28 2.02
C VAL A 13 32.53 -6.95 0.78
N HIS A 14 33.03 -6.13 -0.15
CA HIS A 14 33.68 -6.60 -1.37
C HIS A 14 35.11 -6.08 -1.42
N LEU A 15 35.86 -6.59 -2.38
CA LEU A 15 37.12 -5.98 -2.83
C LEU A 15 37.15 -6.18 -4.34
N VAL A 16 36.61 -5.21 -5.07
CA VAL A 16 36.48 -5.27 -6.52
C VAL A 16 37.56 -4.40 -7.13
N ILE A 17 38.50 -5.01 -7.85
CA ILE A 17 39.56 -4.27 -8.51
C ILE A 17 39.37 -4.39 -10.02
N SER A 18 40.00 -3.47 -10.73
CA SER A 18 39.93 -3.43 -12.18
C SER A 18 41.33 -3.24 -12.76
N THR A 19 41.55 -3.84 -13.93
CA THR A 19 42.79 -3.66 -14.66
C THR A 19 42.48 -3.31 -16.11
N HIS A 20 43.50 -3.31 -16.96
CA HIS A 20 43.26 -3.12 -18.39
C HIS A 20 42.51 -4.32 -18.98
N SER A 21 42.73 -5.51 -18.44
CA SER A 21 42.04 -6.70 -18.93
C SER A 21 40.58 -6.73 -18.50
N GLY A 22 40.20 -5.97 -17.48
CA GLY A 22 38.83 -5.92 -17.04
C GLY A 22 38.70 -6.05 -15.53
N PRO A 23 37.53 -5.70 -15.01
CA PRO A 23 37.31 -5.77 -13.56
C PRO A 23 37.13 -7.21 -13.08
N GLN A 24 37.51 -7.43 -11.83
CA GLN A 24 37.37 -8.73 -11.19
C GLN A 24 37.08 -8.50 -9.71
N ILE A 25 37.01 -9.59 -8.96
CA ILE A 25 36.84 -9.52 -7.51
C ILE A 25 38.00 -10.26 -6.86
N VAL A 26 38.32 -9.86 -5.63
CA VAL A 26 39.52 -10.30 -4.93
C VAL A 26 39.16 -11.03 -3.64
N TYR A 27 38.43 -10.37 -2.75
CA TYR A 27 38.09 -10.97 -1.46
C TYR A 27 36.76 -10.39 -1.01
N HIS A 28 35.77 -11.25 -0.81
CA HIS A 28 34.48 -10.84 -0.28
C HIS A 28 34.14 -11.70 0.93
N TYR A 29 33.43 -11.09 1.87
CA TYR A 29 33.14 -11.71 3.15
C TYR A 29 31.90 -11.07 3.74
N PRO A 30 30.93 -11.84 4.24
CA PRO A 30 30.86 -13.30 4.30
C PRO A 30 30.38 -13.97 3.01
N PRO A 31 30.76 -15.24 2.79
CA PRO A 31 30.18 -16.03 1.70
C PRO A 31 28.92 -16.77 2.13
N SER A 32 27.95 -16.04 2.66
CA SER A 32 26.67 -16.60 3.08
C SER A 32 25.58 -16.22 2.09
N ASN A 33 24.45 -16.90 2.21
CA ASN A 33 23.34 -16.69 1.30
C ASN A 33 22.48 -15.52 1.74
N THR A 34 21.55 -15.14 0.86
CA THR A 34 20.66 -14.01 1.12
C THR A 34 19.67 -14.32 2.23
N ALA A 35 19.21 -15.56 2.33
CA ALA A 35 18.19 -15.93 3.30
C ALA A 35 18.68 -15.80 4.73
N PHE A 36 19.94 -16.15 4.99
CA PHE A 36 20.47 -16.00 6.35
C PHE A 36 20.75 -14.54 6.68
N LEU A 37 21.27 -13.78 5.72
CA LEU A 37 21.64 -12.39 5.98
C LEU A 37 20.43 -11.47 6.09
N THR A 38 19.34 -11.78 5.39
CA THR A 38 18.14 -10.95 5.43
C THR A 38 17.22 -11.33 6.58
N ASN A 39 16.79 -12.59 6.63
CA ASN A 39 15.91 -13.05 7.69
C ASN A 39 16.67 -13.22 8.99
N GLU A 364 50.84 -28.44 5.93
CA GLU A 364 52.27 -28.36 6.23
C GLU A 364 52.56 -27.18 7.15
N GLU A 365 53.40 -26.26 6.68
CA GLU A 365 53.74 -25.08 7.48
C GLU A 365 52.57 -24.09 7.53
N GLU A 366 51.74 -24.08 6.49
CA GLU A 366 50.57 -23.19 6.48
C GLU A 366 49.56 -23.59 7.54
N ASP A 367 49.39 -24.89 7.77
CA ASP A 367 48.51 -25.36 8.83
C ASP A 367 49.03 -24.97 10.21
N MET A 368 50.34 -25.07 10.41
CA MET A 368 50.93 -24.62 11.67
C MET A 368 50.77 -23.13 11.88
N GLU A 369 50.96 -22.34 10.81
CA GLU A 369 50.80 -20.89 10.91
C GLU A 369 49.36 -20.51 11.21
N VAL A 370 48.39 -21.15 10.54
CA VAL A 370 47.00 -20.80 10.79
C VAL A 370 46.54 -21.30 12.17
N SER A 371 47.10 -22.41 12.65
CA SER A 371 46.79 -22.87 14.00
C SER A 371 47.34 -21.90 15.04
N ALA A 372 48.57 -21.42 14.83
CA ALA A 372 49.15 -20.45 15.77
C ALA A 372 48.39 -19.12 15.72
N MET A 373 47.92 -18.73 14.54
CA MET A 373 47.18 -17.48 14.42
C MET A 373 45.78 -17.58 15.04
N LEU A 374 45.13 -18.74 14.94
CA LEU A 374 43.86 -18.93 15.63
C LEU A 374 44.05 -19.05 17.14
N GLN A 375 45.16 -19.64 17.58
CA GLN A 375 45.42 -19.73 19.02
C GLN A 375 45.75 -18.37 19.61
N ASP A 376 46.51 -17.54 18.88
CA ASP A 376 46.89 -16.24 19.37
C ASP A 376 45.80 -15.18 19.19
N GLY A 377 44.71 -15.51 18.51
CA GLY A 377 43.65 -14.55 18.27
C GLY A 377 43.89 -13.61 17.11
N LYS A 378 44.87 -13.90 16.26
CA LYS A 378 45.14 -13.04 15.11
C LYS A 378 44.09 -13.17 14.02
N ILE A 379 43.32 -14.26 14.00
CA ILE A 379 42.26 -14.48 13.03
C ILE A 379 40.94 -14.45 13.78
N SER A 380 40.07 -13.50 13.42
CA SER A 380 38.77 -13.33 14.07
C SER A 380 37.70 -13.37 12.99
N MET A 381 37.27 -14.58 12.64
CA MET A 381 36.15 -14.79 11.74
C MET A 381 34.93 -15.24 12.53
N ASN A 382 33.78 -15.19 11.89
CA ASN A 382 32.52 -15.61 12.50
C ASN A 382 32.15 -16.98 11.94
N GLU A 383 32.02 -17.96 12.84
CA GLU A 383 31.79 -19.34 12.42
C GLU A 383 30.37 -19.60 11.93
N ILE A 384 29.42 -18.72 12.26
CA ILE A 384 28.06 -18.91 11.78
C ILE A 384 27.93 -18.57 10.31
N PHE A 385 28.87 -17.80 9.75
CA PHE A 385 28.84 -17.49 8.32
C PHE A 385 29.23 -18.67 7.46
N PHE A 386 29.83 -19.71 8.05
CA PHE A 386 30.32 -20.86 7.30
C PHE A 386 29.61 -22.15 7.69
N GLU A 387 28.45 -22.05 8.32
CA GLU A 387 27.67 -23.24 8.63
C GLU A 387 27.02 -23.79 7.37
N GLU A 388 26.52 -25.02 7.47
CA GLU A 388 25.96 -25.70 6.30
C GLU A 388 24.66 -25.05 5.82
N GLU A 389 23.84 -24.56 6.74
CA GLU A 389 22.61 -23.89 6.36
C GLU A 389 22.79 -22.40 6.12
N ASN A 390 23.96 -21.85 6.39
CA ASN A 390 24.24 -20.43 6.23
C ASN A 390 25.40 -20.20 5.28
N PHE A 391 25.49 -20.98 4.20
CA PHE A 391 26.59 -20.87 3.27
C PHE A 391 26.06 -20.74 1.84
N GLN A 392 26.74 -19.90 1.07
CA GLN A 392 26.56 -19.80 -0.37
C GLN A 392 27.93 -19.94 -1.01
N ASP A 393 27.94 -20.30 -2.29
CA ASP A 393 29.18 -20.56 -3.00
C ASP A 393 30.01 -19.28 -3.12
N ILE A 394 31.33 -19.47 -3.24
CA ILE A 394 32.25 -18.35 -3.33
C ILE A 394 32.05 -17.58 -4.62
N ASN A 395 31.57 -18.23 -5.67
CA ASN A 395 31.37 -17.58 -6.95
C ASN A 395 30.05 -16.83 -7.04
N LYS A 396 29.20 -16.90 -6.02
CA LYS A 396 27.91 -16.22 -6.02
C LYS A 396 27.84 -15.26 -4.83
N ILE A 397 27.40 -14.03 -5.09
CA ILE A 397 27.21 -13.01 -4.06
C ILE A 397 25.80 -12.46 -4.20
N LEU A 398 24.90 -12.87 -3.30
CA LEU A 398 23.53 -12.35 -3.20
C LEU A 398 22.77 -12.51 -4.51
N GLU A 399 22.72 -13.76 -4.99
CA GLU A 399 22.11 -14.15 -6.26
C GLU A 399 22.74 -13.46 -7.46
N PHE A 400 24.00 -13.03 -7.34
CA PHE A 400 24.75 -12.46 -8.44
C PHE A 400 26.10 -13.16 -8.54
N ASP A 401 26.62 -13.25 -9.76
CA ASP A 401 27.95 -13.80 -9.97
C ASP A 401 29.02 -12.81 -9.54
N ASN A 402 30.25 -13.32 -9.38
CA ASN A 402 31.37 -12.44 -9.08
C ASN A 402 31.67 -11.50 -10.23
N ASP A 403 31.64 -12.00 -11.46
CA ASP A 403 31.88 -11.16 -12.63
C ASP A 403 30.77 -10.13 -12.81
N PHE A 404 29.53 -10.50 -12.49
CA PHE A 404 28.41 -9.56 -12.58
C PHE A 404 28.58 -8.41 -11.59
N VAL A 405 28.88 -8.74 -10.32
CA VAL A 405 29.09 -7.71 -9.29
C VAL A 405 30.28 -6.85 -9.64
N ALA A 406 31.38 -7.47 -10.08
CA ALA A 406 32.54 -6.70 -10.52
C ALA A 406 32.26 -5.88 -11.76
N GLU A 407 31.22 -6.22 -12.54
CA GLU A 407 30.82 -5.41 -13.66
C GLU A 407 30.05 -4.17 -13.20
N PHE A 408 29.03 -4.34 -12.36
CA PHE A 408 28.22 -3.17 -12.02
C PHE A 408 28.71 -2.43 -10.78
N CYS A 409 29.76 -2.89 -10.11
CA CYS A 409 30.37 -2.13 -9.02
C CYS A 409 31.71 -1.52 -9.42
N SER A 410 32.05 -1.56 -10.71
CA SER A 410 33.24 -0.91 -11.25
C SER A 410 32.77 0.09 -12.29
N PRO A 411 32.39 1.28 -11.88
CA PRO A 411 31.78 2.25 -12.80
C PRO A 411 32.83 2.97 -13.63
N GLU A 412 32.36 3.90 -14.47
CA GLU A 412 33.23 4.67 -15.34
C GLU A 412 33.98 5.73 -14.54
N ARG A 413 34.87 6.45 -15.23
CA ARG A 413 35.72 7.44 -14.57
C ARG A 413 34.92 8.63 -14.05
N GLU A 414 33.78 8.93 -14.67
CA GLU A 414 32.94 10.03 -14.19
C GLU A 414 32.20 9.63 -12.92
N MET A 415 31.91 8.34 -12.74
CA MET A 415 31.23 7.84 -11.56
C MET A 415 32.20 7.29 -10.51
N CYS A 416 33.50 7.42 -10.73
CA CYS A 416 34.51 7.02 -9.75
C CYS A 416 35.05 8.24 -9.02
N ASN A 417 35.80 7.96 -7.94
CA ASN A 417 36.30 8.97 -7.00
C ASN A 417 35.17 9.82 -6.44
N THR A 418 34.01 9.19 -6.21
CA THR A 418 32.82 9.86 -5.71
C THR A 418 31.92 8.81 -5.10
N ARG A 419 30.77 9.25 -4.61
CA ARG A 419 29.84 8.37 -3.91
C ARG A 419 29.18 7.42 -4.90
N PHE A 420 29.42 6.12 -4.71
CA PHE A 420 28.75 5.09 -5.49
C PHE A 420 27.58 4.56 -4.68
N GLU A 421 26.40 5.10 -4.93
CA GLU A 421 25.16 4.57 -4.39
C GLU A 421 24.43 3.84 -5.50
N PHE A 422 24.00 2.61 -5.22
CA PHE A 422 23.38 1.77 -6.23
C PHE A 422 22.50 0.75 -5.52
N THR A 423 21.19 0.82 -5.77
CA THR A 423 20.24 -0.06 -5.11
C THR A 423 19.70 -1.08 -6.10
N VAL A 424 19.72 -2.34 -5.71
CA VAL A 424 19.05 -3.43 -6.42
C VAL A 424 17.96 -3.91 -5.49
N ASP A 425 16.74 -3.43 -5.73
CA ASP A 425 15.58 -3.63 -4.86
C ASP A 425 15.86 -3.20 -3.43
N ASN A 426 16.16 -4.15 -2.55
CA ASN A 426 16.37 -3.87 -1.14
C ASN A 426 17.83 -3.90 -0.71
N PHE A 427 18.76 -4.15 -1.64
CA PHE A 427 20.18 -4.11 -1.34
C PHE A 427 20.77 -2.84 -1.91
N CYS A 428 21.42 -2.05 -1.07
CA CYS A 428 22.13 -0.85 -1.50
C CYS A 428 23.62 -1.14 -1.54
N PHE A 429 24.24 -0.89 -2.70
CA PHE A 429 25.67 -1.12 -2.89
C PHE A 429 26.36 0.23 -2.69
N LEU A 430 26.81 0.48 -1.47
CA LEU A 430 27.38 1.77 -1.09
C LEU A 430 28.90 1.65 -1.00
N GLY A 431 29.59 2.59 -1.64
CA GLY A 431 31.04 2.60 -1.58
C GLY A 431 31.59 3.86 -2.20
N LEU A 432 32.90 4.05 -2.00
CA LEU A 432 33.66 5.15 -2.59
C LEU A 432 34.77 4.49 -3.42
N PRO A 433 34.55 4.25 -4.69
CA PRO A 433 35.59 3.64 -5.52
C PRO A 433 36.69 4.62 -5.81
N ILE A 434 37.92 4.15 -5.74
CA ILE A 434 39.10 4.97 -5.98
C ILE A 434 39.67 4.59 -7.34
N HIS A 435 39.72 5.56 -8.24
CA HIS A 435 40.26 5.37 -9.58
C HIS A 435 41.50 6.23 -9.76
N VAL A 436 42.48 5.69 -10.48
CA VAL A 436 43.67 6.46 -10.79
C VAL A 436 43.33 7.55 -11.81
N ASP A 437 44.10 8.62 -11.80
CA ASP A 437 43.83 9.74 -12.70
C ASP A 437 44.36 9.41 -14.10
N SER A 438 44.27 10.39 -15.01
CA SER A 438 44.75 10.17 -16.37
C SER A 438 46.27 10.09 -16.42
N GLN A 439 46.96 10.84 -15.55
CA GLN A 439 48.43 10.82 -15.57
C GLN A 439 48.99 9.53 -15.01
N GLY A 440 48.26 8.87 -14.13
CA GLY A 440 48.70 7.63 -13.53
C GLY A 440 49.12 7.71 -12.07
N ARG A 441 48.63 8.70 -11.32
CA ARG A 441 48.93 8.81 -9.90
C ARG A 441 47.66 8.59 -9.09
N TRP A 442 47.79 7.84 -7.99
CA TRP A 442 46.64 7.51 -7.17
C TRP A 442 46.17 8.69 -6.34
N ARG A 443 47.06 9.62 -6.00
CA ARG A 443 46.77 10.69 -5.08
C ARG A 443 47.34 12.00 -5.64
N LYS A 444 46.72 13.10 -5.25
CA LYS A 444 47.22 14.44 -5.59
C LYS A 444 47.98 14.97 -4.38
N SER A 445 49.30 15.07 -4.50
CA SER A 445 50.13 15.55 -3.41
C SER A 445 50.57 17.00 -3.64
N ASP A 525 53.10 -6.85 -11.63
CA ASP A 525 51.93 -7.18 -12.43
C ASP A 525 50.76 -6.27 -12.08
N LEU A 526 50.21 -6.45 -10.87
CA LEU A 526 49.09 -5.63 -10.42
C LEU A 526 49.51 -4.25 -9.97
N GLY A 527 50.81 -4.00 -9.80
CA GLY A 527 51.26 -2.67 -9.42
C GLY A 527 51.10 -1.62 -10.50
N LYS A 528 51.09 -2.05 -11.77
CA LYS A 528 50.90 -1.14 -12.89
C LYS A 528 49.64 -1.38 -13.69
N ASN A 529 49.09 -2.61 -13.66
CA ASN A 529 47.86 -2.89 -14.39
C ASN A 529 46.63 -2.35 -13.68
N MET A 530 46.64 -2.30 -12.34
CA MET A 530 45.46 -1.91 -11.59
C MET A 530 45.23 -0.41 -11.69
N ASN A 531 43.99 -0.03 -12.03
CA ASN A 531 43.60 1.37 -12.13
C ASN A 531 42.42 1.72 -11.25
N MET A 532 41.86 0.77 -10.50
CA MET A 532 40.67 1.01 -9.70
C MET A 532 40.56 -0.08 -8.64
N PHE A 533 40.17 0.32 -7.42
CA PHE A 533 39.74 -0.62 -6.41
C PHE A 533 38.50 -0.07 -5.72
N HIS A 534 37.63 -0.97 -5.28
CA HIS A 534 36.34 -0.59 -4.72
C HIS A 534 36.04 -1.49 -3.53
N VAL A 535 36.01 -0.91 -2.34
CA VAL A 535 35.62 -1.63 -1.13
C VAL A 535 34.12 -1.39 -0.97
N CYS A 536 33.32 -2.25 -1.60
CA CYS A 536 31.88 -2.06 -1.69
C CYS A 536 31.20 -2.68 -0.48
N PHE A 537 30.28 -1.93 0.13
CA PHE A 537 29.52 -2.37 1.28
C PHE A 537 28.07 -2.55 0.86
N VAL A 538 27.50 -3.71 1.18
CA VAL A 538 26.10 -4.00 0.88
C VAL A 538 25.29 -3.80 2.14
N MET A 539 24.24 -2.99 2.05
CA MET A 539 23.34 -2.74 3.15
C MET A 539 21.92 -3.09 2.75
N ASN A 540 21.09 -3.44 3.74
CA ASN A 540 19.66 -3.61 3.54
C ASN A 540 18.88 -2.83 4.59
N PRO A 541 18.89 -1.50 4.51
CA PRO A 541 18.03 -0.73 5.42
C PRO A 541 16.59 -0.71 4.93
N HIS A 542 15.69 -0.48 5.87
CA HIS A 542 14.29 -0.29 5.50
C HIS A 542 14.12 1.04 4.76
N LEU A 543 13.03 1.15 4.02
CA LEU A 543 12.80 2.31 3.17
C LEU A 543 12.55 3.58 3.99
N ILE A 544 12.09 3.42 5.24
CA ILE A 544 11.84 4.58 6.08
C ILE A 544 13.10 5.08 6.77
N GLU A 545 14.14 4.25 6.87
CA GLU A 545 15.39 4.64 7.51
C GLU A 545 16.57 4.55 6.56
N TYR A 546 16.31 4.47 5.25
CA TYR A 546 17.34 4.24 4.25
C TYR A 546 18.36 5.38 4.22
N ASN A 547 17.87 6.63 4.16
CA ASN A 547 18.75 7.78 4.07
C ASN A 547 19.63 7.91 5.31
N LYS A 548 19.05 7.68 6.49
CA LYS A 548 19.79 7.77 7.74
C LYS A 548 20.89 6.71 7.81
N ARG A 549 20.55 5.45 7.53
CA ARG A 549 21.52 4.36 7.64
C ARG A 549 22.64 4.52 6.62
N ILE A 550 22.30 4.83 5.36
CA ILE A 550 23.31 4.98 4.33
C ILE A 550 24.20 6.18 4.60
N ASP A 551 23.60 7.29 5.07
CA ASP A 551 24.38 8.49 5.37
C ASP A 551 25.36 8.26 6.52
N ASP A 552 24.92 7.59 7.60
CA ASP A 552 25.84 7.38 8.71
C ASP A 552 26.94 6.40 8.34
N MET A 553 26.61 5.33 7.60
CA MET A 553 27.64 4.39 7.18
C MET A 553 28.66 5.04 6.26
N TYR A 554 28.20 5.83 5.26
CA TYR A 554 29.13 6.46 4.34
C TYR A 554 29.97 7.52 5.02
N GLN A 555 29.39 8.25 5.98
CA GLN A 555 30.15 9.30 6.64
C GLN A 555 31.14 8.76 7.66
N PHE A 556 30.86 7.59 8.25
CA PHE A 556 31.67 7.14 9.38
C PHE A 556 32.56 5.93 9.10
N VAL A 557 32.34 5.20 8.02
CA VAL A 557 33.18 4.03 7.77
C VAL A 557 33.80 4.09 6.37
N VAL A 558 32.94 4.22 5.36
CA VAL A 558 33.36 3.99 3.98
C VAL A 558 34.35 5.05 3.52
N THR A 559 34.04 6.33 3.78
CA THR A 559 34.89 7.42 3.34
C THR A 559 36.27 7.36 3.99
N ARG A 560 36.31 7.15 5.31
CA ARG A 560 37.57 7.12 6.04
C ARG A 560 38.43 5.94 5.62
N LEU A 561 37.82 4.74 5.52
CA LEU A 561 38.57 3.56 5.13
C LEU A 561 39.09 3.67 3.71
N SER A 562 38.27 4.17 2.78
CA SER A 562 38.70 4.31 1.40
C SER A 562 39.78 5.38 1.25
N LEU A 563 39.70 6.47 2.01
CA LEU A 563 40.75 7.49 1.92
C LEU A 563 42.07 6.99 2.50
N LEU A 564 42.02 6.25 3.61
CA LEU A 564 43.25 5.68 4.16
C LEU A 564 43.84 4.64 3.22
N LEU A 565 42.99 3.84 2.57
CA LEU A 565 43.47 2.88 1.59
C LEU A 565 44.08 3.57 0.38
N ARG A 566 43.50 4.70 -0.03
CA ARG A 566 44.08 5.49 -1.11
C ARG A 566 45.46 6.02 -0.74
N TYR A 567 45.61 6.50 0.50
CA TYR A 567 46.90 7.03 0.94
C TYR A 567 47.95 5.93 1.00
N VAL A 568 47.60 4.77 1.56
CA VAL A 568 48.60 3.71 1.70
C VAL A 568 48.92 3.08 0.35
N GLN A 569 47.97 3.10 -0.60
CA GLN A 569 48.27 2.64 -1.95
C GLN A 569 49.16 3.63 -2.69
N SER A 570 48.96 4.94 -2.46
CA SER A 570 49.79 5.94 -3.11
C SER A 570 51.22 5.91 -2.57
N LYS A 571 51.38 5.71 -1.26
CA LYS A 571 52.71 5.77 -0.66
C LYS A 571 53.44 4.44 -0.62
N THR A 572 52.74 3.31 -0.67
CA THR A 572 53.34 2.02 -0.44
C THR A 572 52.96 0.96 -1.48
N SER A 573 51.85 1.13 -2.19
CA SER A 573 51.24 0.13 -3.07
C SER A 573 50.92 -1.15 -2.28
N TYR A 574 49.99 -0.97 -1.33
CA TYR A 574 49.63 -1.97 -0.33
C TYR A 574 48.48 -2.86 -0.80
N ILE A 575 47.44 -2.28 -1.39
CA ILE A 575 46.30 -3.06 -1.86
C ILE A 575 46.71 -3.96 -3.03
N SER A 576 47.66 -3.52 -3.85
CA SER A 576 48.17 -4.35 -4.94
C SER A 576 48.83 -5.62 -4.40
N SER A 577 49.68 -5.48 -3.38
CA SER A 577 50.34 -6.63 -2.78
C SER A 577 49.34 -7.52 -2.04
N GLU A 578 48.35 -6.91 -1.39
CA GLU A 578 47.33 -7.69 -0.70
C GLU A 578 46.48 -8.49 -1.68
N CYS A 579 46.12 -7.90 -2.82
CA CYS A 579 45.39 -8.62 -3.85
C CYS A 579 46.23 -9.74 -4.44
N HIS A 580 47.53 -9.49 -4.63
CA HIS A 580 48.42 -10.52 -5.15
C HIS A 580 48.52 -11.71 -4.20
N ILE A 581 48.68 -11.45 -2.90
CA ILE A 581 48.81 -12.56 -1.97
C ILE A 581 47.46 -13.26 -1.75
N ILE A 582 46.35 -12.54 -1.86
CA ILE A 582 45.04 -13.18 -1.77
C ILE A 582 44.81 -14.12 -2.94
N LEU A 583 45.12 -13.66 -4.17
CA LEU A 583 44.95 -14.52 -5.34
C LEU A 583 45.92 -15.71 -5.32
N LYS A 584 47.16 -15.48 -4.86
CA LYS A 584 48.12 -16.57 -4.75
C LYS A 584 47.67 -17.61 -3.73
N GLU A 585 47.12 -17.17 -2.60
CA GLU A 585 46.62 -18.11 -1.60
C GLU A 585 45.38 -18.83 -2.07
N LYS A 586 44.52 -18.17 -2.85
CA LYS A 586 43.36 -18.84 -3.43
C LYS A 586 43.79 -19.93 -4.39
N GLU A 587 44.79 -19.66 -5.24
CA GLU A 587 45.31 -20.68 -6.14
C GLU A 587 46.01 -21.81 -5.38
N ARG A 588 46.76 -21.47 -4.32
CA ARG A 588 47.50 -22.47 -3.57
C ARG A 588 46.62 -23.30 -2.65
N VAL A 589 45.42 -22.84 -2.33
CA VAL A 589 44.48 -23.67 -1.58
C VAL A 589 43.59 -24.48 -2.52
N LEU A 590 43.10 -23.86 -3.60
CA LEU A 590 42.18 -24.56 -4.48
C LEU A 590 42.87 -25.60 -5.35
N LYS A 591 44.13 -25.38 -5.72
CA LYS A 591 44.81 -26.23 -6.70
C LYS A 591 46.08 -26.89 -6.18
N HIS A 592 46.46 -26.68 -4.93
CA HIS A 592 47.70 -27.30 -4.46
C HIS A 592 47.53 -28.07 -3.16
N SER A 593 46.70 -27.60 -2.24
CA SER A 593 46.62 -28.19 -0.91
C SER A 593 45.77 -29.44 -0.91
N LYS A 594 46.33 -30.54 -0.39
CA LYS A 594 45.55 -31.75 -0.21
C LYS A 594 44.68 -31.70 1.03
N THR A 595 44.93 -30.75 1.93
CA THR A 595 44.05 -30.54 3.08
C THR A 595 42.68 -30.05 2.64
N TYR A 596 42.64 -29.23 1.59
CA TYR A 596 41.38 -28.73 1.05
C TYR A 596 40.51 -29.88 0.53
N GLN A 597 41.13 -30.85 -0.15
CA GLN A 597 40.38 -31.99 -0.67
C GLN A 597 40.00 -32.99 0.41
N SER A 598 40.69 -32.98 1.55
CA SER A 598 40.40 -33.91 2.62
C SER A 598 39.36 -33.38 3.61
N ILE A 599 38.82 -32.19 3.37
CA ILE A 599 37.85 -31.55 4.25
C ILE A 599 36.48 -31.69 3.60
N ARG A 600 35.54 -32.27 4.35
CA ARG A 600 34.20 -32.54 3.82
C ARG A 600 33.31 -31.33 3.96
N GLY A 601 32.37 -31.19 3.02
CA GLY A 601 31.45 -30.06 3.03
C GLY A 601 32.04 -28.84 2.36
N ALA A 602 31.25 -28.19 1.49
CA ALA A 602 31.70 -26.97 0.83
C ALA A 602 31.85 -25.82 1.82
N GLY A 603 31.01 -25.79 2.86
CA GLY A 603 31.12 -24.76 3.87
C GLY A 603 32.41 -24.86 4.67
N ASN A 604 32.78 -26.08 5.04
CA ASN A 604 34.03 -26.27 5.78
C ASN A 604 35.25 -26.06 4.89
N LYS A 605 35.13 -26.42 3.60
CA LYS A 605 36.18 -26.10 2.63
C LYS A 605 36.39 -24.60 2.52
N GLY A 606 35.29 -23.85 2.39
CA GLY A 606 35.38 -22.41 2.36
C GLY A 606 35.89 -21.81 3.65
N LYS A 607 35.55 -22.43 4.79
CA LYS A 607 36.05 -21.98 6.08
C LYS A 607 37.57 -22.14 6.17
N TYR A 608 38.09 -23.28 5.72
CA TYR A 608 39.54 -23.48 5.72
C TYR A 608 40.23 -22.56 4.72
N LEU A 609 39.62 -22.35 3.54
CA LEU A 609 40.17 -21.45 2.54
C LEU A 609 40.22 -20.01 3.06
N TYR A 610 39.16 -19.57 3.73
CA TYR A 610 39.15 -18.26 4.33
C TYR A 610 40.12 -18.17 5.50
N GLN A 611 40.31 -19.26 6.24
CA GLN A 611 41.30 -19.24 7.32
C GLN A 611 42.70 -19.03 6.77
N ARG A 612 43.03 -19.70 5.65
CA ARG A 612 44.33 -19.48 5.02
C ARG A 612 44.46 -18.07 4.46
N ILE A 613 43.39 -17.55 3.85
CA ILE A 613 43.44 -16.19 3.29
C ILE A 613 43.64 -15.15 4.39
N LEU A 614 42.84 -15.25 5.45
CA LEU A 614 42.99 -14.36 6.61
C LEU A 614 44.34 -14.53 7.28
N ALA A 615 44.91 -15.73 7.26
CA ALA A 615 46.24 -15.93 7.83
C ALA A 615 47.32 -15.24 7.00
N LYS A 616 47.21 -15.28 5.68
CA LYS A 616 48.25 -14.73 4.82
C LYS A 616 48.03 -13.26 4.47
N SER A 617 46.81 -12.76 4.51
CA SER A 617 46.49 -11.42 4.06
C SER A 617 46.17 -10.51 5.23
N SER A 618 46.61 -9.25 5.11
CA SER A 618 46.32 -8.23 6.12
C SER A 618 45.11 -7.38 5.79
N LEU A 619 44.84 -7.14 4.50
CA LEU A 619 43.63 -6.43 4.12
C LEU A 619 42.38 -7.26 4.39
N ALA A 620 42.49 -8.58 4.25
CA ALA A 620 41.37 -9.46 4.58
C ALA A 620 41.04 -9.40 6.06
N ARG A 621 42.06 -9.31 6.92
CA ARG A 621 41.84 -9.17 8.34
C ARG A 621 41.17 -7.83 8.66
N ALA A 622 41.59 -6.76 7.99
CA ALA A 622 40.99 -5.45 8.19
C ALA A 622 39.51 -5.45 7.80
N LEU A 623 39.20 -6.02 6.63
CA LEU A 623 37.81 -6.04 6.17
C LEU A 623 36.94 -6.95 7.03
N THR A 624 37.49 -8.11 7.44
CA THR A 624 36.74 -9.04 8.26
C THR A 624 36.44 -8.44 9.63
N GLU A 625 37.43 -7.80 10.25
CA GLU A 625 37.22 -7.16 11.53
C GLU A 625 36.28 -5.96 11.41
N CYS A 626 36.36 -5.23 10.30
CA CYS A 626 35.46 -4.09 10.08
C CYS A 626 34.01 -4.54 10.00
N VAL A 627 33.73 -5.57 9.20
CA VAL A 627 32.37 -6.06 9.07
C VAL A 627 31.86 -6.66 10.38
N ASP A 628 32.71 -7.45 11.05
CA ASP A 628 32.29 -8.13 12.28
C ASP A 628 32.05 -7.13 13.41
N LYS A 629 32.85 -6.07 13.50
CA LYS A 629 32.70 -5.11 14.58
C LYS A 629 31.80 -3.93 14.24
N ILE A 630 31.37 -3.80 12.99
CA ILE A 630 30.31 -2.84 12.69
C ILE A 630 28.94 -3.50 12.78
N GLN A 631 28.81 -4.75 12.33
CA GLN A 631 27.57 -5.49 12.52
C GLN A 631 27.27 -5.77 13.98
N ARG A 632 28.28 -5.81 14.84
CA ARG A 632 28.10 -6.00 16.27
C ARG A 632 27.98 -4.68 17.02
N ASN A 633 27.94 -3.55 16.31
CA ASN A 633 27.78 -2.21 16.86
C ASN A 633 28.91 -1.88 17.85
N GLU A 634 30.14 -2.00 17.38
CA GLU A 634 31.32 -1.76 18.20
C GLU A 634 32.30 -0.90 17.42
N ILE A 635 33.42 -0.59 18.06
CA ILE A 635 34.51 0.16 17.43
C ILE A 635 35.43 -0.84 16.74
N ALA A 636 35.62 -0.68 15.44
CA ALA A 636 36.42 -1.59 14.64
C ALA A 636 37.83 -1.05 14.51
N CYS A 637 38.77 -1.64 15.24
CA CYS A 637 40.18 -1.29 15.12
C CYS A 637 40.83 -2.24 14.12
N LEU A 638 41.35 -1.68 13.03
CA LEU A 638 41.87 -2.45 11.91
C LEU A 638 43.35 -2.17 11.73
N GLU A 639 44.12 -3.23 11.45
CA GLU A 639 45.55 -3.11 11.24
C GLU A 639 45.82 -3.04 9.74
N ILE A 640 46.47 -1.97 9.29
CA ILE A 640 46.77 -1.77 7.89
C ILE A 640 48.26 -1.49 7.75
N ASN A 641 48.94 -2.31 6.95
CA ASN A 641 50.34 -2.20 6.53
C ASN A 641 51.29 -2.36 7.72
N ASP A 642 50.79 -2.82 8.87
CA ASP A 642 51.53 -2.98 10.13
C ASP A 642 52.21 -1.69 10.59
N ASP A 643 51.70 -0.54 10.13
CA ASP A 643 52.25 0.76 10.48
C ASP A 643 51.21 1.79 10.85
N LYS A 644 49.95 1.59 10.47
CA LYS A 644 48.87 2.51 10.78
C LYS A 644 47.64 1.70 11.17
N VAL A 645 46.87 2.24 12.11
CA VAL A 645 45.62 1.62 12.51
C VAL A 645 44.50 2.62 12.26
N ILE A 646 43.31 2.09 12.01
CA ILE A 646 42.12 2.92 11.81
C ILE A 646 41.04 2.40 12.76
N SER A 647 40.35 3.33 13.42
CA SER A 647 39.25 3.01 14.31
C SER A 647 37.96 3.52 13.68
N LEU A 648 37.01 2.63 13.49
CA LEU A 648 35.76 2.95 12.81
C LEU A 648 34.59 2.59 13.72
N GLN A 649 33.60 3.48 13.78
CA GLN A 649 32.40 3.22 14.54
C GLN A 649 31.25 4.01 13.96
N ILE A 650 30.04 3.58 14.30
CA ILE A 650 28.82 4.35 14.08
C ILE A 650 28.33 4.81 15.45
N PRO A 651 28.13 6.11 15.68
CA PRO A 651 27.81 6.59 17.03
C PRO A 651 26.46 6.10 17.52
N ILE A 652 26.38 5.92 18.83
CA ILE A 652 25.21 5.36 19.49
C ILE A 652 24.43 6.50 20.15
N GLN A 653 23.14 6.57 19.88
CA GLN A 653 22.27 7.53 20.54
C GLN A 653 21.83 6.94 21.87
N ASN A 654 22.55 7.32 22.95
CA ASN A 654 22.21 6.86 24.30
C ASN A 654 22.14 8.04 25.27
N GLU A 655 22.06 9.27 24.77
CA GLU A 655 21.90 10.45 25.59
C GLU A 655 20.62 11.16 25.21
N PHE A 656 19.86 11.61 26.22
CA PHE A 656 18.58 12.27 25.96
C PHE A 656 18.36 13.34 27.01
N GLU A 657 18.08 14.56 26.54
CA GLU A 657 17.69 15.64 27.44
C GLU A 657 16.21 15.54 27.80
N LYS A 658 15.35 15.63 26.79
CA LYS A 658 13.93 15.39 26.99
C LYS A 658 13.65 13.90 27.02
N MET A 659 12.64 13.52 27.78
CA MET A 659 12.34 12.10 27.98
C MET A 659 11.68 11.53 26.74
N PRO A 660 12.28 10.52 26.10
CA PRO A 660 11.63 9.91 24.94
C PRO A 660 10.41 9.09 25.34
N ASN A 661 9.49 8.95 24.39
CA ASN A 661 8.30 8.14 24.62
C ASN A 661 8.70 6.67 24.66
N PHE A 662 8.44 6.03 25.81
CA PHE A 662 8.86 4.65 26.02
C PHE A 662 8.12 3.69 25.10
N LYS A 663 6.80 3.81 25.06
CA LYS A 663 5.93 2.85 24.39
C LYS A 663 5.55 3.28 22.99
N LEU A 664 6.27 4.23 22.41
CA LEU A 664 6.06 4.59 21.01
C LEU A 664 7.34 4.60 20.20
N GLN A 665 8.45 5.05 20.77
CA GLN A 665 9.77 5.01 20.13
C GLN A 665 10.76 4.32 21.05
N PRO A 666 11.14 3.08 20.76
CA PRO A 666 12.03 2.34 21.66
C PRO A 666 13.42 2.95 21.73
N VAL A 667 13.98 2.94 22.94
CA VAL A 667 15.27 3.53 23.27
C VAL A 667 16.03 2.51 24.09
N LEU A 668 17.35 2.44 23.89
CA LEU A 668 18.23 1.53 24.61
C LEU A 668 18.05 1.65 26.12
N ARG A 669 17.83 0.52 26.78
CA ARG A 669 17.63 0.49 28.22
C ARG A 669 18.95 0.81 28.92
N GLY A 670 18.92 1.78 29.81
CA GLY A 670 20.14 2.29 30.40
C GLY A 670 20.65 3.56 29.75
N SER A 671 19.87 4.19 28.90
CA SER A 671 20.27 5.44 28.28
C SER A 671 20.32 6.57 29.31
N TYR A 672 21.20 7.53 29.06
CA TYR A 672 21.49 8.58 30.03
C TYR A 672 20.49 9.71 29.86
N LEU A 673 19.54 9.80 30.80
CA LEU A 673 18.51 10.85 30.78
C LEU A 673 19.03 12.03 31.59
N THR A 674 19.90 12.80 30.96
CA THR A 674 20.56 13.93 31.61
C THR A 674 20.47 15.16 30.73
N SER A 675 20.63 16.32 31.36
CA SER A 675 20.77 17.58 30.63
C SER A 675 22.22 17.91 30.33
N ILE A 676 23.16 17.08 30.78
CA ILE A 676 24.57 17.22 30.44
C ILE A 676 24.91 16.09 29.48
N LEU A 677 25.30 16.43 28.25
CA LEU A 677 25.42 15.45 27.19
C LEU A 677 26.81 15.55 26.55
N ASN A 678 27.28 14.41 26.02
CA ASN A 678 28.50 14.40 25.23
C ASN A 678 28.32 15.18 23.93
N MET A 679 27.17 15.00 23.27
CA MET A 679 26.96 15.59 21.94
C MET A 679 26.85 17.10 21.97
N LYS A 680 26.50 17.69 23.11
CA LYS A 680 26.55 19.13 23.24
C LYS A 680 27.97 19.66 23.25
N PHE A 681 28.95 18.81 23.57
CA PHE A 681 30.36 19.21 23.59
C PHE A 681 31.15 18.70 22.40
N LEU A 682 30.77 17.54 21.84
CA LEU A 682 31.43 17.06 20.64
C LEU A 682 31.12 17.96 19.44
N GLU A 683 29.88 18.45 19.36
CA GLU A 683 29.51 19.34 18.26
C GLU A 683 30.13 20.72 18.38
N LYS A 684 30.54 21.12 19.59
CA LYS A 684 31.26 22.37 19.75
C LYS A 684 32.69 22.27 19.22
N SER A 685 33.24 21.07 19.11
CA SER A 685 34.58 20.88 18.57
C SER A 685 34.53 20.66 17.07
N ASP A 743 33.38 25.87 29.55
CA ASP A 743 34.58 25.05 29.50
C ASP A 743 34.26 23.60 29.85
N LEU A 744 34.87 22.68 29.12
CA LEU A 744 34.67 21.26 29.38
C LEU A 744 35.44 20.78 30.60
N LEU A 745 36.50 21.47 30.99
CA LEU A 745 37.30 21.06 32.13
C LEU A 745 36.61 21.29 33.47
N ASN A 746 35.49 22.02 33.48
CA ASN A 746 34.70 22.16 34.70
C ASN A 746 33.94 20.89 35.05
N TYR A 747 33.90 19.91 34.16
CA TYR A 747 33.20 18.66 34.36
C TYR A 747 34.20 17.56 34.68
N ALA A 748 33.67 16.38 34.98
CA ALA A 748 34.48 15.24 35.37
C ALA A 748 34.10 14.03 34.53
N LEU A 749 35.09 13.17 34.28
CA LEU A 749 34.87 12.02 33.43
C LEU A 749 34.35 10.84 34.24
N LEU A 750 33.80 9.86 33.53
CA LEU A 750 33.21 8.69 34.16
C LEU A 750 33.44 7.51 33.22
N LEU A 751 34.36 6.63 33.60
CA LEU A 751 34.76 5.52 32.73
C LEU A 751 33.59 4.57 32.51
N LEU A 752 33.43 4.12 31.27
CA LEU A 752 32.32 3.23 30.94
C LEU A 752 32.65 1.77 31.21
N ASP A 753 33.88 1.45 31.60
CA ASP A 753 34.29 0.09 31.93
C ASP A 753 35.37 0.15 32.99
N GLU A 754 35.99 -0.99 33.27
CA GLU A 754 37.11 -1.02 34.18
C GLU A 754 38.32 -0.32 33.56
N PRO A 755 39.18 0.31 34.38
CA PRO A 755 40.34 1.01 33.81
C PRO A 755 41.31 0.10 33.07
N ASN A 756 41.51 -1.13 33.52
CA ASN A 756 42.40 -2.05 32.81
C ASN A 756 41.80 -2.48 31.48
N ASN A 757 40.48 -2.63 31.40
CA ASN A 757 39.83 -2.91 30.12
C ASN A 757 39.99 -1.74 29.16
N ILE A 758 39.91 -0.51 29.68
CA ILE A 758 40.08 0.67 28.83
C ILE A 758 41.52 0.77 28.34
N ILE A 759 42.49 0.41 29.19
CA ILE A 759 43.89 0.38 28.78
C ILE A 759 44.10 -0.68 27.69
N SER A 760 43.51 -1.86 27.86
CA SER A 760 43.61 -2.91 26.86
C SER A 760 42.98 -2.52 25.54
N SER A 761 41.86 -1.79 25.57
CA SER A 761 41.23 -1.33 24.34
C SER A 761 42.03 -0.21 23.69
N LEU A 762 42.65 0.66 24.50
CA LEU A 762 43.39 1.79 23.96
C LEU A 762 44.78 1.42 23.47
N GLU A 763 45.31 0.26 23.88
CA GLU A 763 46.55 -0.21 23.29
C GLU A 763 46.35 -0.68 21.85
N THR A 764 45.12 -1.02 21.47
CA THR A 764 44.79 -1.37 20.09
C THR A 764 44.48 -0.16 19.22
N PHE A 765 44.45 1.04 19.81
CA PHE A 765 44.21 2.26 19.06
C PHE A 765 45.47 2.83 18.43
N SER A 766 46.63 2.21 18.65
CA SER A 766 47.88 2.61 18.05
C SER A 766 48.81 1.40 18.03
N TYR A 767 50.02 1.61 17.54
CA TYR A 767 50.98 0.53 17.39
C TYR A 767 52.35 0.83 18.00
N GLN A 768 52.75 2.09 18.13
CA GLN A 768 54.10 2.46 18.53
C GLN A 768 54.19 2.99 19.95
N ASP A 769 53.06 3.10 20.65
CA ASP A 769 52.98 3.66 22.01
C ASP A 769 53.55 5.08 22.04
N ASP A 770 52.90 5.97 21.30
CA ASP A 770 53.38 7.34 21.15
C ASP A 770 53.03 8.17 22.38
N ILE A 771 53.24 9.49 22.30
CA ILE A 771 53.00 10.37 23.43
C ILE A 771 51.52 10.47 23.75
N GLY A 772 50.66 10.44 22.73
CA GLY A 772 49.23 10.54 22.96
C GLY A 772 48.67 9.34 23.70
N THR A 773 49.10 8.13 23.31
CA THR A 773 48.64 6.94 24.00
C THR A 773 49.17 6.84 25.42
N ILE A 774 50.41 7.29 25.66
CA ILE A 774 50.97 7.31 27.00
C ILE A 774 50.21 8.29 27.88
N ILE A 775 49.91 9.49 27.36
CA ILE A 775 49.15 10.49 28.11
C ILE A 775 47.73 9.98 28.40
N LEU A 776 47.09 9.36 27.42
CA LEU A 776 45.73 8.86 27.59
C LEU A 776 45.69 7.71 28.58
N LYS A 777 46.70 6.83 28.53
CA LYS A 777 46.80 5.73 29.48
C LYS A 777 47.03 6.25 30.90
N HIS A 778 47.86 7.28 31.05
CA HIS A 778 48.10 7.87 32.36
C HIS A 778 46.85 8.55 32.90
N LEU A 779 46.06 9.17 32.02
CA LEU A 779 44.83 9.80 32.47
C LEU A 779 43.78 8.77 32.86
N VAL A 780 43.71 7.65 32.14
CA VAL A 780 42.74 6.61 32.49
C VAL A 780 43.14 5.91 33.78
N ARG A 781 44.44 5.64 33.97
CA ARG A 781 44.90 4.96 35.18
C ARG A 781 44.66 5.79 36.43
N ASN A 782 44.95 7.09 36.37
CA ASN A 782 44.75 8.00 37.48
C ASN A 782 43.55 8.90 37.15
N ILE A 783 42.36 8.40 37.47
CA ILE A 783 41.14 9.15 37.23
C ILE A 783 40.19 8.93 38.39
N GLN A 784 39.37 9.94 38.67
CA GLN A 784 38.37 9.88 39.70
C GLN A 784 37.17 10.67 39.18
N PRO A 785 35.96 10.14 39.26
CA PRO A 785 34.78 10.86 38.77
C PRO A 785 34.31 12.00 39.67
N ASN A 786 34.88 12.15 40.86
CA ASN A 786 34.44 13.16 41.81
C ASN A 786 35.26 14.43 41.76
N ILE A 787 36.24 14.52 40.86
CA ILE A 787 37.14 15.67 40.82
C ILE A 787 37.18 16.17 39.38
N PRO A 788 37.15 17.49 39.15
CA PRO A 788 37.06 18.00 37.78
C PRO A 788 38.32 17.77 36.98
N LEU A 789 38.15 17.84 35.65
CA LEU A 789 39.26 17.63 34.74
C LEU A 789 40.26 18.78 34.75
N ARG A 790 39.86 19.95 35.27
CA ARG A 790 40.79 21.06 35.41
C ARG A 790 41.89 20.76 36.42
N SER A 791 41.64 19.84 37.36
CA SER A 791 42.62 19.46 38.37
C SER A 791 43.62 18.44 37.85
N TYR A 792 43.47 17.94 36.63
CA TYR A 792 44.33 16.93 36.08
C TYR A 792 45.41 17.49 35.17
N ARG A 793 45.73 18.78 35.30
CA ARG A 793 46.85 19.35 34.57
C ARG A 793 48.17 18.80 35.07
N TYR A 794 48.23 18.41 36.35
CA TYR A 794 49.46 17.88 36.94
C TYR A 794 49.81 16.51 36.39
N LEU A 795 48.84 15.76 35.88
CA LEU A 795 49.13 14.43 35.36
C LEU A 795 49.87 14.48 34.03
N ILE A 796 49.75 15.57 33.30
CA ILE A 796 50.43 15.73 32.01
C ILE A 796 51.49 16.81 32.03
N THR A 797 51.55 17.64 33.06
CA THR A 797 52.70 18.52 33.24
C THR A 797 53.95 17.71 33.56
N ASP A 798 53.81 16.62 34.30
CA ASP A 798 54.94 15.74 34.56
C ASP A 798 55.33 14.94 33.32
N LEU A 799 54.39 14.72 32.41
CA LEU A 799 54.66 13.95 31.20
C LEU A 799 55.24 14.79 30.07
N LEU A 800 55.39 16.09 30.26
CA LEU A 800 56.00 16.94 29.25
C LEU A 800 57.14 17.76 29.83
N ASN A 814 44.29 29.23 26.18
CA ASN A 814 44.70 29.25 27.57
C ASN A 814 46.08 28.60 27.74
N SER A 815 46.10 27.28 27.89
CA SER A 815 47.32 26.55 28.14
C SER A 815 47.38 25.32 27.26
N LEU A 816 48.61 24.84 27.03
CA LEU A 816 48.80 23.66 26.20
C LEU A 816 48.33 22.40 26.92
N GLU A 817 48.54 22.34 28.23
CA GLU A 817 48.06 21.19 29.01
C GLU A 817 46.54 21.15 29.06
N SER A 818 45.89 22.32 29.12
CA SER A 818 44.43 22.34 29.07
C SER A 818 43.92 21.85 27.73
N SER A 819 44.63 22.20 26.66
CA SER A 819 44.25 21.72 25.33
C SER A 819 44.43 20.21 25.21
N ILE A 820 45.53 19.67 25.77
CA ILE A 820 45.74 18.22 25.74
C ILE A 820 44.67 17.51 26.56
N LEU A 821 44.31 18.09 27.72
CA LEU A 821 43.25 17.50 28.55
C LEU A 821 41.92 17.52 27.82
N ARG A 822 41.61 18.62 27.14
CA ARG A 822 40.38 18.70 26.37
C ARG A 822 40.35 17.68 25.24
N SER A 823 41.45 17.56 24.50
CA SER A 823 41.51 16.61 23.38
C SER A 823 41.41 15.18 23.87
N CYS A 824 42.05 14.87 25.01
CA CYS A 824 41.97 13.52 25.56
C CYS A 824 40.56 13.22 26.09
N ALA A 825 39.89 14.22 26.66
CA ALA A 825 38.53 14.01 27.13
C ALA A 825 37.55 13.78 25.97
N LEU A 826 37.70 14.55 24.89
CA LEU A 826 36.92 14.29 23.67
C LEU A 826 37.24 12.92 23.10
N HIS A 827 38.50 12.51 23.13
CA HIS A 827 38.89 11.21 22.60
C HIS A 827 38.28 10.08 23.42
N LEU A 828 38.24 10.21 24.74
CA LEU A 828 37.64 9.18 25.57
C LEU A 828 36.13 9.16 25.48
N MET A 829 35.48 10.33 25.45
CA MET A 829 34.02 10.35 25.45
C MET A 829 33.42 10.15 24.07
N TYR A 830 34.20 10.27 23.00
CA TYR A 830 33.69 9.95 21.68
C TYR A 830 33.77 8.46 21.37
N TRP A 831 34.80 7.79 21.89
CA TRP A 831 35.05 6.38 21.55
C TRP A 831 34.53 5.44 22.63
N ARG A 832 33.47 5.83 23.33
CA ARG A 832 32.74 4.99 24.29
C ARG A 832 33.64 4.50 25.44
N HIS A 833 34.46 5.39 25.97
CA HIS A 833 35.35 5.07 27.08
C HIS A 833 34.96 5.77 28.38
N ALA A 834 34.83 7.09 28.35
CA ALA A 834 34.63 7.86 29.58
C ALA A 834 33.57 8.94 29.34
N ARG A 835 32.37 8.72 29.87
CA ARG A 835 31.31 9.70 29.73
C ARG A 835 31.58 10.94 30.59
N ILE A 836 31.02 12.07 30.16
CA ILE A 836 31.17 13.32 30.89
C ILE A 836 30.00 13.47 31.86
N VAL A 837 30.30 13.91 33.09
CA VAL A 837 29.29 14.16 34.11
C VAL A 837 29.69 15.41 34.88
N ILE A 838 28.70 16.00 35.55
CA ILE A 838 28.99 16.94 36.64
C ILE A 838 29.71 16.16 37.73
N PRO A 839 30.76 16.71 38.36
CA PRO A 839 31.52 15.96 39.36
C PRO A 839 30.66 15.48 40.53
N LEU A 840 30.74 14.19 40.81
CA LEU A 840 29.83 13.55 41.74
C LEU A 840 30.18 13.91 43.17
N SER A 841 29.17 14.29 43.94
CA SER A 841 29.33 14.61 45.35
C SER A 841 28.22 13.95 46.14
N SER A 842 28.49 13.74 47.43
CA SER A 842 27.46 13.22 48.32
C SER A 842 26.40 14.25 48.66
N LYS A 843 26.63 15.52 48.32
CA LYS A 843 25.67 16.58 48.57
C LYS A 843 24.63 16.74 47.47
N TYR A 844 24.72 15.96 46.39
CA TYR A 844 23.84 16.11 45.25
C TYR A 844 22.70 15.11 45.31
N THR A 845 21.53 15.55 44.88
CA THR A 845 20.34 14.70 44.89
C THR A 845 20.31 13.83 43.65
N TYR A 846 20.21 12.52 43.84
CA TYR A 846 20.30 11.55 42.77
C TYR A 846 19.03 10.71 42.77
N ILE A 847 18.33 10.69 41.64
CA ILE A 847 17.07 9.95 41.52
C ILE A 847 17.27 8.80 40.54
N VAL A 848 16.35 7.85 40.63
CA VAL A 848 16.38 6.70 39.72
C VAL A 848 15.77 7.11 38.39
N SER A 849 16.51 6.89 37.31
CA SER A 849 16.08 7.30 35.98
C SER A 849 14.90 6.45 35.52
N PRO A 850 13.97 7.04 34.75
CA PRO A 850 12.94 6.22 34.09
C PRO A 850 13.53 5.21 33.11
N LEU A 851 14.66 5.55 32.49
CA LEU A 851 15.34 4.68 31.54
C LEU A 851 16.30 3.71 32.23
N ALA A 852 16.08 3.41 33.51
CA ALA A 852 16.96 2.50 34.23
C ALA A 852 16.82 1.08 33.69
N PRO A 853 17.93 0.37 33.52
CA PRO A 853 17.86 -0.99 32.98
C PRO A 853 17.32 -1.99 33.99
N ILE A 854 16.00 -2.01 34.16
CA ILE A 854 15.36 -2.94 35.09
C ILE A 854 14.74 -4.08 34.29
N GLN A 855 13.83 -3.74 33.38
CA GLN A 855 13.24 -4.74 32.50
C GLN A 855 14.19 -5.04 31.34
N GLY A 856 13.85 -6.08 30.60
CA GLY A 856 14.60 -6.43 29.41
C GLY A 856 15.74 -7.40 29.66
N TYR A 857 15.88 -8.38 28.76
CA TYR A 857 16.95 -9.36 28.90
C TYR A 857 18.31 -8.75 28.59
N THR A 858 18.36 -7.79 27.66
CA THR A 858 19.59 -7.09 27.34
C THR A 858 19.25 -5.62 27.15
N ILE A 859 20.22 -4.86 26.62
CA ILE A 859 20.07 -3.42 26.50
C ILE A 859 19.02 -3.07 25.46
N ASP A 860 18.96 -3.82 24.36
CA ASP A 860 18.06 -3.54 23.24
C ASP A 860 17.21 -4.77 22.92
N ASP A 861 16.59 -5.36 23.94
CA ASP A 861 15.81 -6.58 23.71
C ASP A 861 14.46 -6.25 23.07
N TYR A 862 13.60 -5.56 23.83
CA TYR A 862 12.24 -5.16 23.42
C TYR A 862 11.40 -6.29 22.81
N VAL A 888 16.90 -13.89 32.43
CA VAL A 888 17.19 -13.09 33.61
C VAL A 888 17.25 -11.61 33.22
N PRO A 889 16.40 -10.80 33.82
CA PRO A 889 16.34 -9.38 33.46
C PRO A 889 17.59 -8.64 33.91
N LEU A 890 17.71 -7.41 33.42
CA LEU A 890 18.91 -6.62 33.64
C LEU A 890 19.08 -6.21 35.10
N ILE A 891 17.99 -6.15 35.87
CA ILE A 891 18.09 -5.78 37.27
C ILE A 891 18.84 -6.85 38.06
N TYR A 892 18.57 -8.13 37.79
CA TYR A 892 19.24 -9.20 38.49
C TYR A 892 20.68 -9.39 38.03
N GLN A 893 20.94 -9.23 36.72
CA GLN A 893 22.31 -9.29 36.21
C GLN A 893 23.17 -8.18 36.81
N ASN A 894 22.65 -6.96 36.82
CA ASN A 894 23.40 -5.85 37.39
C ASN A 894 23.46 -5.92 38.91
N SER A 895 22.50 -6.57 39.56
CA SER A 895 22.61 -6.81 41.00
C SER A 895 23.73 -7.80 41.30
N MET A 896 23.86 -8.84 40.47
CA MET A 896 24.97 -9.78 40.62
C MET A 896 26.30 -9.08 40.40
N LEU A 897 26.38 -8.21 39.38
CA LEU A 897 27.60 -7.45 39.14
C LEU A 897 27.92 -6.48 40.27
N PHE A 898 26.88 -5.86 40.85
CA PHE A 898 27.05 -4.96 41.99
C PHE A 898 27.54 -5.71 43.22
N ARG A 899 26.98 -6.89 43.48
CA ARG A 899 27.44 -7.71 44.61
C ARG A 899 28.87 -8.16 44.41
N SER A 900 29.24 -8.51 43.17
CA SER A 900 30.61 -8.89 42.88
C SER A 900 31.57 -7.73 43.05
N LYS A 901 31.18 -6.53 42.62
CA LYS A 901 32.08 -5.38 42.70
C LYS A 901 32.14 -4.82 44.12
N PHE A 902 31.01 -4.76 44.83
CA PHE A 902 30.93 -4.25 46.19
C PHE A 902 30.30 -5.30 47.08
N PRO A 903 31.10 -6.17 47.72
CA PRO A 903 30.55 -7.20 48.59
C PRO A 903 30.28 -6.77 50.02
N SER A 904 30.60 -5.52 50.37
CA SER A 904 30.39 -5.01 51.72
C SER A 904 29.26 -4.00 51.77
N LEU A 905 28.39 -4.00 50.78
CA LEU A 905 27.33 -3.02 50.61
C LEU A 905 26.00 -3.73 50.47
N PRO A 906 24.89 -3.05 50.76
CA PRO A 906 23.58 -3.63 50.47
C PRO A 906 23.37 -3.85 48.98
N SER A 907 22.40 -4.70 48.66
CA SER A 907 22.19 -5.13 47.29
C SER A 907 21.66 -3.98 46.43
N LEU A 908 21.78 -4.16 45.12
CA LEU A 908 21.24 -3.18 44.17
C LEU A 908 19.75 -2.93 44.33
N PRO A 909 18.87 -3.92 44.61
CA PRO A 909 17.49 -3.58 44.99
C PRO A 909 17.37 -2.68 46.21
N ILE A 910 18.20 -2.88 47.24
CA ILE A 910 18.14 -2.05 48.44
C ILE A 910 18.54 -0.62 48.11
N PHE A 911 19.60 -0.45 47.32
CA PHE A 911 20.04 0.89 46.94
C PHE A 911 19.03 1.59 46.05
N LEU A 912 18.43 0.84 45.12
CA LEU A 912 17.47 1.43 44.20
C LEU A 912 16.10 1.64 44.83
N SER A 913 15.82 1.02 45.98
CA SER A 913 14.61 1.32 46.73
C SER A 913 14.82 2.43 47.74
N LEU A 914 16.00 2.51 48.36
CA LEU A 914 16.29 3.60 49.28
C LEU A 914 16.35 4.95 48.58
N LEU A 915 16.65 4.97 47.28
CA LEU A 915 16.71 6.19 46.52
C LEU A 915 15.40 6.53 45.80
N SER A 916 14.41 5.63 45.83
CA SER A 916 13.18 5.86 45.10
C SER A 916 11.96 5.39 45.89
N THR A 917 11.92 5.67 47.19
CA THR A 917 10.70 5.48 47.97
C THR A 917 10.32 6.67 48.84
N ASP A 918 11.22 7.61 49.06
CA ASP A 918 10.90 8.84 49.78
C ASP A 918 11.13 10.03 48.86
N LYS A 919 10.97 11.23 49.41
CA LYS A 919 11.29 12.43 48.67
C LYS A 919 12.79 12.45 48.37
N PRO A 920 13.19 12.88 47.18
CA PRO A 920 14.60 12.76 46.79
C PRO A 920 15.49 13.73 47.54
N GLN A 921 16.25 13.21 48.50
CA GLN A 921 17.17 14.02 49.27
C GLN A 921 18.59 13.79 48.77
N ALA A 922 19.57 14.34 49.48
CA ALA A 922 20.97 14.21 49.08
C ALA A 922 21.44 12.78 49.25
N TYR A 923 22.49 12.43 48.52
CA TYR A 923 23.02 11.08 48.53
C TYR A 923 23.72 10.73 49.83
N SER A 924 24.07 11.74 50.64
CA SER A 924 24.76 11.50 51.90
C SER A 924 23.89 10.84 52.95
N ASN A 925 22.58 10.76 52.73
CA ASN A 925 21.66 10.15 53.68
C ASN A 925 21.56 8.64 53.52
N ILE A 926 22.27 8.06 52.56
CA ILE A 926 22.30 6.60 52.39
C ILE A 926 23.59 6.07 52.98
N ILE A 927 24.65 6.86 52.94
CA ILE A 927 25.95 6.49 53.47
C ILE A 927 25.89 6.56 55.00
N PRO A 928 26.14 5.46 55.71
CA PRO A 928 26.03 5.48 57.17
C PRO A 928 27.12 6.26 57.86
N SER A 929 28.38 6.05 57.46
CA SER A 929 29.52 6.64 58.13
C SER A 929 30.49 7.19 57.10
N ARG A 930 31.46 7.97 57.59
CA ARG A 930 32.51 8.52 56.73
C ARG A 930 33.48 7.47 56.24
N GLU A 931 33.60 6.34 56.95
CA GLU A 931 34.43 5.24 56.48
C GLU A 931 33.80 4.54 55.28
N HIS A 932 32.47 4.61 55.16
CA HIS A 932 31.76 4.03 54.03
C HIS A 932 31.63 4.98 52.85
N LYS A 933 32.11 6.22 52.98
CA LYS A 933 31.91 7.22 51.93
C LYS A 933 32.60 6.93 50.60
N PRO A 934 33.88 6.52 50.53
CA PRO A 934 34.47 6.28 49.19
C PRO A 934 33.88 5.09 48.47
N VAL A 935 33.55 4.00 49.17
CA VAL A 935 32.97 2.86 48.48
C VAL A 935 31.54 3.15 48.06
N TYR A 936 30.83 4.01 48.81
CA TYR A 936 29.50 4.43 48.39
C TYR A 936 29.56 5.38 47.19
N LEU A 937 30.60 6.21 47.11
CA LEU A 937 30.77 7.04 45.92
C LEU A 937 31.16 6.22 44.71
N ASN A 938 31.93 5.14 44.91
CA ASN A 938 32.19 4.19 43.83
C ASN A 938 30.91 3.50 43.38
N ALA A 939 30.03 3.17 44.33
CA ALA A 939 28.73 2.62 44.00
C ALA A 939 27.88 3.62 43.23
N LEU A 940 27.96 4.90 43.59
CA LEU A 940 27.22 5.95 42.88
C LEU A 940 27.72 6.09 41.44
N ALA A 941 29.04 6.05 41.25
CA ALA A 941 29.60 6.10 39.90
C ALA A 941 29.20 4.87 39.09
N TRP A 942 29.12 3.71 39.74
CA TRP A 942 28.63 2.51 39.08
C TRP A 942 27.16 2.64 38.68
N LEU A 943 26.36 3.27 39.54
CA LEU A 943 24.95 3.46 39.23
C LEU A 943 24.75 4.42 38.08
N ILE A 944 25.55 5.49 38.04
CA ILE A 944 25.43 6.46 36.95
C ILE A 944 25.96 5.89 35.64
N GLN A 945 27.06 5.12 35.69
CA GLN A 945 27.64 4.59 34.46
C GLN A 945 26.78 3.49 33.85
N TYR A 946 25.88 2.89 34.61
CA TYR A 946 24.96 1.88 34.11
C TYR A 946 23.59 2.46 33.76
N GLY A 947 23.40 3.77 33.92
CA GLY A 947 22.13 4.38 33.62
C GLY A 947 21.04 4.15 34.64
N TYR A 948 21.38 3.64 35.82
CA TYR A 948 20.37 3.38 36.84
C TYR A 948 19.92 4.65 37.53
N VAL A 949 20.84 5.58 37.75
CA VAL A 949 20.60 6.76 38.57
C VAL A 949 21.10 7.99 37.82
N THR A 950 20.23 8.98 37.66
CA THR A 950 20.58 10.28 37.10
C THR A 950 20.60 11.32 38.21
N GLN A 951 20.86 12.56 37.82
CA GLN A 951 20.94 13.67 38.77
C GLN A 951 19.69 14.53 38.69
N LEU A 952 19.22 14.96 39.85
CA LEU A 952 18.06 15.86 39.93
C LEU A 952 18.60 17.26 40.14
N LEU A 953 18.60 18.04 39.06
CA LEU A 953 19.11 19.40 39.10
C LEU A 953 18.01 20.38 39.52
N THR A 954 18.44 21.54 40.01
CA THR A 954 17.54 22.56 40.52
C THR A 954 17.48 23.72 39.53
N PHE A 955 16.26 24.10 39.14
CA PHE A 955 16.03 25.21 38.22
C PHE A 955 15.15 26.24 38.93
N ILE A 956 15.51 27.51 38.78
CA ILE A 956 14.89 28.59 39.55
C ILE A 956 14.25 29.57 38.58
N ASN A 957 13.00 29.93 38.84
CA ASN A 957 12.31 31.00 38.12
C ASN A 957 11.81 32.01 39.14
N ILE A 958 11.67 33.26 38.71
CA ILE A 958 11.37 34.37 39.61
C ILE A 958 9.92 34.78 39.44
N ARG A 959 9.25 35.03 40.57
CA ARG A 959 7.82 35.29 40.60
C ARG A 959 7.55 36.54 41.43
N VAL A 960 6.60 37.34 40.98
CA VAL A 960 6.30 38.65 41.58
C VAL A 960 4.81 38.72 41.90
N ASP A 961 4.50 39.07 43.15
CA ASP A 961 3.13 39.16 43.63
C ASP A 961 2.61 40.60 43.53
N LYS A 962 1.44 40.85 44.13
CA LYS A 962 0.80 42.16 44.00
C LYS A 962 1.49 43.22 44.86
N HIS A 963 2.15 42.82 45.95
CA HIS A 963 2.79 43.79 46.83
C HIS A 963 3.97 44.47 46.15
N ILE A 964 4.77 43.71 45.41
CA ILE A 964 5.89 44.27 44.67
C ILE A 964 5.39 45.19 43.56
N LYS A 965 4.28 44.80 42.89
CA LYS A 965 3.69 45.65 41.86
C LYS A 965 3.19 46.96 42.44
N MET A 966 2.54 46.91 43.60
CA MET A 966 2.06 48.14 44.25
C MET A 966 3.21 49.01 44.74
N ALA A 967 4.30 48.40 45.23
CA ALA A 967 5.47 49.18 45.62
C ALA A 967 6.12 49.85 44.42
N VAL A 968 6.18 49.15 43.28
CA VAL A 968 6.75 49.74 42.07
C VAL A 968 5.86 50.86 41.54
N ASP A 969 4.53 50.69 41.66
CA ASP A 969 3.61 51.77 41.29
C ASP A 969 3.77 52.98 42.20
N GLU A 970 3.99 52.74 43.50
CA GLU A 970 4.24 53.83 44.43
C GLU A 970 5.54 54.56 44.11
N ASP A 971 6.59 53.81 43.75
CA ASP A 971 7.85 54.43 43.36
C ASP A 971 7.72 55.21 42.05
N LEU A 972 6.91 54.71 41.12
CA LEU A 972 6.66 55.45 39.88
C LEU A 972 5.87 56.73 40.15
N GLU A 973 4.91 56.68 41.07
CA GLU A 973 4.16 57.86 41.44
C GLU A 973 5.00 58.86 42.23
N LYS A 974 6.04 58.38 42.92
CA LYS A 974 6.90 59.28 43.69
C LYS A 974 7.72 60.18 42.76
N GLU A 975 8.17 59.66 41.63
CA GLU A 975 8.95 60.46 40.68
C GLU A 975 8.08 60.92 39.51
N PHE A 1059 -11.76 44.77 46.18
CA PHE A 1059 -11.61 46.19 45.84
C PHE A 1059 -10.89 46.94 46.95
N GLU A 1060 -11.40 48.11 47.30
CA GLU A 1060 -10.80 48.94 48.35
C GLU A 1060 -11.47 48.79 49.70
N TYR A 1061 -12.71 48.30 49.74
CA TYR A 1061 -13.42 48.10 51.01
C TYR A 1061 -13.07 46.77 51.68
N ASP A 1062 -12.37 45.88 50.99
CA ASP A 1062 -11.96 44.60 51.55
C ASP A 1062 -10.51 44.30 51.17
N ASP A 1063 -9.88 43.44 51.97
CA ASP A 1063 -8.49 43.03 51.76
C ASP A 1063 -8.41 41.52 51.75
N PRO A 1064 -8.74 40.88 50.63
CA PRO A 1064 -8.63 39.41 50.56
C PRO A 1064 -7.17 38.99 50.40
N GLU A 1065 -6.75 38.01 51.19
CA GLU A 1065 -5.38 37.54 51.18
C GLU A 1065 -5.18 36.29 50.32
N MET A 1066 -6.23 35.81 49.66
CA MET A 1066 -6.14 34.65 48.77
C MET A 1066 -6.45 35.04 47.33
N GLN A 1067 -6.18 36.28 46.95
CA GLN A 1067 -6.46 36.80 45.62
C GLN A 1067 -5.26 37.58 45.09
N HIS A 1068 -4.09 36.96 45.17
CA HIS A 1068 -2.84 37.59 44.74
C HIS A 1068 -2.82 37.81 43.22
N ASP A 1069 -2.15 38.87 42.79
CA ASP A 1069 -1.97 39.09 41.36
C ASP A 1069 -0.51 38.79 40.98
N TYR A 1070 -0.19 37.53 40.68
CA TYR A 1070 1.21 37.09 40.49
C TYR A 1070 1.71 37.25 39.05
N THR A 1071 2.98 36.91 38.80
CA THR A 1071 3.55 37.15 37.47
C THR A 1071 4.94 36.55 37.44
N ILE A 1072 5.17 35.63 36.51
CA ILE A 1072 6.45 34.94 36.39
C ILE A 1072 7.26 35.62 35.30
N ILE A 1073 8.37 36.22 35.70
CA ILE A 1073 9.29 36.84 34.75
C ILE A 1073 10.15 35.73 34.16
N LEU A 1074 9.90 35.41 32.89
CA LEU A 1074 10.45 34.20 32.29
C LEU A 1074 11.96 34.32 32.06
N GLU A 1075 12.40 35.43 31.48
CA GLU A 1075 13.82 35.68 31.23
C GLU A 1075 14.15 37.04 31.82
N PRO A 1076 14.67 37.08 33.05
CA PRO A 1076 14.89 38.37 33.72
C PRO A 1076 16.02 39.20 33.14
N GLU A 1077 16.84 38.64 32.26
CA GLU A 1077 17.86 39.45 31.58
C GLU A 1077 17.23 40.43 30.61
N ARG A 1078 16.31 39.97 29.78
CA ARG A 1078 15.58 40.82 28.85
C ARG A 1078 14.23 41.24 29.43
N ALA A 1079 14.30 41.85 30.60
CA ALA A 1079 13.12 42.40 31.26
C ALA A 1079 12.92 43.85 30.87
N THR A 1080 11.66 44.30 30.94
CA THR A 1080 11.32 45.67 30.59
C THR A 1080 11.62 46.58 31.78
N ALA A 1081 11.19 47.84 31.68
CA ALA A 1081 11.46 48.80 32.73
C ALA A 1081 10.66 48.50 33.99
N ILE A 1082 9.39 48.13 33.82
CA ILE A 1082 8.55 47.83 34.98
C ILE A 1082 8.94 46.49 35.61
N GLU A 1083 9.38 45.53 34.81
CA GLU A 1083 9.71 44.20 35.33
C GLU A 1083 11.05 44.16 36.04
N LYS A 1084 12.03 44.95 35.56
CA LYS A 1084 13.28 45.06 36.29
C LYS A 1084 13.09 45.77 37.61
N ARG A 1085 12.09 46.66 37.69
CA ARG A 1085 11.72 47.25 38.97
C ARG A 1085 11.07 46.21 39.88
N TRP A 1086 10.36 45.25 39.30
CA TRP A 1086 9.78 44.17 40.08
C TRP A 1086 10.87 43.26 40.67
N LEU A 1087 11.92 42.99 39.88
CA LEU A 1087 13.00 42.14 40.35
C LEU A 1087 13.78 42.81 41.47
N TYR A 1088 14.04 44.11 41.34
CA TYR A 1088 14.85 44.82 42.33
C TYR A 1088 14.05 45.28 43.53
N ARG A 1089 12.73 45.13 43.52
CA ARG A 1089 11.94 45.31 44.73
C ARG A 1089 11.69 44.01 45.47
N CYS A 1090 11.95 42.88 44.82
CA CYS A 1090 11.96 41.60 45.51
C CYS A 1090 13.08 41.53 46.54
N ILE A 1091 14.25 42.08 46.21
CA ILE A 1091 15.32 42.32 47.17
C ILE A 1091 15.19 43.77 47.62
N TYR A 1092 14.58 43.98 48.78
CA TYR A 1092 14.44 45.33 49.32
C TYR A 1092 15.15 45.50 50.66
N GLY A 1093 14.84 44.67 51.65
CA GLY A 1093 15.42 44.78 52.97
C GLY A 1093 16.50 43.77 53.28
N GLN A 1094 16.93 42.99 52.31
CA GLN A 1094 17.93 41.96 52.53
C GLN A 1094 19.31 42.59 52.73
N PRO A 1095 20.22 41.89 53.43
CA PRO A 1095 21.59 42.40 53.57
C PRO A 1095 22.37 42.45 52.27
N SER A 1096 23.59 42.98 52.33
CA SER A 1096 24.37 43.24 51.12
C SER A 1096 24.81 41.96 50.43
N ASP A 1097 25.09 40.90 51.19
CA ASP A 1097 25.51 39.63 50.59
C ASP A 1097 24.36 39.01 49.79
N ILE A 1098 23.13 39.14 50.29
CA ILE A 1098 21.97 38.71 49.51
C ILE A 1098 21.76 39.63 48.31
N GLN A 1099 22.03 40.93 48.48
CA GLN A 1099 21.94 41.87 47.36
C GLN A 1099 22.99 41.57 46.30
N ILE A 1100 24.21 41.25 46.72
CA ILE A 1100 25.27 40.94 45.76
C ILE A 1100 24.99 39.61 45.06
N LEU A 1101 24.57 38.60 45.81
CA LEU A 1101 24.36 37.28 45.22
C LEU A 1101 23.14 37.25 44.31
N PHE A 1102 22.13 38.07 44.59
CA PHE A 1102 20.98 38.15 43.70
C PHE A 1102 21.35 38.79 42.37
N ASN A 1103 22.21 39.81 42.40
CA ASN A 1103 22.59 40.49 41.17
C ASN A 1103 23.45 39.59 40.28
N LYS A 1104 24.36 38.82 40.87
CA LYS A 1104 25.24 37.95 40.11
C LYS A 1104 24.52 36.73 39.57
N LEU A 1105 23.41 36.32 40.20
CA LEU A 1105 22.69 35.11 39.81
C LEU A 1105 21.31 35.40 39.24
N LEU A 1106 21.01 36.66 38.89
CA LEU A 1106 19.68 36.98 38.39
C LEU A 1106 19.48 36.46 36.96
N LYS A 1107 20.52 36.54 36.13
CA LYS A 1107 20.39 36.16 34.73
C LYS A 1107 20.19 34.67 34.54
N TYR A 1108 20.53 33.85 35.53
CA TYR A 1108 20.37 32.41 35.46
C TYR A 1108 19.03 31.94 36.02
N PHE A 1109 18.17 32.86 36.45
CA PHE A 1109 16.89 32.52 37.05
C PHE A 1109 15.79 32.48 35.99
N ASN A 1110 15.93 31.55 35.04
CA ASN A 1110 15.01 31.48 33.91
C ASN A 1110 14.41 30.09 33.71
N GLY A 1111 14.67 29.14 34.61
CA GLY A 1111 14.14 27.80 34.44
C GLY A 1111 14.89 26.96 33.43
N LYS A 1112 16.07 27.40 33.00
CA LYS A 1112 16.86 26.66 32.03
C LYS A 1112 18.27 26.35 32.49
N VAL A 1113 18.84 27.10 33.41
CA VAL A 1113 20.21 26.89 33.88
C VAL A 1113 20.13 26.13 35.20
N PRO A 1114 20.68 24.92 35.29
CA PRO A 1114 20.68 24.20 36.56
C PRO A 1114 21.60 24.86 37.57
N MET A 1115 21.19 24.86 38.84
CA MET A 1115 21.95 25.57 39.86
C MET A 1115 23.25 24.87 40.22
N GLU A 1116 23.41 23.61 39.82
CA GLU A 1116 24.68 22.92 40.02
C GLU A 1116 25.77 23.51 39.14
N LEU A 1117 25.41 23.90 37.91
CA LEU A 1117 26.38 24.53 37.02
C LEU A 1117 26.67 25.97 37.42
N VAL A 1118 25.71 26.65 38.02
CA VAL A 1118 25.93 28.02 38.47
C VAL A 1118 26.92 28.06 39.63
N ILE A 1119 26.84 27.07 40.51
CA ILE A 1119 27.77 26.98 41.64
C ILE A 1119 29.19 26.76 41.13
N ILE A 1120 29.36 25.89 40.14
CA ILE A 1120 30.68 25.59 39.59
C ILE A 1120 31.23 26.79 38.84
N LYS A 1121 30.41 27.41 38.00
CA LYS A 1121 30.90 28.47 37.13
C LYS A 1121 31.13 29.78 37.87
N GLU A 1122 30.24 30.15 38.78
CA GLU A 1122 30.33 31.45 39.45
C GLU A 1122 31.17 31.42 40.72
N GLU A 1123 31.75 30.26 41.06
CA GLU A 1123 32.63 30.09 42.22
C GLU A 1123 31.96 30.48 43.53
N ILE A 1124 30.68 30.14 43.66
CA ILE A 1124 29.93 30.33 44.90
C ILE A 1124 29.79 28.98 45.58
N SER A 1125 29.34 29.01 46.83
CA SER A 1125 29.15 27.79 47.60
C SER A 1125 27.66 27.49 47.75
N ARG A 1126 27.36 26.30 48.27
CA ARG A 1126 25.99 25.88 48.45
C ARG A 1126 25.33 26.54 49.65
N HIS A 1127 26.11 26.92 50.67
CA HIS A 1127 25.54 27.65 51.80
C HIS A 1127 25.09 29.05 51.39
N ASP A 1128 25.82 29.67 50.46
CA ASP A 1128 25.38 30.96 49.92
C ASP A 1128 24.10 30.82 49.12
N LEU A 1129 24.01 29.77 48.28
CA LEU A 1129 22.82 29.57 47.46
C LEU A 1129 21.61 29.19 48.31
N LYS A 1130 21.82 28.36 49.34
CA LYS A 1130 20.71 27.97 50.20
C LYS A 1130 20.20 29.13 51.05
N LYS A 1131 21.06 30.13 51.28
CA LYS A 1131 20.59 31.34 51.94
C LYS A 1131 19.63 32.11 51.06
N LEU A 1132 19.92 32.18 49.75
CA LEU A 1132 19.08 32.98 48.85
C LEU A 1132 17.77 32.27 48.56
N LEU A 1133 17.75 30.94 48.58
CA LEU A 1133 16.48 30.23 48.46
C LEU A 1133 15.60 30.41 49.68
N ASN A 1134 16.21 30.41 50.87
CA ASN A 1134 15.44 30.58 52.10
C ASN A 1134 15.00 32.02 52.30
N ALA A 1135 15.86 32.99 51.99
CA ALA A 1135 15.51 34.40 52.16
C ALA A 1135 14.53 34.90 51.11
N LEU A 1136 14.33 34.14 50.04
CA LEU A 1136 13.42 34.50 48.94
C LEU A 1136 12.60 33.25 48.65
N ASP A 1137 11.49 33.09 49.37
CA ASP A 1137 10.71 31.86 49.31
C ASP A 1137 9.46 32.01 48.45
N LYS A 1138 8.67 33.07 48.66
CA LYS A 1138 7.46 33.26 47.88
C LYS A 1138 7.76 33.80 46.48
N TYR A 1139 8.97 34.27 46.25
CA TYR A 1139 9.32 34.88 44.97
C TYR A 1139 10.06 33.93 44.03
N LEU A 1140 10.64 32.85 44.54
CA LEU A 1140 11.42 31.93 43.73
C LEU A 1140 10.64 30.65 43.46
N ILE A 1141 10.53 30.33 42.18
CA ILE A 1141 9.94 29.09 41.72
C ILE A 1141 11.01 28.01 41.73
N GLU A 1142 10.71 26.87 42.35
CA GLU A 1142 11.64 25.76 42.42
C GLU A 1142 11.21 24.69 41.42
N ILE A 1143 12.08 24.39 40.46
CA ILE A 1143 11.83 23.42 39.41
C ILE A 1143 12.92 22.36 39.49
N HIS A 1144 12.51 21.10 39.59
CA HIS A 1144 13.43 19.98 39.78
C HIS A 1144 13.23 18.97 38.67
N HIS A 1145 14.20 18.87 37.76
CA HIS A 1145 14.26 17.79 36.78
C HIS A 1145 15.72 17.55 36.42
N TRP A 1146 15.95 16.56 35.57
CA TRP A 1146 17.30 16.14 35.25
C TRP A 1146 18.03 17.12 34.33
N GLY B 8 -7.80 53.94 0.55
CA GLY B 8 -8.04 53.96 -0.88
C GLY B 8 -7.02 53.15 -1.66
N PRO B 9 -7.29 52.90 -2.94
CA PRO B 9 -6.32 52.17 -3.77
C PRO B 9 -5.35 53.05 -4.54
N TYR B 10 -5.55 54.37 -4.56
CA TYR B 10 -4.73 55.26 -5.37
C TYR B 10 -3.55 55.84 -4.62
N ASN B 11 -3.42 55.56 -3.32
CA ASN B 11 -2.24 55.94 -2.56
C ASN B 11 -1.30 54.75 -2.37
N SER B 12 -1.50 53.68 -3.12
CA SER B 12 -0.62 52.52 -3.02
C SER B 12 0.76 52.86 -3.55
N PRO B 13 1.81 52.31 -2.95
CA PRO B 13 3.17 52.52 -3.45
C PRO B 13 3.67 51.48 -4.45
N THR B 14 2.85 50.48 -4.79
CA THR B 14 3.31 49.36 -5.61
C THR B 14 2.52 49.18 -6.89
N PHE B 15 1.59 50.08 -7.22
CA PHE B 15 0.77 49.85 -8.40
C PHE B 15 1.49 50.30 -9.68
N GLY B 16 2.02 51.51 -9.70
CA GLY B 16 2.75 51.97 -10.86
C GLY B 16 4.20 51.54 -10.91
N LYS B 17 4.67 50.82 -9.90
CA LYS B 17 6.06 50.43 -9.79
C LYS B 17 6.20 48.92 -9.96
N SER B 18 7.41 48.50 -10.32
CA SER B 18 7.74 47.08 -10.45
C SER B 18 8.42 46.60 -9.18
N LEU B 19 8.02 45.42 -8.72
CA LEU B 19 8.41 44.93 -7.40
C LEU B 19 8.53 43.41 -7.45
N SER B 20 9.59 42.87 -6.84
CA SER B 20 9.81 41.44 -6.77
C SER B 20 9.98 41.02 -5.31
N LEU B 21 9.28 39.96 -4.91
CA LEU B 21 9.35 39.41 -3.57
C LEU B 21 9.76 37.95 -3.63
N LYS B 22 10.67 37.56 -2.73
CA LYS B 22 11.14 36.18 -2.63
C LYS B 22 10.35 35.47 -1.55
N VAL B 23 9.46 34.58 -1.95
CA VAL B 23 8.59 33.85 -1.04
C VAL B 23 9.01 32.38 -1.09
N ASP B 24 9.85 31.97 -0.16
CA ASP B 24 10.32 30.59 -0.10
C ASP B 24 9.27 29.70 0.55
N GLY B 25 9.32 28.41 0.22
CA GLY B 25 8.39 27.47 0.79
C GLY B 25 7.78 26.54 -0.25
N GLY B 26 8.01 26.84 -1.52
CA GLY B 26 7.48 26.03 -2.60
C GLY B 26 5.99 26.18 -2.78
N PHE B 27 5.55 27.37 -3.19
CA PHE B 27 4.14 27.67 -3.40
C PHE B 27 3.78 27.40 -4.85
N ASN B 28 2.69 26.67 -5.05
CA ASN B 28 2.29 26.24 -6.39
C ASN B 28 1.12 27.01 -6.97
N ALA B 29 0.35 27.72 -6.14
CA ALA B 29 -0.85 28.42 -6.60
C ALA B 29 -0.85 29.84 -6.09
N VAL B 30 -1.54 30.72 -6.82
CA VAL B 30 -1.62 32.13 -6.45
C VAL B 30 -2.96 32.69 -6.92
N SER B 31 -3.49 33.64 -6.15
CA SER B 31 -4.73 34.32 -6.48
C SER B 31 -4.70 35.70 -5.84
N ILE B 32 -5.56 36.59 -6.33
CA ILE B 32 -5.50 38.00 -5.96
C ILE B 32 -6.88 38.50 -5.53
N ASN B 33 -6.88 39.47 -4.63
CA ASN B 33 -8.07 40.25 -4.32
C ASN B 33 -8.45 41.13 -5.51
N PRO B 34 -9.72 41.17 -5.91
CA PRO B 34 -10.16 42.15 -6.91
C PRO B 34 -10.03 43.58 -6.46
N SER B 35 -9.96 43.85 -5.15
CA SER B 35 -9.64 45.19 -4.70
C SER B 35 -8.19 45.55 -4.98
N GLY B 36 -7.34 44.54 -5.20
CA GLY B 36 -5.94 44.77 -5.44
C GLY B 36 -5.09 44.91 -4.21
N ARG B 37 -5.61 44.54 -3.04
CA ARG B 37 -4.91 44.75 -1.79
C ARG B 37 -4.11 43.53 -1.34
N ASP B 38 -4.71 42.34 -1.38
CA ASP B 38 -4.08 41.14 -0.88
C ASP B 38 -3.84 40.14 -2.00
N ILE B 39 -2.84 39.28 -1.78
CA ILE B 39 -2.51 38.19 -2.70
C ILE B 39 -2.23 36.96 -1.84
N VAL B 40 -2.78 35.82 -2.27
CA VAL B 40 -2.69 34.58 -1.49
C VAL B 40 -1.82 33.58 -2.25
N LEU B 41 -0.94 32.91 -1.52
CA LEU B 41 -0.08 31.87 -2.06
C LEU B 41 -0.35 30.57 -1.30
N ALA B 42 -0.54 29.48 -2.03
CA ALA B 42 -0.92 28.20 -1.45
C ALA B 42 0.22 27.21 -1.58
N SER B 43 0.52 26.51 -0.48
CA SER B 43 1.51 25.44 -0.50
C SER B 43 0.99 24.23 0.25
N ARG B 44 1.84 23.22 0.43
CA ARG B 44 1.48 22.05 1.21
C ARG B 44 1.37 22.36 2.69
N GLN B 45 1.99 23.43 3.16
CA GLN B 45 1.93 23.82 4.55
C GLN B 45 0.81 24.82 4.85
N GLY B 46 0.15 25.35 3.81
CA GLY B 46 -0.93 26.28 4.04
C GLY B 46 -0.95 27.50 3.14
N LEU B 47 -1.46 28.62 3.67
CA LEU B 47 -1.68 29.83 2.90
C LEU B 47 -0.79 30.96 3.40
N TYR B 48 -0.29 31.76 2.46
CA TYR B 48 0.44 32.98 2.75
C TYR B 48 -0.32 34.15 2.15
N ILE B 49 -0.76 35.08 2.99
CA ILE B 49 -1.48 36.27 2.56
C ILE B 49 -0.53 37.45 2.65
N ILE B 50 -0.22 38.06 1.51
CA ILE B 50 0.72 39.17 1.43
C ILE B 50 -0.04 40.44 1.08
N ASP B 51 0.18 41.50 1.86
CA ASP B 51 -0.33 42.81 1.49
C ASP B 51 0.48 43.33 0.31
N LEU B 52 -0.22 43.72 -0.75
CA LEU B 52 0.48 44.25 -1.92
C LEU B 52 0.82 45.72 -1.78
N ASP B 53 0.31 46.40 -0.76
CA ASP B 53 0.72 47.76 -0.47
C ASP B 53 1.73 47.85 0.66
N ASP B 54 1.85 46.81 1.47
CA ASP B 54 2.88 46.70 2.51
C ASP B 54 3.55 45.35 2.34
N PRO B 55 4.48 45.22 1.38
CA PRO B 55 5.14 43.93 1.18
C PRO B 55 6.22 43.63 2.20
N PHE B 56 6.60 44.59 3.05
CA PHE B 56 7.65 44.36 4.03
C PHE B 56 7.16 43.51 5.21
N THR B 57 5.87 43.55 5.51
CA THR B 57 5.33 42.73 6.58
C THR B 57 5.37 41.27 6.17
N PRO B 58 5.85 40.37 7.03
CA PRO B 58 5.82 38.94 6.70
C PRO B 58 4.41 38.44 6.54
N PRO B 59 4.17 37.55 5.58
CA PRO B 59 2.80 37.14 5.27
C PRO B 59 2.17 36.28 6.37
N ARG B 60 0.86 36.36 6.44
CA ARG B 60 0.09 35.62 7.44
C ARG B 60 0.02 34.15 7.02
N TRP B 61 0.53 33.27 7.89
CA TRP B 61 0.54 31.85 7.63
C TRP B 61 -0.69 31.22 8.28
N LEU B 62 -1.55 30.64 7.46
CA LEU B 62 -2.69 29.85 7.93
C LEU B 62 -2.35 28.38 7.72
N HIS B 63 -2.43 27.59 8.78
CA HIS B 63 -1.82 26.27 8.81
C HIS B 63 -2.79 25.22 8.26
N HIS B 64 -2.35 24.49 7.25
CA HIS B 64 -3.01 23.27 6.80
C HIS B 64 -1.95 22.39 6.16
N ILE B 65 -1.56 21.33 6.85
CA ILE B 65 -0.48 20.46 6.39
C ILE B 65 -1.08 19.33 5.58
N THR B 66 -0.64 19.19 4.33
CA THR B 66 -1.00 18.09 3.48
C THR B 66 0.25 17.58 2.77
N PRO B 67 0.33 16.28 2.49
CA PRO B 67 1.50 15.76 1.76
C PRO B 67 1.41 15.98 0.26
N TRP B 68 0.22 16.10 -0.31
CA TRP B 68 0.05 16.27 -1.74
C TRP B 68 0.15 17.74 -2.12
N GLN B 69 0.62 17.98 -3.34
CA GLN B 69 0.82 19.34 -3.82
C GLN B 69 -0.53 20.01 -4.10
N VAL B 70 -0.68 21.25 -3.65
CA VAL B 70 -1.90 21.99 -3.92
C VAL B 70 -1.93 22.42 -5.38
N ALA B 71 -3.14 22.52 -5.92
CA ALA B 71 -3.34 22.81 -7.35
C ALA B 71 -3.69 24.26 -7.60
N ASP B 72 -4.77 24.75 -7.01
CA ASP B 72 -5.28 26.08 -7.29
C ASP B 72 -5.80 26.73 -6.03
N VAL B 73 -5.72 28.05 -5.98
CA VAL B 73 -6.33 28.85 -4.93
C VAL B 73 -7.11 29.97 -5.61
N GLN B 74 -8.19 30.40 -4.98
CA GLN B 74 -9.11 31.34 -5.60
C GLN B 74 -9.76 32.22 -4.54
N TRP B 75 -9.67 33.52 -4.72
CA TRP B 75 -10.31 34.45 -3.82
C TRP B 75 -11.80 34.47 -4.20
N SER B 76 -12.67 34.78 -3.23
CA SER B 76 -14.09 34.89 -3.57
C SER B 76 -14.39 36.30 -4.08
N PRO B 77 -14.91 36.46 -5.29
CA PRO B 77 -15.16 37.80 -5.82
C PRO B 77 -16.47 38.44 -5.37
N HIS B 78 -17.11 37.85 -4.39
CA HIS B 78 -18.33 38.40 -3.81
C HIS B 78 -17.99 39.65 -3.02
N PRO B 79 -18.61 40.80 -3.33
CA PRO B 79 -18.33 42.00 -2.52
C PRO B 79 -18.85 41.90 -1.10
N ALA B 80 -19.93 41.16 -0.87
CA ALA B 80 -20.46 41.00 0.47
C ALA B 80 -19.70 39.96 1.28
N LYS B 81 -18.83 39.16 0.66
CA LYS B 81 -18.00 38.19 1.36
C LYS B 81 -16.54 38.35 0.95
N PRO B 82 -15.85 39.38 1.43
CA PRO B 82 -14.45 39.58 1.06
C PRO B 82 -13.43 38.92 1.99
N TYR B 83 -13.85 37.96 2.82
CA TYR B 83 -12.97 37.22 3.71
C TYR B 83 -12.81 35.75 3.32
N TRP B 84 -13.31 35.36 2.15
CA TRP B 84 -13.37 33.95 1.75
C TRP B 84 -12.27 33.62 0.75
N ILE B 85 -11.56 32.52 1.01
CA ILE B 85 -10.55 31.98 0.11
C ILE B 85 -10.83 30.50 -0.06
N VAL B 86 -10.99 30.06 -1.30
CA VAL B 86 -11.17 28.65 -1.62
C VAL B 86 -9.84 28.10 -2.11
N SER B 87 -9.35 27.06 -1.45
CA SER B 87 -8.08 26.44 -1.80
C SER B 87 -8.25 24.94 -1.82
N THR B 88 -7.52 24.29 -2.73
CA THR B 88 -7.60 22.85 -2.89
C THR B 88 -6.67 22.16 -1.90
N SER B 89 -7.20 21.18 -1.17
CA SER B 89 -6.43 20.31 -0.30
C SER B 89 -6.69 18.89 -0.75
N ASN B 90 -5.92 18.44 -1.75
CA ASN B 90 -6.11 17.18 -2.46
C ASN B 90 -7.55 17.06 -2.98
N GLN B 91 -8.33 16.14 -2.43
CA GLN B 91 -9.65 15.84 -2.97
C GLN B 91 -10.74 16.74 -2.42
N LYS B 92 -10.42 17.69 -1.54
CA LYS B 92 -11.40 18.56 -0.95
C LYS B 92 -10.97 20.02 -1.06
N ALA B 93 -11.95 20.90 -1.20
CA ALA B 93 -11.72 22.33 -1.30
C ALA B 93 -12.03 22.98 0.03
N ILE B 94 -11.12 23.83 0.50
CA ILE B 94 -11.20 24.42 1.83
C ILE B 94 -11.51 25.91 1.68
N ILE B 95 -12.59 26.35 2.32
CA ILE B 95 -12.98 27.75 2.35
C ILE B 95 -12.43 28.37 3.62
N TRP B 96 -11.56 29.35 3.46
CA TRP B 96 -10.88 30.00 4.58
C TRP B 96 -11.60 31.27 4.96
N ASN B 97 -11.76 31.48 6.26
CA ASN B 97 -12.34 32.71 6.80
C ASN B 97 -11.21 33.51 7.43
N LEU B 98 -10.83 34.61 6.76
CA LEU B 98 -9.71 35.42 7.26
C LEU B 98 -10.11 36.27 8.46
N ALA B 99 -11.41 36.47 8.70
CA ALA B 99 -11.83 37.12 9.92
C ALA B 99 -11.58 36.24 11.14
N LYS B 100 -11.57 34.92 10.94
CA LYS B 100 -11.23 33.99 12.00
C LYS B 100 -9.74 34.05 12.29
N SER B 101 -9.35 33.51 13.45
CA SER B 101 -7.96 33.48 13.84
C SER B 101 -7.18 32.49 12.97
N SER B 102 -5.85 32.63 12.98
CA SER B 102 -5.00 31.80 12.14
C SER B 102 -4.94 30.35 12.63
N SER B 103 -5.21 30.11 13.91
CA SER B 103 -5.20 28.75 14.41
C SER B 103 -6.35 27.93 13.83
N ASN B 104 -7.53 28.53 13.72
CA ASN B 104 -8.70 27.91 13.11
C ASN B 104 -9.32 28.92 12.17
N ALA B 105 -8.83 28.94 10.92
CA ALA B 105 -9.33 29.86 9.90
C ALA B 105 -10.22 29.17 8.88
N ILE B 106 -10.41 27.87 8.99
CA ILE B 106 -11.21 27.12 8.03
C ILE B 106 -12.68 27.23 8.44
N GLU B 107 -13.52 27.70 7.52
CA GLU B 107 -14.94 27.83 7.80
C GLU B 107 -15.69 26.54 7.45
N PHE B 108 -15.63 26.10 6.20
CA PHE B 108 -16.22 24.83 5.82
C PHE B 108 -15.43 24.26 4.65
N VAL B 109 -15.55 22.95 4.47
CA VAL B 109 -14.79 22.19 3.48
C VAL B 109 -15.78 21.49 2.55
N LEU B 110 -15.56 21.62 1.25
CA LEU B 110 -16.37 20.92 0.27
C LEU B 110 -15.82 19.52 0.06
N HIS B 111 -16.61 18.52 0.41
CA HIS B 111 -16.20 17.12 0.30
C HIS B 111 -16.88 16.53 -0.93
N GLY B 112 -16.22 16.66 -2.07
CA GLY B 112 -16.76 16.24 -3.35
C GLY B 112 -16.02 15.07 -3.97
N HIS B 113 -15.08 15.38 -4.85
CA HIS B 113 -14.38 14.40 -5.66
C HIS B 113 -13.56 13.44 -4.80
N SER B 114 -13.21 12.30 -5.41
CA SER B 114 -12.38 11.29 -4.75
C SER B 114 -10.90 11.52 -4.99
N ARG B 115 -10.52 12.04 -6.16
CA ARG B 115 -9.13 12.35 -6.48
C ARG B 115 -8.92 13.85 -6.35
N ALA B 116 -7.69 14.29 -6.64
CA ALA B 116 -7.27 15.66 -6.33
C ALA B 116 -8.03 16.68 -7.18
N ILE B 117 -8.47 17.76 -6.53
CA ILE B 117 -9.14 18.83 -7.25
C ILE B 117 -8.12 19.57 -8.09
N THR B 118 -8.43 19.72 -9.39
CA THR B 118 -7.47 20.27 -10.34
C THR B 118 -7.61 21.78 -10.49
N ASP B 119 -8.83 22.27 -10.70
CA ASP B 119 -9.08 23.70 -10.83
C ASP B 119 -10.41 24.06 -10.20
N ILE B 120 -10.51 25.31 -9.75
CA ILE B 120 -11.71 25.87 -9.16
C ILE B 120 -11.95 27.25 -9.78
N ASN B 121 -13.21 27.58 -10.03
CA ASN B 121 -13.55 28.87 -10.60
C ASN B 121 -14.88 29.36 -10.02
N PHE B 122 -15.02 30.68 -9.95
CA PHE B 122 -16.22 31.34 -9.46
C PHE B 122 -17.03 31.87 -10.63
N ASN B 123 -18.35 31.82 -10.50
CA ASN B 123 -19.24 32.36 -11.52
C ASN B 123 -19.20 33.88 -11.46
N PRO B 124 -18.85 34.57 -12.56
CA PRO B 124 -18.80 36.04 -12.52
C PRO B 124 -20.15 36.71 -12.31
N GLN B 125 -21.23 36.12 -12.84
CA GLN B 125 -22.55 36.72 -12.65
C GLN B 125 -23.05 36.50 -11.23
N HIS B 126 -22.89 35.28 -10.71
CA HIS B 126 -23.33 34.92 -9.35
C HIS B 126 -22.11 34.46 -8.56
N PRO B 127 -21.47 35.35 -7.78
CA PRO B 127 -20.20 35.00 -7.14
C PRO B 127 -20.31 34.01 -5.98
N ASP B 128 -21.51 33.54 -5.65
CA ASP B 128 -21.68 32.50 -4.64
C ASP B 128 -21.71 31.10 -5.23
N VAL B 129 -21.47 30.97 -6.54
CA VAL B 129 -21.47 29.69 -7.22
C VAL B 129 -20.04 29.36 -7.62
N LEU B 130 -19.59 28.17 -7.26
CA LEU B 130 -18.22 27.73 -7.51
C LEU B 130 -18.25 26.38 -8.21
N ALA B 131 -17.38 26.23 -9.22
CA ALA B 131 -17.26 24.99 -9.96
C ALA B 131 -15.87 24.41 -9.75
N THR B 132 -15.81 23.12 -9.43
CA THR B 132 -14.55 22.42 -9.17
C THR B 132 -14.40 21.27 -10.15
N CYS B 133 -13.20 21.13 -10.71
CA CYS B 133 -12.85 20.01 -11.58
C CYS B 133 -11.66 19.28 -10.96
N SER B 134 -11.54 18.00 -11.31
CA SER B 134 -10.61 17.14 -10.60
C SER B 134 -10.06 16.05 -11.51
N VAL B 135 -9.11 15.29 -10.95
CA VAL B 135 -8.46 14.20 -11.67
C VAL B 135 -9.39 13.00 -11.83
N ASP B 136 -10.41 12.87 -10.98
CA ASP B 136 -11.30 11.71 -11.05
C ASP B 136 -12.37 11.84 -12.13
N THR B 137 -12.17 12.74 -13.11
CA THR B 137 -13.08 12.98 -14.24
C THR B 137 -14.47 13.38 -13.75
N TYR B 138 -14.53 14.51 -13.06
CA TYR B 138 -15.79 15.07 -12.60
C TYR B 138 -15.69 16.58 -12.51
N VAL B 139 -16.76 17.26 -12.90
CA VAL B 139 -16.90 18.69 -12.72
C VAL B 139 -18.13 18.91 -11.84
N HIS B 140 -17.90 19.44 -10.64
CA HIS B 140 -18.96 19.66 -9.67
C HIS B 140 -19.17 21.16 -9.50
N ALA B 141 -20.43 21.58 -9.54
CA ALA B 141 -20.80 22.98 -9.28
C ALA B 141 -21.40 23.07 -7.89
N TRP B 142 -20.85 23.97 -7.08
CA TRP B 142 -21.26 24.12 -5.69
C TRP B 142 -21.95 25.46 -5.47
N ASP B 143 -22.72 25.53 -4.39
CA ASP B 143 -23.31 26.77 -3.92
C ASP B 143 -22.77 27.07 -2.54
N MET B 144 -22.26 28.29 -2.34
CA MET B 144 -21.68 28.64 -1.06
C MET B 144 -22.73 28.93 0.01
N ARG B 145 -24.00 29.09 -0.38
CA ARG B 145 -25.07 29.22 0.60
C ARG B 145 -25.40 27.88 1.25
N SER B 146 -25.28 26.79 0.50
CA SER B 146 -25.48 25.43 1.01
C SER B 146 -24.28 24.59 0.61
N PRO B 147 -23.15 24.73 1.32
CA PRO B 147 -21.90 24.07 0.90
C PRO B 147 -21.74 22.67 1.49
N HIS B 148 -22.69 21.79 1.18
CA HIS B 148 -22.63 20.41 1.63
C HIS B 148 -22.63 19.40 0.50
N ARG B 149 -23.48 19.60 -0.51
CA ARG B 149 -23.53 18.76 -1.70
C ARG B 149 -23.58 19.65 -2.92
N PRO B 150 -22.99 19.21 -4.03
CA PRO B 150 -23.07 20.01 -5.26
C PRO B 150 -24.46 19.95 -5.87
N PHE B 151 -24.88 21.06 -6.46
CA PHE B 151 -26.16 21.14 -7.14
C PHE B 151 -26.06 20.74 -8.61
N TYR B 152 -24.86 20.42 -9.09
CA TYR B 152 -24.67 20.01 -10.48
C TYR B 152 -23.45 19.13 -10.55
N SER B 153 -23.59 17.97 -11.20
CA SER B 153 -22.49 17.05 -11.40
C SER B 153 -22.44 16.64 -12.86
N THR B 154 -21.24 16.63 -13.43
CA THR B 154 -21.05 16.17 -14.80
C THR B 154 -19.65 15.59 -14.92
N SER B 155 -19.43 14.83 -15.99
CA SER B 155 -18.19 14.09 -16.14
C SER B 155 -17.86 13.92 -17.61
N SER B 156 -16.58 13.71 -17.89
CA SER B 156 -16.12 13.32 -19.21
C SER B 156 -15.89 11.83 -19.35
N TRP B 157 -15.73 11.12 -18.23
CA TRP B 157 -15.65 9.67 -18.07
C TRP B 157 -14.39 9.04 -18.64
N ARG B 158 -13.54 9.80 -19.32
CA ARG B 158 -12.32 9.22 -19.88
C ARG B 158 -11.05 9.86 -19.33
N SER B 159 -10.93 11.18 -19.40
CA SER B 159 -9.68 11.87 -19.13
C SER B 159 -9.84 12.84 -17.97
N ALA B 160 -8.76 13.00 -17.21
CA ALA B 160 -8.76 13.90 -16.06
C ALA B 160 -8.88 15.34 -16.51
N ALA B 161 -9.64 16.12 -15.76
CA ALA B 161 -9.85 17.52 -16.10
C ALA B 161 -8.61 18.35 -15.78
N SER B 162 -8.47 19.45 -16.51
CA SER B 162 -7.37 20.39 -16.30
C SER B 162 -7.84 21.76 -15.85
N GLN B 163 -8.92 22.29 -16.41
CA GLN B 163 -9.53 23.53 -15.94
C GLN B 163 -11.03 23.45 -16.06
N VAL B 164 -11.70 24.32 -15.32
CA VAL B 164 -13.13 24.59 -15.47
C VAL B 164 -13.31 26.11 -15.45
N LYS B 165 -14.10 26.62 -16.40
CA LYS B 165 -14.32 28.05 -16.52
C LYS B 165 -15.80 28.32 -16.77
N TRP B 166 -16.26 29.45 -16.25
CA TRP B 166 -17.64 29.88 -16.41
C TRP B 166 -17.74 30.88 -17.57
N ASN B 167 -18.95 30.98 -18.12
CA ASN B 167 -19.23 31.97 -19.16
C ASN B 167 -19.60 33.29 -18.51
N TYR B 168 -18.97 34.37 -18.99
CA TYR B 168 -19.21 35.68 -18.39
C TYR B 168 -20.59 36.22 -18.73
N LYS B 169 -21.11 35.90 -19.91
CA LYS B 169 -22.42 36.42 -20.33
C LYS B 169 -23.55 35.50 -19.89
N ASP B 170 -23.52 34.26 -20.34
CA ASP B 170 -24.62 33.34 -20.08
C ASP B 170 -24.34 32.63 -18.76
N PRO B 171 -25.12 32.89 -17.70
CA PRO B 171 -24.71 32.51 -16.34
C PRO B 171 -24.98 31.07 -15.96
N ASN B 172 -25.25 30.17 -16.90
CA ASN B 172 -25.37 28.76 -16.59
C ASN B 172 -24.70 27.90 -17.67
N VAL B 173 -23.63 28.40 -18.26
CA VAL B 173 -22.82 27.67 -19.23
C VAL B 173 -21.39 27.64 -18.73
N LEU B 174 -20.83 26.44 -18.57
CA LEU B 174 -19.46 26.30 -18.12
C LEU B 174 -18.76 25.25 -18.97
N ALA B 175 -17.46 25.44 -19.18
CA ALA B 175 -16.66 24.56 -20.02
C ALA B 175 -15.51 23.97 -19.22
N SER B 176 -15.12 22.76 -19.60
CA SER B 176 -14.02 22.05 -18.97
C SER B 176 -13.14 21.40 -20.04
N SER B 177 -11.85 21.29 -19.74
CA SER B 177 -10.88 20.68 -20.64
C SER B 177 -10.39 19.38 -20.02
N HIS B 178 -10.55 18.28 -20.75
CA HIS B 178 -10.19 16.95 -20.29
C HIS B 178 -9.22 16.35 -21.30
N GLY B 179 -7.92 16.58 -21.11
CA GLY B 179 -6.93 16.07 -22.02
C GLY B 179 -6.91 16.83 -23.34
N ASN B 180 -7.23 16.14 -24.43
CA ASN B 180 -7.22 16.77 -25.75
C ASN B 180 -8.55 17.43 -26.09
N ASP B 181 -9.58 17.26 -25.26
CA ASP B 181 -10.93 17.66 -25.60
C ASP B 181 -11.42 18.76 -24.66
N ILE B 182 -12.27 19.63 -25.21
CA ILE B 182 -12.95 20.67 -24.44
C ILE B 182 -14.44 20.45 -24.57
N PHE B 183 -15.11 20.30 -23.42
CA PHE B 183 -16.55 20.08 -23.38
C PHE B 183 -17.22 21.30 -22.77
N VAL B 184 -18.28 21.78 -23.41
CA VAL B 184 -19.04 22.93 -22.93
C VAL B 184 -20.34 22.41 -22.33
N TRP B 185 -20.56 22.66 -21.05
CA TRP B 185 -21.71 22.17 -20.32
C TRP B 185 -22.75 23.27 -20.15
N ASP B 186 -24.01 22.91 -20.31
CA ASP B 186 -25.12 23.75 -19.92
C ASP B 186 -25.64 23.26 -18.58
N LEU B 187 -25.82 24.18 -17.63
CA LEU B 187 -26.16 23.81 -16.27
C LEU B 187 -27.59 23.26 -16.15
N ARG B 188 -28.45 23.55 -17.13
CA ARG B 188 -29.80 22.98 -17.17
C ARG B 188 -29.91 21.77 -18.07
N LYS B 189 -28.81 21.32 -18.70
CA LYS B 189 -28.87 20.21 -19.64
C LYS B 189 -28.14 18.98 -19.11
N GLY B 190 -27.94 18.89 -17.80
CA GLY B 190 -27.37 17.69 -17.20
C GLY B 190 -25.92 17.45 -17.60
N SER B 191 -25.59 16.19 -17.83
CA SER B 191 -24.24 15.81 -18.21
C SER B 191 -24.01 15.82 -19.72
N THR B 192 -25.04 16.01 -20.53
CA THR B 192 -24.85 16.06 -21.96
C THR B 192 -24.25 17.42 -22.36
N PRO B 193 -23.12 17.43 -23.05
CA PRO B 193 -22.49 18.71 -23.38
C PRO B 193 -23.21 19.44 -24.49
N LEU B 194 -23.15 20.77 -24.41
CA LEU B 194 -23.65 21.60 -25.50
C LEU B 194 -22.83 21.41 -26.77
N CYS B 195 -21.51 21.32 -26.62
CA CYS B 195 -20.62 21.09 -27.75
C CYS B 195 -19.35 20.45 -27.25
N SER B 196 -18.61 19.84 -28.16
CA SER B 196 -17.35 19.16 -27.85
C SER B 196 -16.29 19.65 -28.82
N LEU B 197 -15.45 20.59 -28.38
CA LEU B 197 -14.37 21.12 -29.20
C LEU B 197 -13.23 20.11 -29.23
N LYS B 198 -12.93 19.58 -30.42
CA LYS B 198 -12.01 18.46 -30.58
C LYS B 198 -11.02 18.72 -31.70
N GLY B 199 -10.41 19.89 -31.69
CA GLY B 199 -9.44 20.23 -32.72
C GLY B 199 -7.99 20.14 -32.27
N HIS B 200 -7.76 19.82 -31.00
CA HIS B 200 -6.41 19.83 -30.45
C HIS B 200 -5.75 18.47 -30.61
N VAL B 201 -4.45 18.48 -30.89
CA VAL B 201 -3.68 17.26 -31.04
C VAL B 201 -3.15 16.77 -29.71
N SER B 202 -2.47 17.64 -28.96
CA SER B 202 -1.92 17.27 -27.66
C SER B 202 -2.93 17.64 -26.57
N SER B 203 -2.49 17.58 -25.32
CA SER B 203 -3.38 17.79 -24.18
C SER B 203 -3.60 19.28 -23.94
N VAL B 204 -4.86 19.67 -23.78
CA VAL B 204 -5.21 21.06 -23.53
C VAL B 204 -4.92 21.39 -22.07
N ASN B 205 -4.15 22.46 -21.85
CA ASN B 205 -3.79 22.88 -20.50
C ASN B 205 -4.74 23.91 -19.94
N SER B 206 -5.01 24.97 -20.69
CA SER B 206 -5.81 26.09 -20.20
C SER B 206 -6.99 26.34 -21.11
N ILE B 207 -8.07 26.82 -20.50
CA ILE B 207 -9.29 27.19 -21.21
C ILE B 207 -9.74 28.54 -20.66
N ASP B 208 -10.38 29.33 -21.52
CA ASP B 208 -10.80 30.68 -21.11
C ASP B 208 -11.94 31.15 -22.00
N PHE B 209 -12.98 31.70 -21.38
CA PHE B 209 -14.10 32.29 -22.09
C PHE B 209 -13.80 33.73 -22.46
N ASN B 210 -14.63 34.28 -23.34
CA ASN B 210 -14.55 35.70 -23.69
C ASN B 210 -15.54 36.47 -22.83
N ARG B 211 -15.08 37.58 -22.25
CA ARG B 211 -15.94 38.36 -21.36
C ARG B 211 -17.00 39.13 -22.11
N PHE B 212 -16.82 39.37 -23.40
CA PHE B 212 -17.72 40.20 -24.17
C PHE B 212 -18.62 39.41 -25.11
N LYS B 213 -18.11 38.37 -25.74
CA LYS B 213 -18.93 37.52 -26.60
C LYS B 213 -19.54 36.38 -25.79
N TYR B 214 -20.76 36.01 -26.19
CA TYR B 214 -21.48 34.95 -25.48
C TYR B 214 -20.83 33.58 -25.71
N SER B 215 -20.26 33.36 -26.90
CA SER B 215 -19.92 32.03 -27.35
C SER B 215 -18.52 32.00 -27.96
N GLU B 216 -17.54 32.56 -27.27
CA GLU B 216 -16.16 32.52 -27.73
C GLU B 216 -15.27 31.98 -26.63
N ILE B 217 -14.42 31.00 -26.97
CA ILE B 217 -13.52 30.35 -26.03
C ILE B 217 -12.15 30.27 -26.68
N MET B 218 -11.10 30.62 -25.93
CA MET B 218 -9.74 30.38 -26.36
C MET B 218 -9.15 29.20 -25.58
N SER B 219 -8.26 28.46 -26.23
CA SER B 219 -7.67 27.27 -25.65
C SER B 219 -6.16 27.27 -25.90
N SER B 220 -5.45 26.50 -25.09
CA SER B 220 -4.00 26.37 -25.24
C SER B 220 -3.59 24.97 -24.82
N SER B 221 -2.68 24.36 -25.59
CA SER B 221 -2.30 22.97 -25.39
C SER B 221 -0.78 22.84 -25.35
N ASN B 222 -0.31 21.59 -25.23
CA ASN B 222 1.11 21.30 -25.10
C ASN B 222 1.84 21.32 -26.43
N ASP B 223 1.14 21.23 -27.55
CA ASP B 223 1.79 21.21 -28.85
C ASP B 223 2.25 22.58 -29.30
N GLY B 224 1.91 23.64 -28.57
CA GLY B 224 2.25 24.99 -28.97
C GLY B 224 1.15 25.73 -29.69
N THR B 225 -0.06 25.20 -29.72
CA THR B 225 -1.15 25.78 -30.48
C THR B 225 -2.13 26.49 -29.55
N VAL B 226 -2.42 27.75 -29.85
CA VAL B 226 -3.47 28.51 -29.19
C VAL B 226 -4.65 28.61 -30.16
N LYS B 227 -5.77 28.02 -29.78
CA LYS B 227 -6.93 27.91 -30.66
C LYS B 227 -8.08 28.75 -30.12
N PHE B 228 -8.69 29.53 -31.01
CA PHE B 228 -9.84 30.36 -30.69
C PHE B 228 -11.09 29.75 -31.29
N TRP B 229 -12.13 29.60 -30.48
CA TRP B 229 -13.33 28.87 -30.87
C TRP B 229 -14.54 29.79 -30.85
N ASP B 230 -15.55 29.43 -31.64
CA ASP B 230 -16.86 30.07 -31.63
C ASP B 230 -17.87 28.95 -31.83
N TYR B 231 -18.40 28.43 -30.73
CA TYR B 231 -19.25 27.25 -30.80
C TYR B 231 -20.67 27.56 -31.25
N SER B 232 -21.03 28.82 -31.42
CA SER B 232 -22.28 29.14 -32.10
C SER B 232 -22.18 28.81 -33.59
N LYS B 233 -21.00 28.98 -34.17
CA LYS B 233 -20.82 28.69 -35.59
C LYS B 233 -20.56 27.21 -35.85
N SER B 234 -19.47 26.68 -35.31
CA SER B 234 -19.08 25.30 -35.59
C SER B 234 -18.33 24.73 -34.41
N THR B 235 -18.74 23.53 -33.97
CA THR B 235 -18.01 22.83 -32.92
C THR B 235 -16.67 22.33 -33.43
N THR B 236 -16.66 21.70 -34.60
CA THR B 236 -15.41 21.29 -35.22
C THR B 236 -14.68 22.51 -35.79
N GLU B 237 -13.36 22.38 -35.90
CA GLU B 237 -12.42 23.40 -36.37
C GLU B 237 -12.44 24.66 -35.52
N SER B 238 -11.57 25.61 -35.84
CA SER B 238 -11.39 26.81 -35.03
C SER B 238 -11.45 28.05 -35.90
N LYS B 239 -11.87 29.15 -35.27
CA LYS B 239 -11.85 30.44 -35.95
C LYS B 239 -10.42 30.89 -36.24
N ARG B 240 -9.51 30.67 -35.28
CA ARG B 240 -8.10 31.00 -35.45
C ARG B 240 -7.26 29.93 -34.77
N THR B 241 -6.02 29.78 -35.25
CA THR B 241 -5.07 28.85 -34.68
C THR B 241 -3.70 29.49 -34.70
N VAL B 242 -3.14 29.75 -33.52
CA VAL B 242 -1.86 30.41 -33.37
C VAL B 242 -0.86 29.41 -32.83
N THR B 243 0.25 29.24 -33.56
CA THR B 243 1.26 28.23 -33.21
C THR B 243 2.47 28.90 -32.58
N THR B 244 2.91 28.36 -31.45
CA THR B 244 4.10 28.84 -30.75
C THR B 244 5.18 27.76 -30.78
N ASN B 245 6.38 28.14 -30.35
CA ASN B 245 7.51 27.22 -30.29
C ASN B 245 7.64 26.54 -28.94
N PHE B 246 6.72 26.81 -28.01
CA PHE B 246 6.77 26.29 -26.66
C PHE B 246 5.39 25.80 -26.28
N PRO B 247 5.29 24.82 -25.38
CA PRO B 247 3.99 24.47 -24.81
C PRO B 247 3.46 25.61 -23.95
N ILE B 248 2.14 25.73 -23.90
CA ILE B 248 1.48 26.81 -23.17
C ILE B 248 0.78 26.22 -21.96
N TRP B 249 1.05 26.78 -20.78
CA TRP B 249 0.45 26.29 -19.55
C TRP B 249 -0.83 27.05 -19.20
N ARG B 250 -0.79 28.38 -19.25
CA ARG B 250 -1.94 29.21 -18.95
C ARG B 250 -2.13 30.24 -20.05
N GLY B 251 -3.27 30.18 -20.74
CA GLY B 251 -3.65 31.18 -21.70
C GLY B 251 -5.00 31.78 -21.35
N ARG B 252 -5.09 33.10 -21.29
CA ARG B 252 -6.31 33.76 -20.87
C ARG B 252 -6.53 35.02 -21.69
N TYR B 253 -7.80 35.43 -21.79
CA TYR B 253 -8.13 36.68 -22.45
C TYR B 253 -7.75 37.86 -21.57
N LEU B 254 -7.51 39.00 -22.21
CA LEU B 254 -7.18 40.20 -21.48
C LEU B 254 -8.41 40.76 -20.77
N PRO B 255 -8.27 41.31 -19.57
CA PRO B 255 -9.41 41.96 -18.93
C PRO B 255 -9.71 43.34 -19.50
N PHE B 256 -8.81 43.89 -20.31
CA PHE B 256 -8.98 45.19 -20.94
C PHE B 256 -8.67 45.07 -22.41
N GLY B 257 -9.47 45.72 -23.23
CA GLY B 257 -9.24 45.73 -24.66
C GLY B 257 -9.54 44.40 -25.31
N GLU B 258 -9.11 44.29 -26.56
CA GLU B 258 -9.26 43.06 -27.34
C GLU B 258 -7.89 42.42 -27.48
N GLY B 259 -7.67 41.33 -26.75
CA GLY B 259 -6.38 40.68 -26.75
C GLY B 259 -6.38 39.51 -25.82
N TYR B 260 -5.23 38.85 -25.74
CA TYR B 260 -5.09 37.65 -24.91
C TYR B 260 -3.65 37.54 -24.44
N CYS B 261 -3.47 36.79 -23.35
CA CYS B 261 -2.19 36.69 -22.67
C CYS B 261 -1.88 35.22 -22.42
N ILE B 262 -0.83 34.70 -23.07
CA ILE B 262 -0.39 33.34 -22.87
C ILE B 262 1.02 33.35 -22.29
N MET B 263 1.36 32.29 -21.58
CA MET B 263 2.66 32.12 -20.97
C MET B 263 3.14 30.71 -21.20
N PRO B 264 4.45 30.50 -21.30
CA PRO B 264 4.97 29.17 -21.63
C PRO B 264 4.85 28.19 -20.46
N MET B 265 5.18 26.94 -20.76
CA MET B 265 5.08 25.83 -19.82
C MET B 265 6.44 25.36 -19.32
N VAL B 266 7.37 25.10 -20.23
CA VAL B 266 8.72 24.71 -19.83
C VAL B 266 9.81 25.55 -20.51
N GLY B 267 9.56 26.17 -21.65
CA GLY B 267 10.59 26.95 -22.31
C GLY B 267 10.16 28.39 -22.54
N GLY B 268 10.38 28.89 -23.76
CA GLY B 268 9.90 30.20 -24.16
C GLY B 268 10.48 31.36 -23.38
N ASN B 269 11.74 31.24 -22.95
CA ASN B 269 12.50 32.24 -22.20
C ASN B 269 11.89 32.59 -20.84
N ASN B 270 10.87 31.85 -20.41
CA ASN B 270 10.14 32.06 -19.15
C ASN B 270 9.62 33.49 -19.03
N ALA B 271 8.98 33.97 -20.08
CA ALA B 271 8.44 35.31 -20.14
C ALA B 271 6.98 35.27 -20.56
N VAL B 272 6.15 36.06 -19.88
CA VAL B 272 4.73 36.12 -20.19
C VAL B 272 4.54 36.96 -21.44
N TYR B 273 3.76 36.45 -22.39
CA TYR B 273 3.60 37.07 -23.71
C TYR B 273 2.22 37.67 -23.84
N LEU B 274 2.17 38.91 -24.35
CA LEU B 274 0.93 39.65 -24.57
C LEU B 274 0.74 39.86 -26.05
N ILE B 275 -0.39 39.39 -26.58
CA ILE B 275 -0.66 39.36 -28.01
C ILE B 275 -1.95 40.10 -28.27
N ASN B 276 -1.93 41.00 -29.26
CA ASN B 276 -3.14 41.69 -29.69
C ASN B 276 -4.06 40.73 -30.44
N LEU B 277 -5.37 40.98 -30.32
CA LEU B 277 -6.39 40.22 -31.04
C LEU B 277 -7.31 41.23 -31.71
N CYS B 278 -6.90 41.67 -32.91
CA CYS B 278 -7.67 42.64 -33.68
C CYS B 278 -7.43 42.33 -35.16
N ASP B 279 -8.33 41.55 -35.74
CA ASP B 279 -8.22 41.16 -37.15
C ASP B 279 -9.63 40.93 -37.68
N ASP B 280 -9.72 40.32 -38.86
CA ASP B 280 -11.00 40.03 -39.49
C ASP B 280 -11.66 38.83 -38.84
N ASN B 286 -10.67 29.45 -40.22
CA ASN B 286 -9.38 28.80 -40.08
C ASN B 286 -8.25 29.71 -40.56
N LYS B 287 -7.29 29.98 -39.68
CA LYS B 287 -6.13 30.80 -40.01
C LYS B 287 -4.95 30.30 -39.19
N LYS B 288 -4.16 29.42 -39.80
CA LYS B 288 -2.99 28.85 -39.14
C LYS B 288 -1.85 29.87 -39.21
N THR B 289 -1.69 30.65 -38.14
CA THR B 289 -0.68 31.68 -38.07
C THR B 289 0.34 31.34 -36.99
N LYS B 290 1.29 32.26 -36.79
CA LYS B 290 2.30 32.15 -35.75
C LYS B 290 2.04 33.19 -34.67
N LEU B 291 2.83 33.12 -33.60
CA LEU B 291 2.69 34.03 -32.48
C LEU B 291 3.47 35.31 -32.77
N GLN B 292 2.78 36.45 -32.71
CA GLN B 292 3.41 37.76 -32.86
C GLN B 292 3.00 38.61 -31.66
N PRO B 293 3.69 38.47 -30.53
CA PRO B 293 3.33 39.23 -29.33
C PRO B 293 3.75 40.68 -29.44
N ILE B 294 3.10 41.51 -28.63
CA ILE B 294 3.48 42.91 -28.50
C ILE B 294 4.53 43.10 -27.42
N TYR B 295 4.26 42.61 -26.22
CA TYR B 295 5.16 42.77 -25.08
C TYR B 295 5.48 41.42 -24.48
N ALA B 296 6.74 41.25 -24.11
CA ALA B 296 7.21 40.05 -23.41
C ALA B 296 7.79 40.49 -22.08
N PHE B 297 7.27 39.95 -20.99
CA PHE B 297 7.69 40.33 -19.65
C PHE B 297 8.91 39.51 -19.29
N LYS B 298 10.09 40.02 -19.68
CA LYS B 298 11.33 39.29 -19.50
C LYS B 298 11.78 39.33 -18.04
N GLY B 299 12.38 38.24 -17.61
CA GLY B 299 12.75 38.03 -16.22
C GLY B 299 12.60 36.57 -15.90
N HIS B 300 12.42 36.27 -14.60
CA HIS B 300 11.95 34.97 -14.15
C HIS B 300 12.85 33.80 -14.56
N SER B 301 14.01 33.67 -13.92
CA SER B 301 15.02 32.68 -14.32
C SER B 301 14.47 31.25 -14.39
N ASP B 302 13.46 30.91 -13.61
CA ASP B 302 12.79 29.63 -13.73
C ASP B 302 11.36 29.90 -14.23
N ARG B 303 10.62 28.83 -14.52
CA ARG B 303 9.35 28.94 -15.23
C ARG B 303 8.27 29.63 -14.42
N VAL B 304 7.37 30.32 -15.12
CA VAL B 304 6.23 30.97 -14.50
C VAL B 304 5.10 29.96 -14.39
N ILE B 305 4.41 29.94 -13.24
CA ILE B 305 3.37 28.95 -13.01
C ILE B 305 1.97 29.55 -12.88
N ASP B 306 1.85 30.87 -12.76
CA ASP B 306 0.57 31.55 -12.89
C ASP B 306 0.80 33.04 -13.11
N PHE B 307 -0.22 33.72 -13.64
CA PHE B 307 -0.23 35.16 -13.77
C PHE B 307 -1.61 35.70 -13.45
N LEU B 308 -1.66 36.91 -12.91
CA LEU B 308 -2.88 37.54 -12.41
C LEU B 308 -2.95 38.96 -12.92
N TRP B 309 -4.04 39.66 -12.58
CA TRP B 309 -4.20 41.06 -12.91
C TRP B 309 -4.68 41.84 -11.69
N ARG B 310 -4.18 43.06 -11.57
CA ARG B 310 -4.49 43.96 -10.46
C ARG B 310 -5.17 45.20 -11.04
N SER B 311 -6.42 45.43 -10.66
CA SER B 311 -7.22 46.50 -11.25
C SER B 311 -7.67 47.48 -10.17
N ARG B 312 -7.55 48.76 -10.47
CA ARG B 312 -8.06 49.83 -9.63
C ARG B 312 -8.78 50.85 -10.49
N HIS B 313 -9.78 51.51 -9.91
CA HIS B 313 -10.58 52.48 -10.64
C HIS B 313 -11.23 53.43 -9.64
N THR B 314 -11.94 54.42 -10.16
CA THR B 314 -12.67 55.36 -9.31
C THR B 314 -13.86 54.67 -8.66
N CYS B 315 -14.24 55.16 -7.48
CA CYS B 315 -15.28 54.50 -6.71
C CYS B 315 -16.67 54.74 -7.29
N ASP B 316 -16.95 55.97 -7.72
CA ASP B 316 -18.30 56.29 -8.20
C ASP B 316 -18.54 55.76 -9.61
N GLY B 317 -17.67 56.10 -10.55
CA GLY B 317 -17.75 55.57 -11.89
C GLY B 317 -18.52 56.44 -12.87
N ASP B 318 -17.81 57.19 -13.68
CA ASP B 318 -18.40 57.91 -14.79
C ASP B 318 -17.69 57.60 -16.11
N TYR B 319 -16.37 57.47 -16.08
CA TYR B 319 -15.58 57.08 -17.24
C TYR B 319 -14.74 55.87 -16.88
N ASP B 320 -14.46 55.03 -17.88
CA ASP B 320 -13.75 53.78 -17.67
C ASP B 320 -12.24 54.04 -17.75
N ASP B 321 -11.71 54.60 -16.67
CA ASP B 321 -10.27 54.85 -16.56
C ASP B 321 -9.73 53.96 -15.44
N ARG B 322 -9.40 52.72 -15.79
CA ARG B 322 -8.84 51.78 -14.84
C ARG B 322 -7.46 51.36 -15.30
N GLU B 323 -6.55 51.22 -14.36
CA GLU B 323 -5.18 50.80 -14.64
C GLU B 323 -5.01 49.34 -14.24
N PHE B 324 -4.07 48.67 -14.89
CA PHE B 324 -3.83 47.25 -14.68
C PHE B 324 -2.36 47.01 -14.39
N GLN B 325 -2.10 46.01 -13.55
CA GLN B 325 -0.75 45.61 -13.19
C GLN B 325 -0.68 44.09 -13.22
N LEU B 326 0.29 43.55 -13.95
CA LEU B 326 0.43 42.11 -14.08
C LEU B 326 1.22 41.57 -12.89
N VAL B 327 0.68 40.52 -12.26
CA VAL B 327 1.33 39.86 -11.14
C VAL B 327 1.63 38.43 -11.56
N THR B 328 2.91 38.05 -11.51
CA THR B 328 3.35 36.73 -11.93
C THR B 328 4.06 36.03 -10.78
N TRP B 329 3.84 34.72 -10.67
CA TRP B 329 4.47 33.90 -9.66
C TRP B 329 5.18 32.74 -10.36
N SER B 330 6.43 32.49 -9.97
CA SER B 330 7.29 31.58 -10.70
C SER B 330 7.85 30.50 -9.78
N LYS B 331 8.51 29.52 -10.41
CA LYS B 331 9.06 28.38 -9.70
C LYS B 331 10.34 28.72 -8.94
N ASP B 332 11.01 29.82 -9.29
CA ASP B 332 12.20 30.26 -8.57
C ASP B 332 11.89 31.04 -7.31
N CYS B 333 10.65 30.93 -6.81
CA CYS B 333 10.19 31.60 -5.59
C CYS B 333 10.33 33.12 -5.71
N ASP B 334 9.78 33.67 -6.79
CA ASP B 334 9.78 35.11 -7.00
C ASP B 334 8.37 35.55 -7.40
N LEU B 335 7.86 36.56 -6.72
CA LEU B 335 6.55 37.14 -7.00
C LEU B 335 6.76 38.54 -7.53
N LYS B 336 6.50 38.74 -8.82
CA LYS B 336 6.84 39.97 -9.52
C LYS B 336 5.59 40.73 -9.93
N LEU B 337 5.65 42.06 -9.79
CA LEU B 337 4.61 42.95 -10.27
C LEU B 337 5.12 43.68 -11.50
N TRP B 338 4.34 43.64 -12.58
CA TRP B 338 4.73 44.23 -13.86
C TRP B 338 3.85 45.42 -14.18
N PRO B 339 4.41 46.63 -14.32
CA PRO B 339 3.60 47.75 -14.77
C PRO B 339 3.21 47.61 -16.23
N ILE B 340 2.07 48.18 -16.57
CA ILE B 340 1.56 48.20 -17.95
C ILE B 340 1.53 49.64 -18.42
N SER B 341 2.22 49.90 -19.53
CA SER B 341 2.32 51.25 -20.07
C SER B 341 1.13 51.58 -20.94
N ASP B 342 0.94 52.88 -21.19
CA ASP B 342 -0.11 53.34 -22.09
C ASP B 342 0.17 52.98 -23.54
N SER B 343 1.42 52.67 -23.89
CA SER B 343 1.71 52.11 -25.20
C SER B 343 1.03 50.76 -25.38
N ILE B 344 1.05 49.93 -24.33
CA ILE B 344 0.31 48.67 -24.37
C ILE B 344 -1.18 48.94 -24.35
N TYR B 345 -1.62 49.96 -23.61
CA TYR B 345 -3.04 50.31 -23.55
C TYR B 345 -3.56 50.83 -24.89
N GLY B 346 -2.69 51.34 -25.75
CA GLY B 346 -3.11 51.81 -27.05
C GLY B 346 -2.93 50.77 -28.13
N LYS B 347 -1.89 49.94 -28.00
CA LYS B 347 -1.67 48.85 -28.95
C LYS B 347 -2.79 47.83 -28.89
N VAL B 348 -3.22 47.48 -27.68
CA VAL B 348 -4.49 46.78 -27.50
C VAL B 348 -5.61 47.80 -27.65
N ASN B 349 -6.67 47.43 -28.36
CA ASN B 349 -7.78 48.35 -28.64
C ASN B 349 -8.58 48.52 -27.36
N PHE B 350 -8.08 49.38 -26.48
CA PHE B 350 -8.68 49.64 -25.17
C PHE B 350 -9.06 51.11 -25.10
N ASP B 351 -10.34 51.40 -24.99
CA ASP B 351 -10.82 52.78 -24.92
C ASP B 351 -10.75 53.23 -23.47
N ARG B 352 -9.60 53.81 -23.10
CA ARG B 352 -9.40 54.32 -21.75
C ARG B 352 -10.20 55.62 -21.60
N GLY B 353 -11.32 55.56 -20.90
CA GLY B 353 -12.21 56.68 -20.78
C GLY B 353 -13.43 56.51 -21.67
N LYS B 354 -14.54 56.08 -21.07
CA LYS B 354 -15.75 55.78 -21.83
C LYS B 354 -16.92 55.76 -20.84
N ARG B 355 -18.06 56.28 -21.29
CA ARG B 355 -19.25 56.27 -20.45
C ARG B 355 -19.72 54.83 -20.20
N LEU B 356 -19.89 54.49 -18.93
CA LEU B 356 -20.18 53.12 -18.54
C LEU B 356 -21.63 52.76 -18.79
N GLU B 357 -21.85 51.61 -19.41
CA GLU B 357 -23.20 51.04 -19.46
C GLU B 357 -23.67 50.61 -18.07
N GLU B 358 -22.78 49.98 -17.31
CA GLU B 358 -23.03 49.61 -15.93
C GLU B 358 -21.81 49.98 -15.10
N LYS B 359 -22.04 50.48 -13.89
CA LYS B 359 -20.94 50.89 -13.03
C LYS B 359 -20.14 49.68 -12.56
N LEU B 360 -18.83 49.87 -12.43
CA LEU B 360 -17.96 48.80 -11.97
C LEU B 360 -18.21 48.49 -10.50
N PRO B 361 -18.03 47.24 -10.08
CA PRO B 361 -18.22 46.90 -8.66
C PRO B 361 -17.17 47.56 -7.78
N ASP B 362 -17.56 47.83 -6.55
CA ASP B 362 -16.71 48.48 -5.56
C ASP B 362 -16.38 47.49 -4.45
N TYR B 363 -15.10 47.26 -4.22
CA TYR B 363 -14.63 46.31 -3.23
C TYR B 363 -13.96 47.04 -2.07
N ASP B 364 -14.08 46.45 -0.89
CA ASP B 364 -13.41 46.99 0.29
C ASP B 364 -11.91 46.76 0.18
N TYR B 365 -11.13 47.79 0.52
CA TYR B 365 -9.68 47.76 0.43
C TYR B 365 -9.02 47.31 1.73
N CYS B 366 -9.73 46.55 2.57
CA CYS B 366 -9.19 46.14 3.85
C CYS B 366 -8.18 45.01 3.68
N SER B 367 -7.05 45.13 4.38
CA SER B 367 -6.05 44.08 4.39
C SER B 367 -6.49 42.93 5.30
N TYR B 368 -5.83 41.79 5.14
CA TYR B 368 -6.10 40.63 5.98
C TYR B 368 -4.80 39.96 6.44
N ASN B 369 -3.66 40.64 6.27
CA ASN B 369 -2.38 40.09 6.72
C ASN B 369 -2.26 40.18 8.23
N LYS B 370 -2.95 41.13 8.86
CA LYS B 370 -2.87 41.30 10.31
C LYS B 370 -3.66 40.21 11.02
N GLU B 371 -3.16 39.82 12.18
CA GLU B 371 -3.79 38.76 12.96
C GLU B 371 -5.08 39.28 13.59
N PRO B 372 -6.22 38.64 13.34
CA PRO B 372 -7.48 39.09 13.95
C PRO B 372 -7.76 38.43 15.28
N GLU B 373 -8.53 39.14 16.10
CA GLU B 373 -8.88 38.65 17.43
C GLU B 373 -10.21 39.26 17.84
N ASN B 374 -10.80 38.71 18.89
CA ASN B 374 -12.08 39.18 19.41
C ASN B 374 -11.93 40.55 20.08
N PHE B 383 -17.01 28.64 33.98
CA PHE B 383 -16.87 29.83 34.81
C PHE B 383 -16.00 30.87 34.14
N ARG B 384 -15.93 32.04 34.74
CA ARG B 384 -15.16 33.14 34.17
C ARG B 384 -13.69 33.00 34.58
N ARG B 385 -12.86 33.89 34.05
CA ARG B 385 -11.43 33.89 34.30
C ARG B 385 -11.00 35.19 34.93
N LEU B 386 -10.18 35.09 35.97
CA LEU B 386 -9.64 36.29 36.60
C LEU B 386 -8.59 36.94 35.70
N ARG B 387 -8.56 38.27 35.72
CA ARG B 387 -7.58 39.01 34.95
C ARG B 387 -6.21 38.85 35.59
N GLU B 388 -5.26 38.31 34.83
CA GLU B 388 -3.95 37.99 35.37
C GLU B 388 -2.91 38.12 34.27
N ASN B 389 -1.69 38.45 34.69
CA ASN B 389 -0.52 38.44 33.82
C ASN B 389 0.34 37.28 34.32
N PHE B 390 0.14 36.12 33.70
CA PHE B 390 0.74 34.88 34.20
C PHE B 390 2.24 34.86 33.96
N VAL B 391 2.65 34.93 32.70
CA VAL B 391 4.05 34.91 32.32
C VAL B 391 4.32 36.15 31.49
N THR B 392 5.55 36.66 31.56
CA THR B 392 5.92 37.85 30.82
C THR B 392 5.97 37.55 29.33
N THR B 393 5.35 38.44 28.54
CA THR B 393 5.36 38.29 27.09
C THR B 393 6.76 38.51 26.52
N SER B 394 7.55 39.39 27.14
CA SER B 394 8.89 39.68 26.64
C SER B 394 9.83 38.49 26.80
N GLY B 395 9.55 37.58 27.73
CA GLY B 395 10.34 36.37 27.85
C GLY B 395 9.97 35.26 26.89
N LEU B 396 8.93 35.44 26.09
CA LEU B 396 8.52 34.44 25.12
C LEU B 396 9.24 34.62 23.80
N LYS B 400 13.24 37.33 16.00
CA LYS B 400 12.53 37.49 14.73
C LYS B 400 13.48 37.41 13.55
N THR B 401 13.95 36.19 13.26
CA THR B 401 14.80 35.98 12.10
C THR B 401 14.01 35.74 10.82
N ASN B 402 12.76 35.29 10.93
CA ASN B 402 11.91 35.13 9.74
C ASN B 402 11.61 36.47 9.10
N HIS B 403 11.36 37.50 9.92
CA HIS B 403 11.14 38.86 9.40
C HIS B 403 12.40 39.38 8.72
N ILE B 404 13.56 39.19 9.34
CA ILE B 404 14.79 39.74 8.81
C ILE B 404 15.27 38.97 7.59
N THR B 405 14.80 37.73 7.38
CA THR B 405 15.08 37.03 6.13
C THR B 405 14.03 37.31 5.07
N TRP B 406 12.79 37.60 5.46
CA TRP B 406 11.77 37.98 4.51
C TRP B 406 12.06 39.34 3.90
N LEU B 407 12.61 40.27 4.69
CA LEU B 407 12.93 41.59 4.17
C LEU B 407 14.09 41.59 3.19
N SER B 408 14.86 40.49 3.10
CA SER B 408 15.95 40.41 2.13
C SER B 408 15.42 40.20 0.72
N GLY B 409 14.28 39.54 0.58
CA GLY B 409 13.71 39.26 -0.72
C GLY B 409 12.88 40.35 -1.33
N ILE B 410 12.67 41.45 -0.63
CA ILE B 410 11.87 42.57 -1.14
C ILE B 410 12.77 43.45 -1.99
N ARG B 411 12.43 43.61 -3.25
CA ARG B 411 13.19 44.45 -4.18
C ARG B 411 12.21 45.36 -4.90
N MET B 412 12.32 46.67 -4.65
CA MET B 412 11.47 47.66 -5.30
C MET B 412 12.18 48.12 -6.56
N ASN B 413 11.95 47.40 -7.66
CA ASN B 413 12.60 47.72 -8.93
C ASN B 413 11.96 48.94 -9.57
N ILE B 427 22.13 50.92 -1.26
CA ILE B 427 20.92 50.80 -0.46
C ILE B 427 19.88 51.79 -1.00
N GLN B 428 18.74 51.26 -1.43
CA GLN B 428 17.67 52.08 -1.99
C GLN B 428 16.34 51.92 -1.25
N ASN B 429 16.35 51.32 -0.07
CA ASN B 429 15.12 51.08 0.67
C ASN B 429 15.44 50.99 2.16
N LEU B 430 14.43 51.30 2.98
CA LEU B 430 14.59 51.17 4.42
C LEU B 430 14.59 49.70 4.84
N GLY B 431 13.68 48.91 4.27
CA GLY B 431 13.60 47.50 4.61
C GLY B 431 14.81 46.71 4.16
N GLU B 432 15.36 47.06 2.99
CA GLU B 432 16.60 46.43 2.54
C GLU B 432 17.76 46.75 3.46
N GLU B 433 17.82 47.99 3.95
CA GLU B 433 18.83 48.38 4.93
C GLU B 433 18.68 47.59 6.22
N VAL B 434 17.44 47.46 6.70
CA VAL B 434 17.18 46.73 7.95
C VAL B 434 17.58 45.26 7.80
N SER B 435 17.24 44.65 6.67
CA SER B 435 17.59 43.25 6.44
C SER B 435 19.09 43.05 6.29
N ALA B 436 19.78 43.98 5.62
CA ALA B 436 21.23 43.89 5.47
C ALA B 436 21.94 44.01 6.80
N ILE B 437 21.47 44.91 7.67
CA ILE B 437 22.07 45.07 8.98
C ILE B 437 21.77 43.85 9.86
N GLY B 438 20.54 43.33 9.78
CA GLY B 438 20.22 42.12 10.52
C GLY B 438 21.02 40.91 10.09
N HIS B 439 21.34 40.82 8.80
CA HIS B 439 22.22 39.76 8.34
C HIS B 439 23.69 40.03 8.70
N LYS B 440 24.06 41.31 8.83
CA LYS B 440 25.45 41.64 9.16
C LYS B 440 25.76 41.34 10.62
N PHE B 441 24.81 41.60 11.52
CA PHE B 441 25.00 41.44 12.96
C PHE B 441 24.01 40.39 13.48
N PRO B 442 24.43 39.13 13.61
CA PRO B 442 23.53 38.12 14.18
C PRO B 442 23.34 38.28 15.68
N LYS B 443 24.23 38.98 16.39
CA LYS B 443 24.08 39.16 17.83
C LYS B 443 23.01 40.17 18.18
N VAL B 444 22.74 41.13 17.30
CA VAL B 444 21.72 42.15 17.57
C VAL B 444 20.36 41.52 17.40
N VAL B 445 19.53 41.60 18.44
CA VAL B 445 18.20 40.98 18.46
C VAL B 445 17.17 42.06 18.18
N PHE B 446 16.33 41.82 17.18
CA PHE B 446 15.26 42.74 16.83
C PHE B 446 13.98 42.36 17.55
N GLU B 447 13.37 43.32 18.22
CA GLU B 447 12.11 43.07 18.92
C GLU B 447 10.89 43.57 18.16
N LYS B 448 11.04 44.65 17.40
CA LYS B 448 9.93 45.21 16.62
C LYS B 448 10.48 45.83 15.35
N ILE B 449 10.17 45.21 14.21
CA ILE B 449 10.50 45.76 12.91
C ILE B 449 9.19 46.12 12.23
N SER B 450 9.04 47.38 11.86
CA SER B 450 7.83 47.85 11.17
C SER B 450 8.26 48.90 10.15
N VAL B 451 8.46 48.48 8.91
CA VAL B 451 8.88 49.39 7.85
C VAL B 451 7.73 50.31 7.46
N SER B 452 6.49 49.82 7.53
CA SER B 452 5.34 50.63 7.16
C SER B 452 5.12 51.79 8.11
N THR B 453 5.27 51.55 9.41
CA THR B 453 5.14 52.60 10.40
C THR B 453 6.48 53.25 10.74
N ARG B 454 7.58 52.78 10.13
CA ARG B 454 8.91 53.37 10.26
C ARG B 454 9.39 53.43 11.70
N GLU B 455 9.07 52.39 12.48
CA GLU B 455 9.46 52.30 13.87
C GLU B 455 10.29 51.02 14.07
N LEU B 456 11.43 51.15 14.75
CA LEU B 456 12.31 50.03 15.01
C LEU B 456 12.60 49.95 16.50
N CYS B 457 12.65 48.72 17.01
CA CYS B 457 12.96 48.48 18.42
C CYS B 457 13.87 47.26 18.49
N LEU B 458 15.14 47.50 18.84
CA LEU B 458 16.16 46.46 18.80
C LEU B 458 16.88 46.39 20.15
N THR B 459 17.23 45.17 20.54
CA THR B 459 17.89 44.89 21.81
C THR B 459 19.28 44.34 21.56
N LEU B 460 20.25 44.75 22.38
CA LEU B 460 21.61 44.30 22.22
C LEU B 460 22.33 44.34 23.56
N ASN B 461 23.55 43.81 23.58
CA ASN B 461 24.44 43.85 24.73
C ASN B 461 25.62 44.74 24.38
N GLY B 462 25.70 45.90 25.02
CA GLY B 462 26.74 46.86 24.72
C GLY B 462 27.68 47.08 25.88
N PRO B 463 28.96 47.32 25.57
CA PRO B 463 29.95 47.60 26.64
C PRO B 463 29.90 49.06 27.08
N TRP B 464 28.88 49.39 27.86
CA TRP B 464 28.67 50.76 28.35
C TRP B 464 28.37 50.75 29.84
N SER B 465 29.18 50.02 30.60
CA SER B 465 29.04 49.94 32.05
C SER B 465 30.13 50.76 32.71
N GLU B 466 29.72 51.71 33.56
CA GLU B 466 30.69 52.57 34.24
C GLU B 466 31.42 51.84 35.37
N GLU B 467 30.78 50.83 35.97
CA GLU B 467 31.41 50.10 37.06
C GLU B 467 32.56 49.23 36.55
N ASN B 468 32.34 48.50 35.46
CA ASN B 468 33.36 47.65 34.88
C ASN B 468 33.34 47.84 33.37
N PRO B 469 34.47 48.17 32.75
CA PRO B 469 34.50 48.29 31.28
C PRO B 469 34.29 46.98 30.54
N ASP B 470 34.56 45.84 31.18
CA ASP B 470 34.36 44.55 30.54
C ASP B 470 32.93 44.04 30.66
N ASP B 471 32.10 44.68 31.49
CA ASP B 471 30.72 44.26 31.65
C ASP B 471 29.87 44.77 30.50
N TYR B 472 28.98 43.91 30.01
CA TYR B 472 28.07 44.25 28.92
C TYR B 472 26.67 44.47 29.48
N ILE B 473 26.05 45.59 29.11
CA ILE B 473 24.74 45.97 29.61
C ILE B 473 23.70 45.71 28.54
N PHE B 474 22.62 45.02 28.90
CA PHE B 474 21.46 44.90 28.02
C PHE B 474 20.82 46.25 27.81
N LEU B 475 20.66 46.64 26.54
CA LEU B 475 20.12 47.95 26.19
C LEU B 475 18.94 47.76 25.25
N ARG B 476 17.90 48.54 25.45
CA ARG B 476 16.76 48.60 24.54
C ARG B 476 16.72 49.99 23.91
N ILE B 477 16.91 50.04 22.59
CA ILE B 477 16.88 51.28 21.83
C ILE B 477 15.73 51.21 20.84
N SER B 478 14.84 52.21 20.90
CA SER B 478 13.73 52.31 19.97
C SER B 478 14.01 53.44 18.99
N ILE B 479 13.92 53.14 17.70
CA ILE B 479 14.28 54.06 16.64
C ILE B 479 13.05 54.39 15.83
N ASN B 480 12.79 55.68 15.62
CA ASN B 480 11.66 56.15 14.84
C ASN B 480 12.17 56.86 13.59
N PHE B 481 11.68 56.44 12.43
CA PHE B 481 12.14 57.07 11.20
C PHE B 481 11.09 58.03 10.65
N PRO B 482 11.50 59.16 10.10
CA PRO B 482 10.54 60.03 9.42
C PRO B 482 10.18 59.48 8.04
N LEU B 483 9.12 60.07 7.47
CA LEU B 483 8.71 59.66 6.12
C LEU B 483 9.67 60.16 5.06
N ASN B 484 10.51 61.14 5.37
CA ASN B 484 11.52 61.62 4.45
C ASN B 484 12.91 61.06 4.75
N TYR B 485 12.99 60.03 5.59
CA TYR B 485 14.25 59.33 5.78
C TYR B 485 14.63 58.60 4.49
N PRO B 486 15.90 58.66 4.07
CA PRO B 486 17.02 59.37 4.68
C PRO B 486 17.41 60.66 3.96
N ASN B 487 16.47 61.54 3.63
CA ASN B 487 16.86 62.80 3.00
C ASN B 487 17.51 63.73 4.03
N LYS B 488 18.14 64.78 3.53
CA LYS B 488 18.84 65.72 4.39
C LYS B 488 17.86 66.50 5.26
N GLY B 489 18.21 66.67 6.53
CA GLY B 489 17.37 67.37 7.47
C GLY B 489 16.30 66.51 8.14
N ASP B 490 16.27 65.20 7.87
CA ASP B 490 15.29 64.29 8.45
C ASP B 490 16.00 63.09 9.06
N PRO B 491 16.59 63.25 10.25
CA PRO B 491 17.30 62.15 10.88
C PRO B 491 16.34 61.22 11.62
N PRO B 492 16.75 59.98 11.89
CA PRO B 492 15.93 59.12 12.75
C PRO B 492 15.96 59.59 14.19
N LYS B 493 14.89 59.28 14.92
CA LYS B 493 14.77 59.63 16.32
C LYS B 493 15.10 58.41 17.17
N PHE B 494 16.11 58.54 18.02
CA PHE B 494 16.56 57.45 18.88
C PHE B 494 16.04 57.67 20.30
N THR B 495 15.35 56.68 20.84
CA THR B 495 14.90 56.69 22.22
C THR B 495 15.39 55.41 22.89
N ILE B 496 16.12 55.57 23.99
CA ILE B 496 16.65 54.45 24.76
C ILE B 496 15.76 54.22 25.97
N GLU B 497 15.39 52.96 26.20
CA GLU B 497 14.56 52.62 27.34
C GLU B 497 15.30 52.89 28.65
N GLU B 498 14.55 53.31 29.67
CA GLU B 498 15.12 53.67 30.97
C GLU B 498 15.69 52.42 31.64
N ASN B 499 17.00 52.37 31.79
CA ASN B 499 17.70 51.23 32.36
C ASN B 499 18.34 51.62 33.68
N SER B 500 18.15 50.78 34.70
CA SER B 500 18.79 51.03 35.98
C SER B 500 20.30 50.81 35.92
N ASN B 501 20.76 49.91 35.06
CA ASN B 501 22.18 49.64 34.94
C ASN B 501 22.93 50.75 34.22
N LEU B 502 22.23 51.59 33.45
CA LEU B 502 22.85 52.63 32.65
C LEU B 502 22.73 53.96 33.37
N THR B 503 23.86 54.63 33.58
CA THR B 503 23.87 55.94 34.20
C THR B 503 23.34 56.99 33.23
N MET B 504 22.83 58.08 33.80
CA MET B 504 22.17 59.10 33.00
C MET B 504 23.17 59.88 32.14
N SER B 505 24.38 60.10 32.66
CA SER B 505 25.40 60.80 31.89
C SER B 505 25.85 59.96 30.69
N LYS B 506 26.06 58.66 30.90
CA LYS B 506 26.44 57.77 29.81
C LYS B 506 25.30 57.63 28.80
N ARG B 507 24.05 57.60 29.28
CA ARG B 507 22.90 57.52 28.39
C ARG B 507 22.80 58.79 27.52
N GLN B 508 23.01 59.96 28.13
CA GLN B 508 22.98 61.20 27.37
C GLN B 508 24.12 61.28 26.37
N GLU B 509 25.30 60.78 26.76
CA GLU B 509 26.44 60.75 25.84
C GLU B 509 26.17 59.84 24.65
N ILE B 510 25.60 58.66 24.91
CA ILE B 510 25.28 57.72 23.84
C ILE B 510 24.22 58.31 22.91
N LEU B 511 23.19 58.94 23.48
CA LEU B 511 22.14 59.54 22.66
C LEU B 511 22.68 60.70 21.83
N SER B 512 23.55 61.52 22.41
CA SER B 512 24.14 62.64 21.66
C SER B 512 25.04 62.15 20.54
N ASN B 513 25.80 61.09 20.79
CA ASN B 513 26.66 60.54 19.73
C ASN B 513 25.83 59.87 18.64
N LEU B 514 24.72 59.23 19.01
CA LEU B 514 23.82 58.67 18.00
C LEU B 514 23.19 59.76 17.14
N ALA B 515 22.77 60.86 17.77
CA ALA B 515 22.24 61.99 17.02
C ALA B 515 23.30 62.61 16.12
N THR B 516 24.54 62.69 16.61
CA THR B 516 25.63 63.21 15.80
C THR B 516 25.90 62.33 14.58
N ILE B 517 25.89 61.01 14.78
CA ILE B 517 26.14 60.08 13.67
C ILE B 517 25.00 60.15 12.65
N GLY B 518 23.75 60.21 13.13
CA GLY B 518 22.62 60.32 12.22
C GLY B 518 22.61 61.62 11.44
N GLN B 519 22.95 62.73 12.10
CA GLN B 519 23.02 64.01 11.41
C GLN B 519 24.17 64.06 10.43
N LYS B 520 25.29 63.41 10.76
CA LYS B 520 26.45 63.44 9.87
C LYS B 520 26.25 62.55 8.67
N TYR B 521 25.52 61.44 8.81
CA TYR B 521 25.29 60.56 7.67
C TYR B 521 24.08 60.98 6.84
N THR B 522 23.10 61.67 7.43
CA THR B 522 22.01 62.24 6.64
C THR B 522 22.41 63.52 5.93
N ASP B 523 23.53 64.14 6.31
CA ASP B 523 24.00 65.32 5.60
C ASP B 523 24.48 64.98 4.19
N SER B 524 25.01 63.78 4.01
CA SER B 524 25.40 63.28 2.69
C SER B 524 24.28 62.51 2.01
N ASN B 525 23.08 62.50 2.62
CA ASN B 525 21.89 61.80 2.12
C ASN B 525 22.16 60.30 1.94
N LEU B 526 22.93 59.72 2.86
CA LEU B 526 23.17 58.30 2.93
C LEU B 526 22.29 57.69 4.03
N TYR B 527 22.50 56.42 4.31
CA TYR B 527 21.71 55.69 5.29
C TYR B 527 22.46 55.59 6.60
N CYS B 528 21.78 55.87 7.71
CA CYS B 528 22.38 55.83 9.05
C CYS B 528 21.59 54.89 9.94
N LEU B 529 21.92 53.60 9.86
CA LEU B 529 21.52 52.64 10.86
C LEU B 529 22.61 51.63 11.18
N GLU B 530 23.52 51.35 10.25
CA GLU B 530 24.68 50.51 10.46
C GLU B 530 25.81 51.21 11.22
N PRO B 531 26.18 52.47 10.92
CA PRO B 531 27.12 53.17 11.83
C PRO B 531 26.60 53.35 13.23
N CYS B 532 25.30 53.59 13.40
CA CYS B 532 24.73 53.76 14.74
C CYS B 532 24.81 52.45 15.53
N ILE B 533 24.40 51.34 14.92
CA ILE B 533 24.43 50.05 15.60
C ILE B 533 25.87 49.62 15.88
N ARG B 534 26.76 49.80 14.90
CA ARG B 534 28.17 49.49 15.13
C ARG B 534 28.82 50.44 16.13
N PHE B 535 28.20 51.60 16.41
CA PHE B 535 28.70 52.43 17.49
C PHE B 535 28.22 51.96 18.85
N VAL B 536 26.95 51.52 18.94
CA VAL B 536 26.37 51.20 20.24
C VAL B 536 27.06 49.99 20.86
N LEU B 537 27.26 48.92 20.10
CA LEU B 537 28.10 47.82 20.52
C LEU B 537 29.36 47.79 19.66
N GLY B 538 30.51 47.65 20.30
CA GLY B 538 31.78 47.71 19.59
C GLY B 538 32.31 49.12 19.47
N GLU B 539 32.85 49.46 18.31
CA GLU B 539 33.38 50.80 18.08
C GLU B 539 32.25 51.81 17.92
N ILE C 99 13.00 -59.34 5.47
CA ILE C 99 12.94 -59.39 4.02
C ILE C 99 14.25 -58.93 3.42
N LYS C 100 14.92 -59.83 2.71
CA LYS C 100 16.21 -59.53 2.11
C LYS C 100 16.06 -58.65 0.87
N ALA C 101 17.11 -57.90 0.57
CA ALA C 101 17.17 -57.08 -0.64
C ALA C 101 17.91 -57.84 -1.72
N TYR C 102 17.38 -57.81 -2.94
CA TYR C 102 17.83 -58.66 -4.03
C TYR C 102 18.53 -57.81 -5.09
N GLN C 103 19.85 -57.92 -5.15
CA GLN C 103 20.62 -57.17 -6.13
C GLN C 103 20.36 -57.70 -7.54
N ALA C 104 20.23 -56.78 -8.50
CA ALA C 104 19.87 -57.15 -9.85
C ALA C 104 20.48 -56.15 -10.83
N GLU C 105 20.57 -56.57 -12.09
CA GLU C 105 21.11 -55.73 -13.15
C GLU C 105 19.97 -54.91 -13.77
N LEU C 106 20.25 -54.26 -14.89
CA LEU C 106 19.25 -53.46 -15.57
C LEU C 106 19.30 -53.73 -17.07
N GLY C 107 18.12 -53.74 -17.68
CA GLY C 107 18.03 -53.87 -19.13
C GLY C 107 16.76 -53.22 -19.63
N TYR C 108 16.81 -52.75 -20.87
CA TYR C 108 15.68 -52.08 -21.50
C TYR C 108 15.17 -52.91 -22.68
N HIS C 109 13.97 -52.59 -23.12
CA HIS C 109 13.38 -53.24 -24.29
C HIS C 109 12.37 -52.30 -24.92
N GLU C 110 11.98 -52.63 -26.14
CA GLU C 110 11.02 -51.84 -26.90
C GLU C 110 9.60 -52.33 -26.66
N SER C 111 8.63 -51.51 -27.05
CA SER C 111 7.22 -51.83 -26.84
C SER C 111 6.71 -52.93 -27.76
N ARG C 112 7.46 -53.28 -28.80
CA ARG C 112 7.02 -54.32 -29.72
C ARG C 112 7.13 -55.72 -29.13
N PHE C 113 7.83 -55.88 -28.02
CA PHE C 113 8.00 -57.19 -27.39
C PHE C 113 7.12 -57.39 -26.15
N SER C 114 6.77 -56.31 -25.44
CA SER C 114 5.94 -56.44 -24.26
C SER C 114 5.12 -55.17 -24.08
N GLU C 115 4.03 -55.31 -23.32
CA GLU C 115 3.15 -54.19 -23.01
C GLU C 115 3.23 -53.76 -21.54
N ASN C 116 3.92 -54.51 -20.69
CA ASN C 116 4.05 -54.17 -19.29
C ASN C 116 5.13 -53.10 -19.12
N LEU C 117 5.28 -52.62 -17.89
CA LEU C 117 6.27 -51.59 -17.57
C LEU C 117 7.57 -52.19 -17.06
N VAL C 118 7.52 -52.93 -15.95
CA VAL C 118 8.69 -53.56 -15.36
C VAL C 118 8.46 -55.06 -15.32
N MET C 119 9.39 -55.82 -15.86
CA MET C 119 9.29 -57.28 -15.90
C MET C 119 10.49 -57.90 -15.19
N LEU C 120 10.22 -58.94 -14.43
CA LEU C 120 11.24 -59.72 -13.72
C LEU C 120 11.25 -61.14 -14.27
N ASN C 121 12.07 -61.98 -13.66
CA ASN C 121 12.11 -63.41 -13.96
C ASN C 121 11.56 -64.16 -12.75
N LEU C 122 10.49 -64.92 -12.97
CA LEU C 122 9.94 -65.73 -11.89
C LEU C 122 10.83 -66.94 -11.57
N VAL C 123 11.61 -67.38 -12.55
CA VAL C 123 12.58 -68.45 -12.30
C VAL C 123 13.71 -67.94 -11.41
N GLU C 124 14.18 -66.71 -11.68
CA GLU C 124 15.27 -66.15 -10.89
C GLU C 124 14.81 -65.68 -9.51
N PHE C 125 13.52 -65.43 -9.33
CA PHE C 125 12.97 -65.00 -8.05
C PHE C 125 11.79 -65.90 -7.69
N PRO C 126 12.06 -67.11 -7.18
CA PRO C 126 10.94 -67.99 -6.80
C PRO C 126 10.22 -67.55 -5.53
N ASP C 127 10.87 -66.76 -4.68
CA ASP C 127 10.24 -66.31 -3.44
C ASP C 127 9.21 -65.21 -3.68
N ILE C 128 9.23 -64.58 -4.84
CA ILE C 128 8.30 -63.50 -5.16
C ILE C 128 7.20 -64.08 -6.02
N LYS C 129 5.98 -64.08 -5.50
CA LYS C 129 4.83 -64.51 -6.28
C LYS C 129 4.50 -63.47 -7.35
N PRO C 130 3.96 -63.91 -8.50
CA PRO C 130 3.56 -62.94 -9.52
C PRO C 130 2.41 -62.07 -9.08
N GLY C 131 2.42 -60.82 -9.54
CA GLY C 131 1.37 -59.88 -9.18
C GLY C 131 1.51 -59.27 -7.80
N ASP C 132 2.73 -59.17 -7.27
CA ASP C 132 2.95 -58.61 -5.95
C ASP C 132 3.72 -57.29 -6.05
N LEU C 133 3.44 -56.41 -5.10
CA LEU C 133 4.08 -55.10 -5.08
C LEU C 133 5.53 -55.25 -4.67
N VAL C 134 6.45 -54.89 -5.58
CA VAL C 134 7.87 -55.12 -5.39
C VAL C 134 8.59 -53.77 -5.50
N GLU C 135 9.24 -53.38 -4.42
CA GLU C 135 10.03 -52.15 -4.43
C GLU C 135 11.29 -52.32 -5.27
N LEU C 136 11.66 -51.26 -5.99
CA LEU C 136 12.89 -51.22 -6.77
C LEU C 136 13.69 -50.01 -6.32
N LYS C 137 14.97 -50.23 -6.01
CA LYS C 137 15.82 -49.16 -5.52
C LYS C 137 17.27 -49.42 -5.90
N THR C 138 17.92 -48.43 -6.49
CA THR C 138 19.36 -48.48 -6.72
C THR C 138 20.04 -47.76 -5.54
N TYR C 139 20.58 -48.56 -4.61
CA TYR C 139 21.09 -48.00 -3.37
C TYR C 139 22.08 -48.98 -2.74
N HIS C 140 23.02 -48.42 -2.00
CA HIS C 140 23.99 -49.21 -1.25
C HIS C 140 23.86 -48.87 0.24
N LYS C 141 22.60 -48.82 0.71
CA LYS C 141 22.23 -48.40 2.07
C LYS C 141 22.75 -47.00 2.40
N ASN C 142 22.75 -46.12 1.40
CA ASN C 142 23.23 -44.75 1.56
C ASN C 142 22.40 -43.81 0.72
N PRO C 143 22.21 -42.57 1.17
CA PRO C 143 21.55 -41.54 0.32
C PRO C 143 22.55 -40.86 -0.61
N SER C 144 22.87 -41.56 -1.71
CA SER C 144 23.90 -41.12 -2.65
C SER C 144 23.34 -39.99 -3.51
N ALA C 145 23.52 -38.76 -3.01
CA ALA C 145 23.10 -37.52 -3.66
C ALA C 145 21.61 -37.51 -4.00
N SER C 146 21.28 -37.64 -5.27
CA SER C 146 19.90 -37.68 -5.72
C SER C 146 19.54 -38.98 -6.41
N ASN C 147 20.47 -39.56 -7.16
CA ASN C 147 20.19 -40.84 -7.83
C ASN C 147 20.20 -42.01 -6.85
N GLY C 148 20.84 -41.85 -5.69
CA GLY C 148 20.88 -42.92 -4.71
C GLY C 148 19.57 -43.15 -3.99
N ASP C 149 18.69 -42.15 -3.96
CA ASP C 149 17.37 -42.27 -3.37
C ASP C 149 16.34 -42.24 -4.50
N LYS C 150 16.09 -43.42 -5.08
CA LYS C 150 15.11 -43.59 -6.15
C LYS C 150 14.30 -44.85 -5.83
N LYS C 151 13.23 -44.67 -5.09
CA LYS C 151 12.34 -45.78 -4.72
C LYS C 151 11.20 -45.83 -5.72
N ILE C 152 11.15 -46.90 -6.52
CA ILE C 152 10.17 -47.04 -7.59
C ILE C 152 9.39 -48.33 -7.36
N TYR C 153 8.06 -48.21 -7.33
CA TYR C 153 7.19 -49.37 -7.19
C TYR C 153 6.82 -49.93 -8.55
N PHE C 154 6.50 -51.21 -8.58
CA PHE C 154 5.95 -51.87 -9.77
C PHE C 154 5.23 -53.14 -9.31
N ILE C 155 4.78 -53.92 -10.28
CA ILE C 155 4.08 -55.17 -10.04
C ILE C 155 4.93 -56.30 -10.62
N ALA C 156 5.13 -57.35 -9.83
CA ALA C 156 5.96 -58.48 -10.25
C ALA C 156 5.29 -59.21 -11.41
N LYS C 157 5.89 -59.12 -12.59
CA LYS C 157 5.40 -59.81 -13.78
C LYS C 157 6.57 -60.51 -14.47
N ASP C 158 6.33 -61.72 -14.94
CA ASP C 158 7.36 -62.54 -15.55
C ASP C 158 7.66 -62.06 -16.97
N PHE C 159 8.74 -62.59 -17.53
CA PHE C 159 9.14 -62.30 -18.89
C PHE C 159 8.22 -63.02 -19.89
N ASP C 160 8.39 -62.69 -21.16
CA ASP C 160 7.68 -63.36 -22.24
C ASP C 160 8.60 -64.41 -22.86
N GLY C 161 8.07 -65.12 -23.86
CA GLY C 161 8.89 -66.09 -24.57
C GLY C 161 10.02 -65.47 -25.36
N GLU C 162 9.72 -64.38 -26.08
CA GLU C 162 10.76 -63.67 -26.81
C GLU C 162 11.72 -62.95 -25.86
N THR C 163 11.22 -62.45 -24.73
CA THR C 163 12.08 -61.82 -23.75
C THR C 163 13.02 -62.84 -23.11
N LYS C 164 12.52 -64.05 -22.83
CA LYS C 164 13.39 -65.09 -22.28
C LYS C 164 14.38 -65.60 -23.31
N ARG C 165 13.96 -65.65 -24.59
CA ARG C 165 14.86 -66.09 -25.64
C ARG C 165 15.94 -65.07 -25.93
N ARG C 166 15.64 -63.78 -25.80
CA ARG C 166 16.58 -62.72 -26.15
C ARG C 166 17.43 -62.29 -24.95
N ALA C 167 16.78 -61.82 -23.90
CA ALA C 167 17.50 -61.23 -22.77
C ALA C 167 18.12 -62.32 -21.91
N LYS C 168 19.44 -62.24 -21.71
CA LYS C 168 20.17 -63.18 -20.88
C LYS C 168 20.88 -62.52 -19.71
N THR C 169 21.56 -61.39 -19.94
CA THR C 169 22.36 -60.73 -18.93
C THR C 169 21.59 -59.67 -18.14
N SER C 170 20.33 -59.43 -18.48
CA SER C 170 19.53 -58.41 -17.81
C SER C 170 18.53 -59.09 -16.88
N ASN C 171 18.62 -58.77 -15.59
CA ASN C 171 17.68 -59.33 -14.63
C ASN C 171 16.31 -58.65 -14.72
N VAL C 172 16.31 -57.33 -14.95
CA VAL C 172 15.08 -56.53 -14.99
C VAL C 172 14.96 -55.93 -16.38
N SER C 173 13.83 -56.18 -17.04
CA SER C 173 13.54 -55.60 -18.35
C SER C 173 12.49 -54.51 -18.16
N ILE C 174 12.90 -53.25 -18.32
CA ILE C 174 12.05 -52.09 -18.11
C ILE C 174 11.84 -51.40 -19.45
N LEU C 175 10.57 -51.12 -19.76
CA LEU C 175 10.21 -50.47 -21.02
C LEU C 175 10.84 -49.09 -21.12
N SER C 176 11.41 -48.79 -22.27
CA SER C 176 12.11 -47.53 -22.47
C SER C 176 11.10 -46.38 -22.61
N GLY C 177 11.57 -45.18 -22.32
CA GLY C 177 10.74 -44.00 -22.42
C GLY C 177 10.76 -43.13 -21.18
N GLN C 178 9.61 -42.97 -20.54
CA GLN C 178 9.51 -42.09 -19.39
C GLN C 178 10.15 -42.70 -18.16
N LEU C 179 9.96 -43.99 -17.93
CA LEU C 179 10.52 -44.64 -16.75
C LEU C 179 12.04 -44.77 -16.85
N GLN C 180 12.55 -45.01 -18.06
CA GLN C 180 14.00 -45.02 -18.27
C GLN C 180 14.60 -43.64 -17.99
N THR C 181 13.92 -42.58 -18.45
CA THR C 181 14.39 -41.22 -18.19
C THR C 181 14.33 -40.87 -16.70
N LEU C 182 13.29 -41.34 -16.00
CA LEU C 182 13.19 -41.11 -14.56
C LEU C 182 14.28 -41.84 -13.81
N LEU C 183 14.59 -43.08 -14.22
CA LEU C 183 15.62 -43.85 -13.53
C LEU C 183 17.01 -43.24 -13.73
N ASP C 184 17.31 -42.77 -14.95
CA ASP C 184 18.58 -42.14 -15.32
C ASP C 184 19.77 -43.05 -15.03
N LEU C 185 19.67 -44.30 -15.47
CA LEU C 185 20.71 -45.28 -15.24
C LEU C 185 21.17 -45.90 -16.56
N PRO C 186 22.46 -46.15 -16.71
CA PRO C 186 22.95 -46.84 -17.90
C PRO C 186 22.67 -48.33 -17.84
N SER C 187 22.96 -49.01 -18.94
CA SER C 187 22.68 -50.44 -19.06
C SER C 187 23.61 -51.25 -18.15
N ARG C 188 23.07 -52.38 -17.67
CA ARG C 188 23.77 -53.32 -16.78
C ARG C 188 24.25 -52.65 -15.50
N SER C 189 23.44 -51.75 -14.96
CA SER C 189 23.73 -51.10 -13.70
C SER C 189 23.18 -51.91 -12.54
N ARG C 190 23.88 -51.85 -11.41
CA ARG C 190 23.55 -52.65 -10.24
C ARG C 190 22.45 -51.97 -9.44
N ILE C 191 21.26 -52.56 -9.44
CA ILE C 191 20.14 -52.06 -8.64
C ILE C 191 19.77 -53.13 -7.63
N TRP C 192 18.81 -52.84 -6.77
CA TRP C 192 18.35 -53.79 -5.77
C TRP C 192 16.82 -53.89 -5.80
N ILE C 193 16.32 -55.04 -5.38
CA ILE C 193 14.90 -55.38 -5.46
C ILE C 193 14.45 -55.85 -4.08
N LYS C 194 13.36 -55.27 -3.59
CA LYS C 194 12.78 -55.65 -2.30
C LYS C 194 11.29 -55.91 -2.50
N LEU C 195 10.79 -56.97 -1.86
CA LEU C 195 9.39 -57.37 -1.98
C LEU C 195 8.64 -56.97 -0.72
N LYS C 196 7.50 -56.32 -0.89
CA LYS C 196 6.61 -55.98 0.20
C LYS C 196 5.35 -56.82 0.09
N PRO C 197 5.12 -57.79 0.98
CA PRO C 197 3.90 -58.62 0.87
C PRO C 197 2.63 -57.90 1.27
N ASN C 198 2.73 -56.76 1.95
CA ASN C 198 1.56 -56.00 2.38
C ASN C 198 1.35 -54.82 1.47
N LYS C 199 0.11 -54.65 1.00
CA LYS C 199 -0.24 -53.57 0.09
C LYS C 199 -1.09 -52.48 0.72
N PHE C 200 -1.97 -52.84 1.67
CA PHE C 200 -2.88 -51.86 2.27
C PHE C 200 -2.13 -50.83 3.10
N ASP C 201 -1.01 -51.20 3.69
CA ASP C 201 -0.18 -50.23 4.39
C ASP C 201 0.59 -49.33 3.43
N LEU C 202 0.78 -49.76 2.19
CA LEU C 202 1.52 -49.00 1.19
C LEU C 202 0.61 -48.34 0.16
N GLN C 203 -0.69 -48.29 0.42
CA GLN C 203 -1.60 -47.56 -0.46
C GLN C 203 -1.35 -46.06 -0.34
N ALA C 204 -1.14 -45.41 -1.48
CA ALA C 204 -0.91 -43.97 -1.48
C ALA C 204 -2.18 -43.23 -1.10
N ASP C 205 -2.00 -42.13 -0.37
CA ASP C 205 -3.14 -41.33 0.05
C ASP C 205 -3.76 -40.59 -1.13
N VAL C 206 -2.93 -39.93 -1.93
CA VAL C 206 -3.38 -39.10 -3.04
C VAL C 206 -2.55 -39.45 -4.28
N VAL C 207 -3.24 -39.80 -5.37
CA VAL C 207 -2.63 -39.91 -6.68
C VAL C 207 -3.33 -38.92 -7.59
N GLU C 208 -2.61 -37.89 -8.02
CA GLU C 208 -3.21 -36.87 -8.87
C GLU C 208 -3.27 -37.35 -10.31
N PHE C 209 -4.07 -36.65 -11.11
CA PHE C 209 -4.27 -37.03 -12.51
C PHE C 209 -4.78 -35.81 -13.26
N ASN C 210 -4.01 -35.35 -14.24
CA ASN C 210 -4.33 -34.14 -14.98
C ASN C 210 -4.88 -34.49 -16.36
N ILE C 211 -5.97 -33.85 -16.73
CA ILE C 211 -6.73 -34.19 -17.94
C ILE C 211 -6.76 -32.96 -18.85
N LYS C 212 -6.38 -33.15 -20.11
CA LYS C 212 -6.30 -32.05 -21.07
C LYS C 212 -7.09 -32.36 -22.33
N ASP C 213 -7.73 -31.30 -22.87
CA ASP C 213 -8.28 -31.24 -24.21
C ASP C 213 -9.40 -32.24 -24.47
N CYS C 214 -10.05 -32.73 -23.43
CA CYS C 214 -11.08 -33.73 -23.62
C CYS C 214 -12.07 -33.65 -22.47
N LEU C 215 -13.25 -34.25 -22.69
CA LEU C 215 -14.31 -34.28 -21.70
C LEU C 215 -14.30 -35.65 -21.02
N LEU C 216 -14.15 -35.65 -19.70
CA LEU C 216 -14.24 -36.86 -18.91
C LEU C 216 -15.26 -36.61 -17.80
N ASN C 217 -16.35 -37.36 -17.83
CA ASN C 217 -17.35 -37.24 -16.78
C ASN C 217 -16.81 -37.79 -15.46
N ARG C 218 -17.53 -37.47 -14.38
CA ARG C 218 -17.19 -38.02 -13.09
C ARG C 218 -17.37 -39.52 -13.05
N GLY C 219 -18.39 -40.03 -13.75
CA GLY C 219 -18.51 -41.47 -13.92
C GLY C 219 -17.37 -42.06 -14.71
N ASP C 220 -16.87 -41.34 -15.70
CA ASP C 220 -15.70 -41.80 -16.43
C ASP C 220 -14.45 -41.78 -15.56
N MET C 221 -14.33 -40.80 -14.66
CA MET C 221 -13.24 -40.80 -13.68
C MET C 221 -13.36 -42.00 -12.74
N TRP C 222 -14.59 -42.32 -12.34
CA TRP C 222 -14.84 -43.49 -11.49
C TRP C 222 -14.47 -44.78 -12.20
N VAL C 223 -14.79 -44.88 -13.49
CA VAL C 223 -14.44 -46.07 -14.27
C VAL C 223 -12.92 -46.15 -14.47
N LEU C 224 -12.28 -45.01 -14.71
CA LEU C 224 -10.82 -44.98 -14.86
C LEU C 224 -10.12 -45.39 -13.56
N SER C 225 -10.65 -44.95 -12.42
CA SER C 225 -10.09 -45.39 -11.14
C SER C 225 -10.39 -46.85 -10.88
N SER C 226 -11.49 -47.37 -11.42
CA SER C 226 -11.76 -48.80 -11.31
C SER C 226 -10.74 -49.63 -12.08
N LYS C 227 -10.21 -49.09 -13.17
CA LYS C 227 -9.14 -49.75 -13.91
C LYS C 227 -7.77 -49.55 -13.26
N LEU C 228 -7.64 -48.62 -12.32
CA LEU C 228 -6.37 -48.35 -11.66
C LEU C 228 -6.26 -49.04 -10.30
N VAL C 229 -7.20 -49.93 -9.98
CA VAL C 229 -7.10 -50.70 -8.74
C VAL C 229 -5.99 -51.73 -8.89
N ASP C 230 -5.12 -51.81 -7.87
CA ASP C 230 -3.96 -52.70 -7.83
C ASP C 230 -3.04 -52.45 -9.02
N THR C 231 -2.60 -51.20 -9.15
CA THR C 231 -1.68 -50.81 -10.20
C THR C 231 -0.76 -49.73 -9.64
N CYS C 232 0.54 -49.86 -9.92
CA CYS C 232 1.54 -48.96 -9.39
C CYS C 232 1.87 -47.88 -10.42
N VAL C 233 1.93 -46.64 -9.97
CA VAL C 233 2.19 -45.49 -10.83
C VAL C 233 3.33 -44.67 -10.24
N PHE C 234 3.93 -43.84 -11.08
CA PHE C 234 5.01 -42.95 -10.68
C PHE C 234 4.71 -41.54 -11.19
N MET C 235 5.61 -40.61 -10.89
CA MET C 235 5.37 -39.21 -11.18
C MET C 235 5.53 -38.91 -12.66
N ASP C 236 4.66 -38.03 -13.18
CA ASP C 236 4.64 -37.59 -14.57
C ASP C 236 4.46 -38.74 -15.55
N GLN C 237 3.70 -39.76 -15.16
CA GLN C 237 3.45 -40.88 -16.03
C GLN C 237 2.25 -40.58 -16.93
N ARG C 238 2.44 -40.70 -18.23
CA ARG C 238 1.38 -40.46 -19.20
C ARG C 238 0.53 -41.72 -19.34
N LEU C 239 -0.60 -41.75 -18.64
CA LEU C 239 -1.52 -42.88 -18.70
C LEU C 239 -2.41 -42.76 -19.93
N ALA C 240 -3.41 -43.63 -20.02
CA ALA C 240 -4.32 -43.64 -21.15
C ALA C 240 -5.67 -44.17 -20.69
N PHE C 241 -6.69 -43.87 -21.48
CA PHE C 241 -8.05 -44.35 -21.22
C PHE C 241 -8.78 -44.42 -22.54
N LEU C 242 -9.11 -45.64 -22.97
CA LEU C 242 -9.75 -45.92 -24.27
C LEU C 242 -8.89 -45.38 -25.43
N ASP C 243 -7.57 -45.48 -25.26
CA ASP C 243 -6.50 -45.07 -26.20
C ASP C 243 -6.70 -43.67 -26.79
N SER C 244 -7.45 -42.80 -26.13
CA SER C 244 -7.62 -41.43 -26.59
C SER C 244 -7.58 -40.40 -25.48
N ILE C 245 -7.70 -40.79 -24.22
CA ILE C 245 -7.75 -39.86 -23.10
C ILE C 245 -6.43 -39.99 -22.35
N ARG C 246 -5.52 -39.05 -22.58
CA ARG C 246 -4.24 -39.06 -21.90
C ARG C 246 -4.39 -38.52 -20.49
N GLY C 247 -3.30 -38.61 -19.73
CA GLY C 247 -3.30 -38.11 -18.38
C GLY C 247 -1.95 -38.17 -17.70
N THR C 248 -1.55 -37.06 -17.07
CA THR C 248 -0.25 -36.95 -16.42
C THR C 248 -0.44 -36.95 -14.91
N ILE C 249 0.30 -37.81 -14.23
CA ILE C 249 0.22 -37.93 -12.78
C ILE C 249 1.26 -36.99 -12.19
N LYS C 250 0.80 -35.81 -11.77
CA LYS C 250 1.68 -34.74 -11.35
C LYS C 250 1.90 -34.69 -9.84
N GLY C 251 1.36 -35.66 -9.10
CA GLY C 251 1.60 -35.71 -7.68
C GLY C 251 1.15 -36.98 -7.00
N ILE C 252 2.03 -37.59 -6.22
CA ILE C 252 1.72 -38.77 -5.42
C ILE C 252 2.06 -38.46 -3.97
N TYR C 253 1.12 -38.71 -3.07
CA TYR C 253 1.27 -38.36 -1.66
C TYR C 253 1.01 -39.58 -0.79
N ARG C 254 1.79 -39.70 0.27
CA ARG C 254 1.61 -40.77 1.26
C ARG C 254 2.13 -40.29 2.60
N ASN C 255 1.26 -40.35 3.62
CA ASN C 255 1.59 -39.98 5.00
C ASN C 255 2.09 -38.55 5.09
N GLY C 256 1.49 -37.65 4.31
CA GLY C 256 1.88 -36.26 4.32
C GLY C 256 3.16 -35.97 3.58
N LYS C 257 3.73 -36.93 2.85
CA LYS C 257 4.98 -36.75 2.14
C LYS C 257 4.77 -37.02 0.66
N LYS C 258 5.40 -36.19 -0.17
CA LYS C 258 5.36 -36.36 -1.61
C LYS C 258 6.41 -37.39 -2.02
N ILE C 259 6.00 -38.36 -2.84
CA ILE C 259 6.88 -39.44 -3.27
C ILE C 259 6.87 -39.52 -4.79
N VAL C 260 7.96 -40.01 -5.35
CA VAL C 260 8.09 -40.12 -6.79
C VAL C 260 7.17 -41.20 -7.34
N SER C 261 7.07 -42.33 -6.65
CA SER C 261 6.24 -43.43 -7.08
C SER C 261 5.38 -43.89 -5.90
N GLY C 262 4.18 -44.37 -6.21
CA GLY C 262 3.27 -44.85 -5.19
C GLY C 262 2.45 -46.03 -5.72
N TYR C 263 1.62 -46.57 -4.84
CA TYR C 263 0.74 -47.68 -5.15
C TYR C 263 -0.71 -47.24 -5.02
N ILE C 264 -1.52 -47.57 -6.01
CA ILE C 264 -2.95 -47.23 -6.01
C ILE C 264 -3.73 -48.44 -5.54
N GLY C 265 -4.43 -48.29 -4.43
CA GLY C 265 -5.26 -49.36 -3.91
C GLY C 265 -6.73 -49.00 -3.92
N GLU C 266 -7.53 -49.69 -3.10
CA GLU C 266 -8.96 -49.38 -3.04
C GLU C 266 -9.22 -48.08 -2.29
N GLN C 267 -8.49 -47.83 -1.21
CA GLN C 267 -8.66 -46.63 -0.41
C GLN C 267 -7.80 -45.47 -0.90
N THR C 268 -7.20 -45.60 -2.08
CA THR C 268 -6.41 -44.52 -2.63
C THR C 268 -7.33 -43.42 -3.15
N ARG C 269 -7.26 -42.24 -2.52
CA ARG C 269 -8.12 -41.12 -2.88
C ARG C 269 -7.53 -40.45 -4.12
N ILE C 270 -7.78 -41.06 -5.27
CA ILE C 270 -7.26 -40.54 -6.53
C ILE C 270 -8.06 -39.31 -6.95
N ILE C 271 -7.36 -38.23 -7.27
CA ILE C 271 -7.97 -36.94 -7.56
C ILE C 271 -7.71 -36.60 -9.01
N PHE C 272 -8.78 -36.28 -9.74
CA PHE C 272 -8.68 -35.90 -11.14
C PHE C 272 -8.86 -34.39 -11.24
N ARG C 273 -7.87 -33.73 -11.83
CA ARG C 273 -7.93 -32.31 -12.10
C ARG C 273 -7.87 -32.11 -13.60
N SER C 274 -8.45 -31.00 -14.07
CA SER C 274 -8.57 -30.73 -15.49
C SER C 274 -7.90 -29.41 -15.83
N GLU C 275 -7.00 -29.45 -16.81
CA GLU C 275 -6.46 -28.23 -17.39
C GLU C 275 -7.23 -27.80 -18.62
N SER C 276 -8.29 -28.53 -18.98
CA SER C 276 -9.27 -28.09 -19.97
C SER C 276 -10.60 -27.95 -19.22
N ALA C 277 -10.94 -26.72 -18.87
CA ALA C 277 -12.05 -26.48 -17.95
C ALA C 277 -12.70 -25.15 -18.28
N ARG C 278 -13.97 -25.03 -17.93
CA ARG C 278 -14.71 -23.79 -18.09
C ARG C 278 -14.55 -22.96 -16.82
N LEU C 279 -13.97 -21.77 -16.95
CA LEU C 279 -13.70 -20.92 -15.80
C LEU C 279 -14.49 -19.63 -15.92
N ILE C 280 -15.16 -19.25 -14.83
CA ILE C 280 -15.99 -18.05 -14.77
C ILE C 280 -15.37 -17.08 -13.79
N PHE C 281 -15.08 -15.87 -14.25
CA PHE C 281 -14.56 -14.81 -13.41
C PHE C 281 -15.66 -13.76 -13.21
N LEU C 282 -16.02 -13.51 -11.96
CA LEU C 282 -17.02 -12.51 -11.62
C LEU C 282 -16.31 -11.35 -10.92
N ILE C 283 -16.14 -10.25 -11.64
CA ILE C 283 -15.48 -9.07 -11.10
C ILE C 283 -16.53 -8.25 -10.36
N GLN C 284 -16.30 -8.04 -9.07
CA GLN C 284 -17.28 -7.40 -8.20
C GLN C 284 -16.99 -5.91 -8.19
N ILE C 285 -17.59 -5.19 -9.14
CA ILE C 285 -17.37 -3.76 -9.28
C ILE C 285 -18.13 -3.04 -8.19
N THR C 286 -17.39 -2.39 -7.29
CA THR C 286 -17.96 -1.69 -6.13
C THR C 286 -17.27 -0.35 -6.01
N ASP C 287 -17.51 0.33 -4.89
CA ASP C 287 -16.84 1.59 -4.64
C ASP C 287 -15.37 1.42 -4.33
N GLU C 288 -14.97 0.22 -3.91
CA GLU C 288 -13.60 -0.05 -3.50
C GLU C 288 -12.70 -0.49 -4.64
N MET C 289 -13.23 -0.59 -5.86
CA MET C 289 -12.38 -0.89 -7.00
C MET C 289 -11.46 0.28 -7.33
N TRP C 290 -11.91 1.50 -7.09
CA TRP C 290 -11.11 2.69 -7.27
C TRP C 290 -10.50 3.17 -5.96
N ASN C 291 -10.63 2.39 -4.89
CA ASN C 291 -10.00 2.72 -3.62
C ASN C 291 -8.53 2.32 -3.65
N PHE C 292 -7.69 3.22 -3.15
CA PHE C 292 -6.25 3.00 -3.18
C PHE C 292 -5.81 2.12 -2.02
N GLU C 293 -4.88 1.21 -2.30
CA GLU C 293 -4.24 0.41 -1.29
C GLU C 293 -3.15 1.25 -0.61
N GLU C 294 -2.66 0.78 0.54
CA GLU C 294 -1.66 1.52 1.30
C GLU C 294 -0.36 1.70 0.54
N THR C 295 -0.04 0.76 -0.36
CA THR C 295 1.13 0.90 -1.21
C THR C 295 0.97 2.03 -2.22
N GLY C 296 -0.26 2.24 -2.72
CA GLY C 296 -0.50 3.32 -3.66
C GLY C 296 -1.15 2.88 -4.96
N GLU C 297 -1.74 1.70 -4.98
CA GLU C 297 -2.34 1.14 -6.18
C GLU C 297 -3.85 0.97 -6.00
N GLN C 298 -4.61 1.43 -6.99
CA GLN C 298 -6.02 1.10 -7.07
C GLN C 298 -6.17 -0.40 -7.32
N LEU C 299 -7.26 -0.96 -6.79
CA LEU C 299 -7.39 -2.41 -6.77
C LEU C 299 -7.72 -2.98 -8.15
N PHE C 300 -8.36 -2.20 -9.02
CA PHE C 300 -8.56 -2.70 -10.37
C PHE C 300 -7.26 -2.67 -11.16
N GLN C 301 -6.33 -1.77 -10.80
CA GLN C 301 -5.00 -1.81 -11.40
C GLN C 301 -4.29 -3.09 -11.02
N LYS C 302 -4.45 -3.52 -9.77
CA LYS C 302 -3.98 -4.85 -9.37
C LYS C 302 -4.63 -5.93 -10.19
N MET C 303 -5.95 -5.86 -10.36
CA MET C 303 -6.69 -6.90 -11.05
C MET C 303 -6.30 -7.03 -12.52
N VAL C 304 -6.04 -5.90 -13.19
CA VAL C 304 -5.73 -5.93 -14.63
C VAL C 304 -4.24 -5.90 -14.93
N ASN C 305 -3.37 -5.68 -13.94
CA ASN C 305 -1.95 -5.61 -14.20
C ASN C 305 -1.11 -6.60 -13.39
N SER C 306 -1.70 -7.30 -12.42
CA SER C 306 -0.92 -8.22 -11.61
C SER C 306 -1.63 -9.56 -11.48
N PHE C 307 -2.96 -9.56 -11.61
CA PHE C 307 -3.70 -10.81 -11.43
C PHE C 307 -3.96 -11.51 -12.76
N PHE C 308 -4.67 -10.84 -13.66
CA PHE C 308 -5.02 -11.47 -14.95
C PHE C 308 -3.81 -11.76 -15.84
N PRO C 309 -2.83 -10.84 -16.02
CA PRO C 309 -1.64 -11.25 -16.79
C PRO C 309 -0.87 -12.41 -16.18
N LYS C 310 -0.79 -12.46 -14.85
CA LYS C 310 -0.08 -13.56 -14.20
C LYS C 310 -0.84 -14.88 -14.35
N ILE C 311 -2.17 -14.84 -14.25
CA ILE C 311 -2.92 -16.08 -14.39
C ILE C 311 -2.93 -16.55 -15.84
N PHE C 312 -2.88 -15.63 -16.82
CA PHE C 312 -2.80 -16.05 -18.20
C PHE C 312 -1.41 -16.60 -18.53
N LYS C 313 -0.36 -16.00 -17.95
CA LYS C 313 0.98 -16.53 -18.12
C LYS C 313 1.12 -17.91 -17.50
N LYS C 314 0.51 -18.12 -16.34
CA LYS C 314 0.56 -19.44 -15.70
C LYS C 314 -0.27 -20.46 -16.46
N TRP C 315 -1.38 -20.04 -17.08
CA TRP C 315 -2.15 -20.96 -17.92
C TRP C 315 -1.36 -21.36 -19.15
N LYS C 316 -0.65 -20.41 -19.78
CA LYS C 316 0.15 -20.73 -20.95
C LYS C 316 1.37 -21.57 -20.59
N ASP C 317 1.96 -21.34 -19.41
CA ASP C 317 3.16 -22.07 -19.01
C ASP C 317 2.86 -23.54 -18.76
N VAL C 318 1.72 -23.85 -18.15
CA VAL C 318 1.28 -25.24 -17.98
C VAL C 318 0.65 -25.76 -19.27
N ASP C 319 0.42 -24.88 -20.24
CA ASP C 319 -0.25 -25.18 -21.52
C ASP C 319 -1.64 -25.76 -21.28
N THR C 320 -2.40 -25.08 -20.42
CA THR C 320 -3.80 -25.39 -20.22
C THR C 320 -4.63 -24.82 -21.36
N HIS C 321 -5.75 -25.49 -21.66
CA HIS C 321 -6.66 -25.07 -22.73
C HIS C 321 -8.04 -24.86 -22.12
N HIS C 322 -8.26 -23.67 -21.58
CA HIS C 322 -9.49 -23.35 -20.87
C HIS C 322 -10.45 -22.57 -21.76
N THR C 323 -11.65 -22.36 -21.25
CA THR C 323 -12.58 -21.35 -21.75
C THR C 323 -12.91 -20.40 -20.62
N ILE C 324 -12.42 -19.17 -20.71
CA ILE C 324 -12.68 -18.17 -19.69
C ILE C 324 -14.06 -17.56 -19.94
N THR C 325 -14.66 -17.02 -18.89
CA THR C 325 -15.91 -16.27 -19.02
C THR C 325 -15.89 -15.18 -17.96
N ILE C 326 -15.71 -13.94 -18.38
CA ILE C 326 -15.53 -12.81 -17.48
C ILE C 326 -16.77 -11.92 -17.56
N ALA C 327 -17.37 -11.65 -16.41
CA ALA C 327 -18.55 -10.79 -16.33
C ALA C 327 -18.40 -9.84 -15.16
N PHE C 328 -18.74 -8.56 -15.39
CA PHE C 328 -18.80 -7.61 -14.30
C PHE C 328 -20.04 -7.87 -13.45
N ALA C 329 -20.06 -7.25 -12.27
CA ALA C 329 -21.09 -7.56 -11.28
C ALA C 329 -21.25 -6.32 -10.40
N ILE C 330 -22.32 -5.56 -10.64
CA ILE C 330 -22.48 -4.22 -10.09
C ILE C 330 -23.74 -4.17 -9.25
N SER C 331 -23.63 -3.64 -8.04
CA SER C 331 -24.78 -3.26 -7.22
C SER C 331 -24.76 -1.74 -7.07
N MET C 332 -25.88 -1.11 -7.41
CA MET C 332 -25.99 0.34 -7.43
C MET C 332 -26.91 0.80 -6.31
N ASP C 333 -26.43 1.69 -5.45
CA ASP C 333 -27.21 2.20 -4.33
C ASP C 333 -28.06 3.37 -4.83
N LEU C 334 -29.38 3.26 -4.63
CA LEU C 334 -30.33 4.25 -5.13
C LEU C 334 -30.78 5.24 -4.07
N SER C 335 -30.26 5.16 -2.86
CA SER C 335 -30.62 6.06 -1.78
C SER C 335 -29.52 7.09 -1.56
N ASP C 336 -29.90 8.21 -0.95
CA ASP C 336 -28.98 9.31 -0.67
C ASP C 336 -28.38 9.21 0.73
N THR C 337 -28.67 8.16 1.47
CA THR C 337 -28.10 7.99 2.79
C THR C 337 -26.61 7.71 2.71
N SER C 338 -25.85 8.28 3.64
CA SER C 338 -24.41 8.08 3.67
C SER C 338 -24.08 6.66 4.10
N PHE C 339 -22.93 6.16 3.63
CA PHE C 339 -22.51 4.82 3.96
C PHE C 339 -22.03 4.69 5.40
N LYS C 340 -21.70 5.81 6.05
CA LYS C 340 -21.33 5.78 7.46
C LYS C 340 -22.53 5.50 8.36
N ASP C 341 -23.75 5.79 7.89
CA ASP C 341 -24.95 5.57 8.66
C ASP C 341 -25.49 4.15 8.53
N LEU C 342 -24.83 3.30 7.74
CA LEU C 342 -25.32 1.94 7.52
C LEU C 342 -24.98 1.06 8.72
N THR C 343 -25.98 0.33 9.19
CA THR C 343 -25.78 -0.57 10.32
C THR C 343 -25.05 -1.83 9.86
N PRO C 344 -24.12 -2.35 10.67
CA PRO C 344 -23.42 -3.59 10.30
C PRO C 344 -24.34 -4.79 10.43
N GLY C 345 -24.58 -5.47 9.31
CA GLY C 345 -25.42 -6.66 9.26
C GLY C 345 -26.61 -6.52 8.32
N GLU C 346 -27.09 -5.30 8.13
CA GLU C 346 -28.26 -5.05 7.30
C GLU C 346 -27.82 -4.64 5.90
N SER C 347 -28.44 -5.24 4.89
CA SER C 347 -28.13 -4.91 3.51
C SER C 347 -28.86 -3.64 3.08
N LEU C 348 -28.55 -3.16 1.89
CA LEU C 348 -29.18 -1.96 1.37
C LEU C 348 -30.62 -2.24 0.99
N LYS C 349 -31.54 -1.39 1.45
CA LYS C 349 -32.96 -1.61 1.19
C LYS C 349 -33.34 -1.23 -0.23
N ASN C 350 -32.78 -0.14 -0.76
CA ASN C 350 -33.08 0.33 -2.10
C ASN C 350 -31.82 0.19 -2.94
N SER C 351 -31.84 -0.75 -3.88
CA SER C 351 -30.66 -1.01 -4.70
C SER C 351 -31.10 -1.57 -6.05
N GLN C 352 -30.22 -1.40 -7.03
CA GLN C 352 -30.37 -2.00 -8.35
C GLN C 352 -29.09 -2.74 -8.70
N ASP C 353 -29.24 -3.93 -9.26
CA ASP C 353 -28.12 -4.83 -9.52
C ASP C 353 -27.92 -4.99 -11.02
N TYR C 354 -26.67 -4.87 -11.47
CA TYR C 354 -26.32 -4.92 -12.87
C TYR C 354 -25.32 -6.05 -13.12
N PHE C 355 -25.27 -6.52 -14.37
CA PHE C 355 -24.35 -7.58 -14.78
C PHE C 355 -23.89 -7.29 -16.21
N ARG C 356 -22.62 -6.95 -16.36
CA ARG C 356 -22.02 -6.68 -17.66
C ARG C 356 -21.09 -7.84 -18.00
N ILE C 357 -21.50 -8.68 -18.95
CA ILE C 357 -20.67 -9.79 -19.40
C ILE C 357 -19.67 -9.25 -20.40
N VAL C 358 -18.39 -9.22 -20.01
CA VAL C 358 -17.35 -8.66 -20.87
C VAL C 358 -16.91 -9.66 -21.92
N VAL C 359 -16.38 -10.79 -21.48
CA VAL C 359 -15.91 -11.85 -22.36
C VAL C 359 -16.79 -13.07 -22.14
N ASP C 360 -17.34 -13.60 -23.21
CA ASP C 360 -18.14 -14.82 -23.17
C ASP C 360 -17.22 -16.04 -23.13
N GLN C 361 -17.78 -17.22 -23.41
CA GLN C 361 -17.02 -18.46 -23.34
C GLN C 361 -15.99 -18.50 -24.46
N VAL C 362 -14.77 -18.06 -24.14
CA VAL C 362 -13.71 -17.80 -25.11
C VAL C 362 -12.46 -18.55 -24.67
N SER C 363 -11.82 -19.25 -25.62
CA SER C 363 -10.60 -19.98 -25.32
C SER C 363 -9.47 -19.02 -24.94
N ILE C 364 -8.59 -19.49 -24.05
CA ILE C 364 -7.60 -18.61 -23.44
C ILE C 364 -6.39 -18.36 -24.33
N ILE C 365 -6.36 -18.91 -25.54
CA ILE C 365 -5.33 -18.56 -26.52
C ILE C 365 -5.55 -17.18 -27.12
N HIS C 366 -6.74 -16.61 -26.92
CA HIS C 366 -7.08 -15.25 -27.33
C HIS C 366 -6.97 -14.29 -26.15
N TRP C 367 -5.95 -14.49 -25.30
CA TRP C 367 -5.83 -13.70 -24.08
C TRP C 367 -5.57 -12.22 -24.36
N VAL C 368 -4.97 -11.91 -25.51
CA VAL C 368 -4.78 -10.50 -25.89
C VAL C 368 -6.13 -9.83 -26.12
N ASP C 369 -7.02 -10.49 -26.87
CA ASP C 369 -8.36 -9.95 -27.10
C ASP C 369 -9.18 -9.92 -25.81
N ILE C 370 -8.99 -10.93 -24.96
CA ILE C 370 -9.69 -10.98 -23.67
C ILE C 370 -9.30 -9.80 -22.79
N MET C 371 -8.00 -9.53 -22.69
CA MET C 371 -7.52 -8.42 -21.89
C MET C 371 -7.93 -7.07 -22.49
N GLU C 372 -7.92 -6.97 -23.82
CA GLU C 372 -8.33 -5.73 -24.47
C GLU C 372 -9.79 -5.41 -24.20
N THR C 373 -10.66 -6.42 -24.34
CA THR C 373 -12.08 -6.23 -24.05
C THR C 373 -12.32 -5.93 -22.58
N LEU C 374 -11.58 -6.60 -21.68
CA LEU C 374 -11.75 -6.36 -20.25
C LEU C 374 -11.36 -4.94 -19.88
N ARG C 375 -10.24 -4.45 -20.39
CA ARG C 375 -9.80 -3.11 -20.07
C ARG C 375 -10.73 -2.05 -20.66
N GLU C 376 -11.19 -2.25 -21.90
CA GLU C 376 -12.11 -1.29 -22.51
C GLU C 376 -13.45 -1.25 -21.77
N GLU C 377 -13.99 -2.40 -21.40
CA GLU C 377 -15.28 -2.42 -20.72
C GLU C 377 -15.17 -1.89 -19.29
N PHE C 378 -14.03 -2.12 -18.62
CA PHE C 378 -13.86 -1.53 -17.30
C PHE C 378 -13.71 -0.02 -17.38
N MET C 379 -13.09 0.49 -18.45
CA MET C 379 -13.04 1.95 -18.60
C MET C 379 -14.39 2.54 -18.97
N GLU C 380 -15.25 1.77 -19.63
CA GLU C 380 -16.54 2.27 -20.05
C GLU C 380 -17.68 2.06 -19.04
N ILE C 381 -17.45 1.24 -18.00
CA ILE C 381 -18.54 0.90 -17.08
C ILE C 381 -19.01 2.10 -16.26
N ARG C 382 -18.13 3.07 -15.98
CA ARG C 382 -18.52 4.25 -15.21
C ARG C 382 -19.48 5.13 -16.00
N LYS C 383 -19.18 5.37 -17.27
CA LYS C 383 -20.10 6.09 -18.14
C LYS C 383 -21.38 5.31 -18.36
N ASP C 384 -21.29 3.98 -18.43
CA ASP C 384 -22.47 3.16 -18.66
C ASP C 384 -23.45 3.25 -17.48
N LEU C 385 -22.94 3.28 -16.26
CA LEU C 385 -23.82 3.20 -15.09
C LEU C 385 -24.11 4.54 -14.42
N LEU C 386 -23.10 5.37 -14.23
CA LEU C 386 -23.29 6.58 -13.44
C LEU C 386 -23.84 7.75 -14.25
N ASN C 387 -24.13 7.56 -15.53
CA ASN C 387 -24.75 8.58 -16.37
C ASN C 387 -26.15 8.09 -16.74
N LYS C 388 -27.12 8.36 -15.86
CA LYS C 388 -28.47 7.93 -16.12
C LYS C 388 -29.13 8.85 -17.14
N GLN C 389 -30.11 8.31 -17.85
CA GLN C 389 -30.81 9.03 -18.91
C GLN C 389 -32.16 9.53 -18.39
N THR C 390 -32.36 10.84 -18.45
CA THR C 390 -33.62 11.45 -18.05
C THR C 390 -34.49 11.61 -19.28
N ASP C 391 -35.81 11.51 -19.09
CA ASP C 391 -36.77 11.58 -20.19
C ASP C 391 -36.89 12.98 -20.77
N LYS C 392 -36.30 14.00 -20.14
CA LYS C 392 -36.38 15.38 -20.62
C LYS C 392 -35.44 15.66 -21.79
N GLY C 393 -34.70 14.67 -22.27
CA GLY C 393 -33.82 14.83 -23.41
C GLY C 393 -32.35 14.98 -23.08
N TYR C 394 -31.96 14.84 -21.80
CA TYR C 394 -30.58 14.96 -21.40
C TYR C 394 -30.27 13.94 -20.32
N SER C 395 -28.99 13.80 -20.00
CA SER C 395 -28.51 12.80 -19.05
C SER C 395 -27.97 13.48 -17.80
N VAL C 396 -28.29 12.90 -16.65
CA VAL C 396 -27.92 13.45 -15.35
C VAL C 396 -26.93 12.50 -14.68
N ALA C 397 -25.80 13.04 -14.22
CA ALA C 397 -24.81 12.24 -13.52
C ALA C 397 -25.30 11.85 -12.13
N ASN C 398 -25.87 10.65 -12.02
CA ASN C 398 -26.46 10.19 -10.77
C ASN C 398 -26.16 8.72 -10.58
N GLY C 399 -26.26 8.26 -9.34
CA GLY C 399 -26.02 6.87 -9.01
C GLY C 399 -24.75 6.67 -8.23
N ARG C 400 -24.68 5.60 -7.45
CA ARG C 400 -23.50 5.31 -6.64
C ARG C 400 -23.32 3.80 -6.55
N PHE C 401 -22.07 3.36 -6.68
CA PHE C 401 -21.76 1.95 -6.49
C PHE C 401 -21.87 1.58 -5.02
N SER C 402 -22.42 0.40 -4.75
CA SER C 402 -22.53 -0.07 -3.38
C SER C 402 -21.14 -0.46 -2.86
N PRO C 403 -20.93 -0.40 -1.54
CA PRO C 403 -19.69 -0.92 -0.98
C PRO C 403 -19.65 -2.44 -1.03
N VAL C 404 -18.45 -2.99 -0.80
CA VAL C 404 -18.22 -4.44 -0.90
C VAL C 404 -19.03 -5.18 0.16
N ILE C 405 -19.06 -4.63 1.38
CA ILE C 405 -19.72 -5.30 2.49
C ILE C 405 -21.22 -5.38 2.25
N LYS C 406 -21.80 -4.31 1.71
CA LYS C 406 -23.23 -4.25 1.42
C LYS C 406 -23.56 -4.68 -0.01
N SER C 407 -22.60 -5.24 -0.73
CA SER C 407 -22.83 -5.62 -2.12
C SER C 407 -23.69 -6.88 -2.21
N ASN C 408 -24.00 -7.25 -3.45
CA ASN C 408 -24.96 -8.31 -3.72
C ASN C 408 -24.27 -9.66 -3.92
N PHE C 409 -23.46 -10.06 -2.93
CA PHE C 409 -22.54 -11.18 -3.09
C PHE C 409 -23.28 -12.50 -3.34
N LEU C 410 -24.33 -12.77 -2.57
CA LEU C 410 -25.09 -14.00 -2.78
C LEU C 410 -25.84 -13.96 -4.11
N GLU C 411 -26.25 -12.77 -4.55
CA GLU C 411 -26.83 -12.64 -5.88
C GLU C 411 -25.79 -12.93 -6.96
N LEU C 412 -24.53 -12.54 -6.74
CA LEU C 412 -23.49 -12.85 -7.72
C LEU C 412 -23.23 -14.35 -7.78
N VAL C 413 -23.21 -15.00 -6.61
CA VAL C 413 -22.98 -16.44 -6.57
C VAL C 413 -24.14 -17.20 -7.20
N ASN C 414 -25.37 -16.74 -6.98
CA ASN C 414 -26.50 -17.39 -7.63
C ASN C 414 -26.53 -17.13 -9.13
N PHE C 415 -26.06 -15.95 -9.56
CA PHE C 415 -25.86 -15.67 -10.97
C PHE C 415 -24.85 -16.65 -11.57
N ALA C 416 -23.80 -16.95 -10.82
CA ALA C 416 -22.84 -17.97 -11.26
C ALA C 416 -23.47 -19.35 -11.33
N THR C 417 -24.29 -19.71 -10.34
CA THR C 417 -24.85 -21.06 -10.28
C THR C 417 -26.07 -21.23 -11.17
N THR C 418 -26.50 -20.18 -11.87
CA THR C 418 -27.53 -20.33 -12.89
C THR C 418 -27.14 -21.36 -13.96
N ILE C 419 -25.85 -21.40 -14.33
CA ILE C 419 -25.43 -22.15 -15.50
C ILE C 419 -25.15 -23.61 -15.23
N LEU C 420 -25.38 -24.06 -13.99
CA LEU C 420 -25.16 -25.45 -13.63
C LEU C 420 -26.44 -26.08 -13.08
N THR C 421 -27.54 -25.36 -13.13
CA THR C 421 -28.80 -25.86 -12.58
C THR C 421 -29.22 -27.15 -13.27
N ASP C 422 -29.01 -27.23 -14.59
CA ASP C 422 -29.42 -28.39 -15.36
C ASP C 422 -28.21 -29.26 -15.65
N PRO C 423 -28.14 -30.48 -15.09
CA PRO C 423 -27.05 -31.39 -15.48
C PRO C 423 -27.12 -31.80 -16.94
N PHE C 424 -28.31 -31.93 -17.51
CA PHE C 424 -28.45 -32.37 -18.91
C PHE C 424 -28.46 -31.20 -19.88
N LYS C 425 -27.47 -30.33 -19.79
CA LYS C 425 -27.38 -29.22 -20.71
C LYS C 425 -26.50 -29.63 -21.90
N GLN C 426 -26.13 -28.66 -22.73
CA GLN C 426 -25.25 -28.94 -23.85
C GLN C 426 -23.85 -29.27 -23.35
N LEU C 427 -23.20 -30.23 -24.01
CA LEU C 427 -21.92 -30.75 -23.53
C LEU C 427 -20.78 -29.94 -24.15
N ASP C 428 -19.92 -29.40 -23.31
CA ASP C 428 -18.64 -28.86 -23.76
C ASP C 428 -17.69 -30.04 -23.89
N LEU C 429 -17.56 -30.57 -25.10
CA LEU C 429 -16.86 -31.83 -25.31
C LEU C 429 -15.34 -31.70 -25.20
N ARG C 430 -14.82 -30.49 -25.08
CA ARG C 430 -13.38 -30.30 -24.93
C ARG C 430 -12.96 -29.81 -23.55
N HIS C 431 -13.91 -29.52 -22.66
CA HIS C 431 -13.59 -28.98 -21.34
C HIS C 431 -14.40 -29.71 -20.27
N THR C 432 -13.85 -29.74 -19.05
CA THR C 432 -14.34 -30.64 -18.01
C THR C 432 -14.92 -29.92 -16.80
N THR C 433 -14.17 -29.05 -16.14
CA THR C 433 -14.53 -28.54 -14.83
C THR C 433 -15.13 -27.14 -14.94
N THR C 434 -16.12 -26.86 -14.10
CA THR C 434 -16.73 -25.53 -14.01
C THR C 434 -16.28 -24.90 -12.69
N HIS C 435 -15.30 -24.00 -12.78
CA HIS C 435 -14.72 -23.34 -11.62
C HIS C 435 -15.04 -21.86 -11.67
N VAL C 436 -15.57 -21.33 -10.58
CA VAL C 436 -15.98 -19.92 -10.49
C VAL C 436 -15.02 -19.20 -9.56
N MET C 437 -14.44 -18.11 -10.05
CA MET C 437 -13.57 -17.25 -9.27
C MET C 437 -14.23 -15.88 -9.13
N ILE C 438 -14.33 -15.39 -7.90
CA ILE C 438 -14.90 -14.07 -7.63
C ILE C 438 -13.75 -13.16 -7.22
N ILE C 439 -13.53 -12.10 -7.99
CA ILE C 439 -12.52 -11.11 -7.69
C ILE C 439 -13.21 -9.96 -6.97
N SER C 440 -12.77 -9.70 -5.74
CA SER C 440 -13.40 -8.69 -4.92
C SER C 440 -12.35 -7.74 -4.38
N PRO C 441 -12.67 -6.45 -4.25
CA PRO C 441 -11.77 -5.50 -3.61
C PRO C 441 -11.91 -5.42 -2.09
N GLY C 442 -12.61 -6.36 -1.46
CA GLY C 442 -12.81 -6.37 -0.03
C GLY C 442 -11.82 -7.27 0.67
N SER C 443 -12.17 -7.67 1.88
CA SER C 443 -11.32 -8.50 2.72
C SER C 443 -12.11 -9.63 3.35
N GLY C 444 -13.05 -10.20 2.59
CA GLY C 444 -13.79 -11.35 3.06
C GLY C 444 -14.91 -11.05 4.03
N LEU C 445 -15.30 -9.79 4.18
CA LEU C 445 -16.39 -9.40 5.08
C LEU C 445 -17.59 -8.99 4.22
N PHE C 446 -18.72 -9.64 4.44
CA PHE C 446 -19.92 -9.40 3.66
C PHE C 446 -21.14 -9.37 4.57
N ASP C 447 -21.95 -8.32 4.43
CA ASP C 447 -23.23 -8.25 5.10
C ASP C 447 -24.28 -8.87 4.18
N VAL C 448 -24.98 -9.89 4.68
CA VAL C 448 -25.84 -10.72 3.85
C VAL C 448 -27.21 -10.87 4.51
N ASP C 449 -28.18 -11.26 3.69
CA ASP C 449 -29.49 -11.65 4.18
C ASP C 449 -29.47 -13.11 4.63
N TYR C 450 -30.22 -13.40 5.68
CA TYR C 450 -30.17 -14.72 6.30
C TYR C 450 -30.81 -15.79 5.43
N SER C 451 -32.01 -15.50 4.91
CA SER C 451 -32.73 -16.49 4.10
C SER C 451 -32.02 -16.73 2.77
N LEU C 452 -31.47 -15.67 2.17
CA LEU C 452 -30.68 -15.83 0.96
C LEU C 452 -29.39 -16.58 1.24
N LEU C 453 -28.80 -16.41 2.42
CA LEU C 453 -27.61 -17.19 2.77
C LEU C 453 -27.94 -18.66 2.90
N ARG C 454 -29.09 -18.99 3.50
CA ARG C 454 -29.53 -20.37 3.60
C ARG C 454 -29.76 -20.97 2.22
N LEU C 455 -30.43 -20.22 1.34
CA LEU C 455 -30.70 -20.73 -0.01
C LEU C 455 -29.43 -20.87 -0.82
N THR C 456 -28.49 -19.94 -0.68
CA THR C 456 -27.23 -20.02 -1.38
C THR C 456 -26.41 -21.22 -0.92
N GLY C 457 -26.40 -21.50 0.38
CA GLY C 457 -25.73 -22.68 0.88
C GLY C 457 -26.36 -23.97 0.38
N LYS C 458 -27.70 -24.04 0.41
CA LYS C 458 -28.37 -25.25 -0.07
C LYS C 458 -28.19 -25.45 -1.57
N LYS C 459 -28.07 -24.37 -2.34
CA LYS C 459 -27.82 -24.52 -3.77
C LYS C 459 -26.37 -24.89 -4.05
N LEU C 460 -25.42 -24.31 -3.32
CA LEU C 460 -24.01 -24.60 -3.56
C LEU C 460 -23.62 -25.99 -3.09
N LEU C 461 -24.38 -26.55 -2.15
CA LEU C 461 -24.13 -27.92 -1.73
C LEU C 461 -24.72 -28.96 -2.69
N SER C 462 -25.43 -28.53 -3.73
CA SER C 462 -26.09 -29.45 -4.66
C SER C 462 -25.55 -29.36 -6.08
N LEU C 463 -24.37 -28.79 -6.29
CA LEU C 463 -23.82 -28.63 -7.62
C LEU C 463 -22.29 -28.58 -7.55
N GLU C 464 -21.66 -28.81 -8.70
CA GLU C 464 -20.22 -29.04 -8.78
C GLU C 464 -19.46 -27.77 -9.13
N MET C 465 -19.42 -26.83 -8.20
CA MET C 465 -18.64 -25.62 -8.35
C MET C 465 -17.84 -25.37 -7.09
N THR C 466 -16.67 -24.75 -7.26
CA THR C 466 -15.86 -24.26 -6.15
C THR C 466 -15.68 -22.77 -6.32
N MET C 467 -16.39 -22.00 -5.51
CA MET C 467 -16.31 -20.55 -5.53
C MET C 467 -15.01 -20.13 -4.86
N ASP C 468 -14.00 -19.81 -5.65
CA ASP C 468 -12.71 -19.37 -5.15
C ASP C 468 -12.71 -17.84 -5.14
N LEU C 469 -13.10 -17.27 -4.02
CA LEU C 469 -13.04 -15.83 -3.86
C LEU C 469 -11.59 -15.38 -3.74
N ILE C 470 -11.21 -14.37 -4.51
CA ILE C 470 -9.89 -13.76 -4.40
C ILE C 470 -10.07 -12.29 -4.06
N CYS C 471 -9.36 -11.83 -3.04
CA CYS C 471 -9.51 -10.50 -2.51
C CYS C 471 -8.25 -9.69 -2.84
N LEU C 472 -8.46 -8.51 -3.41
CA LEU C 472 -7.37 -7.64 -3.80
C LEU C 472 -6.89 -6.75 -2.66
N SER C 473 -7.51 -6.84 -1.50
CA SER C 473 -7.04 -6.15 -0.31
C SER C 473 -6.24 -7.13 0.56
N LYS C 474 -5.59 -6.57 1.58
CA LYS C 474 -4.76 -7.38 2.45
C LYS C 474 -5.61 -8.24 3.37
N ALA C 475 -4.99 -9.28 3.91
CA ALA C 475 -5.69 -10.21 4.78
C ALA C 475 -6.03 -9.54 6.10
N PRO C 476 -7.28 -9.59 6.54
CA PRO C 476 -7.65 -8.83 7.74
C PRO C 476 -7.34 -9.57 9.02
N LEU C 477 -7.77 -9.00 10.15
CA LEU C 477 -7.49 -9.53 11.47
C LEU C 477 -8.48 -10.59 11.91
N HIS C 478 -9.53 -10.83 11.14
CA HIS C 478 -10.54 -11.82 11.47
C HIS C 478 -10.43 -13.01 10.54
N ILE C 479 -11.14 -14.07 10.88
CA ILE C 479 -11.15 -15.29 10.08
C ILE C 479 -12.00 -15.05 8.83
N VAL C 480 -11.48 -15.46 7.67
CA VAL C 480 -12.14 -15.23 6.39
C VAL C 480 -12.62 -16.55 5.82
N PRO C 481 -13.73 -16.58 5.05
CA PRO C 481 -14.67 -15.48 4.77
C PRO C 481 -15.63 -15.23 5.92
N LEU C 482 -15.98 -13.99 6.20
CA LEU C 482 -16.84 -13.64 7.32
C LEU C 482 -18.14 -13.05 6.81
N PHE C 483 -19.27 -13.62 7.23
CA PHE C 483 -20.59 -13.14 6.86
C PHE C 483 -21.30 -12.64 8.10
N ARG C 484 -21.84 -11.42 8.03
CA ARG C 484 -22.60 -10.83 9.11
C ARG C 484 -24.06 -10.69 8.69
N TYR C 485 -24.96 -11.22 9.51
CA TYR C 485 -26.38 -11.14 9.21
C TYR C 485 -27.15 -10.84 10.49
N ARG C 486 -28.35 -10.30 10.29
CA ARG C 486 -29.27 -10.00 11.38
C ARG C 486 -30.42 -10.99 11.33
N ASP C 487 -30.78 -11.53 12.49
CA ASP C 487 -31.82 -12.56 12.57
C ASP C 487 -33.20 -11.92 12.53
N PHE C 488 -34.23 -12.72 12.81
CA PHE C 488 -35.59 -12.21 12.86
C PHE C 488 -35.84 -11.32 14.07
N GLU C 489 -34.98 -11.38 15.09
CA GLU C 489 -35.08 -10.52 16.26
C GLU C 489 -34.05 -9.40 16.26
N ASN C 490 -33.55 -9.03 15.06
CA ASN C 490 -32.53 -8.00 14.87
C ASN C 490 -31.27 -8.28 15.69
N LYS C 491 -30.83 -9.54 15.65
CA LYS C 491 -29.68 -10.00 16.41
C LYS C 491 -28.51 -10.21 15.46
N LEU C 492 -27.38 -9.57 15.75
CA LEU C 492 -26.20 -9.69 14.91
C LEU C 492 -25.55 -11.06 15.10
N HIS C 493 -25.12 -11.65 13.98
CA HIS C 493 -24.46 -12.94 13.99
C HIS C 493 -23.27 -12.89 13.05
N HIS C 494 -22.31 -13.77 13.28
CA HIS C 494 -21.15 -13.93 12.41
C HIS C 494 -21.02 -15.40 12.03
N CYS C 495 -20.74 -15.66 10.76
CA CYS C 495 -20.60 -17.03 10.30
C CYS C 495 -19.57 -17.09 9.19
N VAL C 496 -18.89 -18.23 9.10
CA VAL C 496 -17.90 -18.49 8.07
C VAL C 496 -18.44 -19.59 7.16
N PRO C 497 -18.72 -19.31 5.89
CA PRO C 497 -19.24 -20.36 5.01
C PRO C 497 -18.17 -21.37 4.63
N LEU C 498 -18.57 -22.63 4.56
CA LEU C 498 -17.63 -23.69 4.24
C LEU C 498 -17.29 -23.73 2.75
N TRP C 499 -18.22 -23.34 1.88
CA TRP C 499 -18.05 -23.52 0.44
C TRP C 499 -17.24 -22.41 -0.22
N LEU C 500 -16.85 -21.38 0.52
CA LEU C 500 -16.09 -20.27 -0.04
C LEU C 500 -14.65 -20.32 0.46
N SER C 501 -13.71 -20.33 -0.47
CA SER C 501 -12.28 -20.30 -0.15
C SER C 501 -11.72 -18.95 -0.57
N VAL C 502 -10.99 -18.30 0.34
CA VAL C 502 -10.51 -16.95 0.14
C VAL C 502 -9.01 -16.97 -0.11
N PHE C 503 -8.58 -16.35 -1.19
CA PHE C 503 -7.18 -16.14 -1.49
C PHE C 503 -6.91 -14.64 -1.57
N PHE C 504 -5.67 -14.26 -1.29
CA PHE C 504 -5.27 -12.86 -1.29
C PHE C 504 -4.12 -12.67 -2.26
N TRP C 505 -4.20 -11.62 -3.06
CA TRP C 505 -3.18 -11.31 -4.05
C TRP C 505 -2.23 -10.26 -3.50
N ASN C 506 -0.95 -10.59 -3.49
CA ASN C 506 0.07 -9.67 -2.99
C ASN C 506 1.03 -9.25 -4.10
N GLU C 515 8.52 -7.76 8.52
CA GLU C 515 8.04 -6.47 8.05
C GLU C 515 6.56 -6.29 8.37
N TRP C 516 6.21 -5.15 8.95
CA TRP C 516 4.83 -4.88 9.32
C TRP C 516 4.01 -4.41 8.14
N THR C 517 2.81 -4.96 8.00
CA THR C 517 1.88 -4.59 6.94
C THR C 517 0.56 -4.14 7.55
N PRO C 518 0.02 -3.00 7.13
CA PRO C 518 -1.28 -2.55 7.68
C PRO C 518 -2.44 -3.41 7.18
N ARG C 519 -2.99 -4.21 8.08
CA ARG C 519 -4.06 -5.15 7.74
C ARG C 519 -5.45 -4.64 8.09
N CYS C 520 -5.56 -3.43 8.64
CA CYS C 520 -6.84 -2.81 8.94
C CYS C 520 -6.97 -1.54 8.12
N LYS C 521 -8.14 -1.37 7.50
CA LYS C 521 -8.37 -0.28 6.54
C LYS C 521 -9.06 0.87 7.24
N ILE C 522 -8.39 2.01 7.30
CA ILE C 522 -8.99 3.28 7.72
C ILE C 522 -8.87 4.23 6.54
N TYR C 523 -9.95 4.40 5.79
CA TYR C 523 -9.88 5.13 4.53
C TYR C 523 -9.77 6.63 4.74
N ASP C 524 -10.44 7.17 5.75
CA ASP C 524 -10.48 8.61 5.94
C ASP C 524 -9.17 9.15 6.51
N LEU C 525 -8.34 8.31 7.11
CA LEU C 525 -7.03 8.72 7.59
C LEU C 525 -5.91 8.43 6.61
N GLN C 526 -6.05 7.36 5.82
CA GLN C 526 -5.08 7.10 4.76
C GLN C 526 -5.19 8.13 3.64
N MET C 527 -6.42 8.44 3.22
CA MET C 527 -6.64 9.44 2.19
C MET C 527 -6.67 10.86 2.73
N MET C 528 -6.58 11.03 4.05
CA MET C 528 -6.70 12.33 4.73
C MET C 528 -7.98 13.05 4.34
N GLY C 529 -9.09 12.30 4.32
CA GLY C 529 -10.36 12.84 3.87
C GLY C 529 -11.04 13.76 4.86
N ILE C 530 -10.60 13.77 6.11
CA ILE C 530 -11.19 14.61 7.14
C ILE C 530 -10.22 15.75 7.45
N THR C 531 -10.71 16.98 7.33
CA THR C 531 -9.89 18.15 7.57
C THR C 531 -9.53 18.25 9.04
N GLU C 532 -8.29 18.70 9.31
CA GLU C 532 -7.70 18.63 10.65
C GLU C 532 -8.51 19.41 11.69
N ASN C 533 -9.22 20.46 11.28
CA ASN C 533 -9.99 21.24 12.23
C ASN C 533 -11.33 20.62 12.58
N GLU C 534 -11.75 19.55 11.90
CA GLU C 534 -13.09 19.01 12.12
C GLU C 534 -13.12 17.58 12.66
N LEU C 535 -11.97 16.95 12.91
CA LEU C 535 -11.96 15.68 13.63
C LEU C 535 -11.26 15.83 14.98
N ILE C 536 -11.15 17.06 15.49
CA ILE C 536 -10.59 17.28 16.83
C ILE C 536 -11.50 16.62 17.87
N ARG C 537 -10.86 16.01 18.88
CA ARG C 537 -11.57 15.22 19.89
C ARG C 537 -12.56 16.08 20.67
N GLU C 538 -13.78 15.56 20.80
CA GLU C 538 -14.85 16.26 21.51
C GLU C 538 -15.12 15.68 22.89
N VAL C 539 -15.13 14.36 23.03
CA VAL C 539 -15.36 13.72 24.32
C VAL C 539 -14.03 13.42 24.99
N ASP C 540 -13.92 13.77 26.26
CA ASP C 540 -12.67 13.73 27.00
C ASP C 540 -12.79 12.76 28.17
N VAL C 541 -11.78 12.81 29.04
CA VAL C 541 -11.81 12.08 30.31
C VAL C 541 -13.02 12.53 31.13
N GLU C 542 -13.59 11.62 31.90
CA GLU C 542 -14.76 11.92 32.72
C GLU C 542 -14.37 12.83 33.89
N TYR C 543 -15.39 13.20 34.67
CA TYR C 543 -15.30 14.25 35.69
C TYR C 543 -15.19 13.71 37.11
N LEU C 544 -14.84 12.42 37.27
CA LEU C 544 -14.64 11.77 38.57
C LEU C 544 -15.91 11.84 39.43
N GLN C 545 -16.93 11.14 38.96
CA GLN C 545 -18.18 11.05 39.68
C GLN C 545 -18.00 10.29 41.00
N LEU C 546 -18.87 10.58 41.96
CA LEU C 546 -18.77 10.01 43.29
C LEU C 546 -19.53 8.69 43.38
N ASN C 547 -19.72 8.19 44.60
CA ASN C 547 -20.34 6.90 44.85
C ASN C 547 -21.63 7.01 45.65
N LYS C 548 -21.89 8.16 46.29
CA LYS C 548 -22.98 8.36 47.26
C LYS C 548 -22.88 7.36 48.42
N LYS C 549 -21.64 6.99 48.75
CA LYS C 549 -21.36 6.19 49.93
C LYS C 549 -20.07 6.63 50.60
N VAL C 550 -19.47 7.73 50.17
CA VAL C 550 -18.13 8.14 50.57
C VAL C 550 -18.23 9.50 51.22
N LYS C 551 -17.72 9.62 52.45
CA LYS C 551 -17.79 10.86 53.21
C LYS C 551 -16.43 11.50 53.44
N SER C 552 -15.35 10.88 52.97
CA SER C 552 -14.01 11.40 53.19
C SER C 552 -13.22 11.33 51.88
N LEU C 553 -12.26 12.24 51.75
CA LEU C 553 -11.42 12.25 50.56
C LEU C 553 -10.47 11.05 50.54
N SER C 554 -9.98 10.65 51.71
CA SER C 554 -9.16 9.45 51.82
C SER C 554 -9.96 8.19 51.48
N GLU C 555 -11.22 8.15 51.91
CA GLU C 555 -12.10 7.04 51.53
C GLU C 555 -12.36 7.02 50.03
N PHE C 556 -12.46 8.19 49.41
CA PHE C 556 -12.62 8.25 47.96
C PHE C 556 -11.38 7.71 47.25
N MET C 557 -10.19 8.08 47.73
CA MET C 557 -8.95 7.57 47.15
C MET C 557 -8.82 6.06 47.33
N ASN C 558 -9.20 5.55 48.52
CA ASN C 558 -9.14 4.12 48.76
C ASN C 558 -10.13 3.36 47.89
N ASP C 559 -11.34 3.88 47.72
CA ASP C 559 -12.33 3.21 46.90
C ASP C 559 -11.98 3.30 45.42
N TYR C 560 -11.28 4.36 45.01
CA TYR C 560 -10.81 4.43 43.63
C TYR C 560 -9.68 3.45 43.38
N ASP C 561 -8.75 3.33 44.33
CA ASP C 561 -7.64 2.39 44.15
C ASP C 561 -8.09 0.95 44.28
N LYS C 562 -9.16 0.70 45.03
CA LYS C 562 -9.67 -0.67 45.15
C LYS C 562 -10.39 -1.11 43.90
N ASN C 563 -11.02 -0.18 43.18
CA ASN C 563 -11.79 -0.48 41.98
C ASN C 563 -11.11 0.01 40.70
N ALA C 564 -9.81 0.30 40.76
CA ALA C 564 -9.10 0.82 39.60
C ALA C 564 -8.86 -0.23 38.52
N PHE C 565 -9.01 -1.51 38.84
CA PHE C 565 -8.75 -2.59 37.88
C PHE C 565 -9.97 -3.47 37.66
N GLU C 566 -11.15 -3.04 38.08
CA GLU C 566 -12.35 -3.83 37.92
C GLU C 566 -12.83 -3.80 36.47
N VAL C 567 -13.34 -4.95 36.01
CA VAL C 567 -13.87 -5.14 34.65
C VAL C 567 -12.85 -4.81 33.57
N GLU C 846 -26.01 -26.57 7.79
CA GLU C 846 -24.67 -27.13 7.83
C GLU C 846 -23.76 -26.44 6.83
N THR C 847 -24.21 -25.31 6.30
CA THR C 847 -23.44 -24.55 5.32
C THR C 847 -22.66 -23.41 5.94
N TRP C 848 -22.72 -23.23 7.26
CA TRP C 848 -21.92 -22.22 7.93
C TRP C 848 -21.62 -22.69 9.35
N VAL C 849 -20.56 -22.14 9.92
CA VAL C 849 -20.22 -22.32 11.33
C VAL C 849 -20.31 -20.96 12.03
N ASP C 850 -21.02 -20.93 13.15
CA ASP C 850 -21.34 -19.67 13.82
C ASP C 850 -20.15 -19.23 14.66
N ILE C 851 -19.48 -18.18 14.23
CA ILE C 851 -18.41 -17.56 15.01
C ILE C 851 -19.03 -16.73 16.12
N LYS C 852 -18.56 -16.94 17.35
CA LYS C 852 -19.10 -16.20 18.49
C LYS C 852 -18.80 -14.71 18.38
N SER C 853 -17.57 -14.36 18.01
CA SER C 853 -17.20 -12.96 17.82
C SER C 853 -15.99 -12.93 16.90
N PRO C 854 -15.91 -11.99 15.96
CA PRO C 854 -14.71 -11.89 15.13
C PRO C 854 -13.48 -11.42 15.87
N SER C 855 -13.65 -10.81 17.05
CA SER C 855 -12.54 -10.26 17.81
C SER C 855 -11.86 -11.28 18.71
N ILE C 856 -12.41 -12.49 18.82
CA ILE C 856 -11.73 -13.57 19.54
C ILE C 856 -11.30 -14.62 18.52
N PRO C 857 -10.13 -15.20 18.66
CA PRO C 857 -9.65 -16.11 17.61
C PRO C 857 -10.20 -17.52 17.77
N VAL C 858 -9.89 -18.39 16.82
CA VAL C 858 -10.34 -19.77 16.85
C VAL C 858 -9.14 -20.67 17.09
N SER C 859 -9.43 -21.89 17.54
CA SER C 859 -8.39 -22.86 17.78
C SER C 859 -7.85 -23.41 16.46
N SER C 860 -6.73 -24.12 16.54
CA SER C 860 -6.12 -24.71 15.36
C SER C 860 -7.00 -25.82 14.78
N GLU C 861 -7.61 -26.64 15.65
CA GLU C 861 -8.48 -27.71 15.18
C GLU C 861 -9.76 -27.16 14.56
N PHE C 862 -10.27 -26.04 15.07
CA PHE C 862 -11.43 -25.41 14.46
C PHE C 862 -11.10 -24.88 13.08
N ALA C 863 -9.93 -24.24 12.92
CA ALA C 863 -9.52 -23.77 11.60
C ALA C 863 -9.22 -24.93 10.66
N ASN C 864 -8.82 -26.09 11.20
CA ASN C 864 -8.69 -27.29 10.38
C ASN C 864 -10.06 -27.84 9.99
N GLU C 865 -11.09 -27.58 10.80
CA GLU C 865 -12.43 -28.07 10.49
C GLU C 865 -13.07 -27.32 9.32
N LEU C 866 -12.63 -26.09 9.03
CA LEU C 866 -13.20 -25.32 7.93
C LEU C 866 -12.81 -25.84 6.57
N LEU C 867 -13.57 -26.81 6.06
CA LEU C 867 -13.47 -27.29 4.69
C LEU C 867 -14.77 -28.00 4.34
N PRO C 868 -15.22 -27.90 3.10
CA PRO C 868 -16.47 -28.59 2.72
C PRO C 868 -16.31 -30.09 2.75
N ILE C 869 -17.41 -30.77 3.11
CA ILE C 869 -17.36 -32.22 3.25
C ILE C 869 -17.47 -32.91 1.89
N ARG C 870 -18.21 -32.32 0.94
CA ARG C 870 -18.31 -32.90 -0.40
C ARG C 870 -17.04 -32.75 -1.20
N TRP C 871 -16.13 -31.86 -0.78
CA TRP C 871 -14.83 -31.67 -1.41
C TRP C 871 -13.71 -31.93 -0.42
N LYS C 872 -13.97 -32.77 0.58
CA LYS C 872 -13.02 -33.04 1.65
C LYS C 872 -11.82 -33.85 1.18
N ASP C 873 -11.95 -34.56 0.06
CA ASP C 873 -10.92 -35.50 -0.39
C ASP C 873 -10.01 -34.89 -1.45
N VAL C 874 -9.70 -33.61 -1.33
CA VAL C 874 -8.77 -32.96 -2.25
C VAL C 874 -7.53 -32.52 -1.48
N TRP C 886 -2.60 -22.33 -5.68
CA TRP C 886 -2.29 -22.09 -7.09
C TRP C 886 -2.80 -23.21 -7.98
N ARG C 887 -2.79 -24.43 -7.43
CA ARG C 887 -3.21 -25.59 -8.21
C ARG C 887 -4.70 -25.57 -8.49
N SER C 888 -5.50 -24.97 -7.60
CA SER C 888 -6.92 -24.83 -7.86
C SER C 888 -7.20 -23.78 -8.94
N PHE C 889 -6.36 -22.75 -9.01
CA PHE C 889 -6.56 -21.70 -10.02
C PHE C 889 -6.24 -22.22 -11.42
N THR C 890 -5.09 -22.89 -11.56
CA THR C 890 -4.60 -23.29 -12.88
C THR C 890 -5.21 -24.60 -13.36
N THR C 891 -5.32 -25.59 -12.49
CA THR C 891 -5.82 -26.92 -12.85
C THR C 891 -6.92 -27.31 -11.88
N PRO C 892 -8.14 -26.80 -12.08
CA PRO C 892 -9.22 -27.05 -11.11
C PRO C 892 -9.66 -28.49 -11.08
N ALA C 893 -10.14 -28.91 -9.91
CA ALA C 893 -10.51 -30.28 -9.66
C ALA C 893 -12.02 -30.48 -9.80
N GLU C 894 -12.40 -31.64 -10.31
CA GLU C 894 -13.80 -32.02 -10.37
C GLU C 894 -14.28 -32.43 -8.98
N LEU C 895 -15.59 -32.63 -8.87
CA LEU C 895 -16.19 -33.14 -7.64
C LEU C 895 -15.62 -34.52 -7.34
N PRO C 896 -15.02 -34.74 -6.17
CA PRO C 896 -14.41 -36.03 -5.87
C PRO C 896 -15.41 -37.16 -5.85
N ILE C 897 -14.94 -38.32 -6.31
CA ILE C 897 -15.82 -39.47 -6.49
C ILE C 897 -16.31 -40.02 -5.15
N THR C 898 -15.56 -39.80 -4.08
CA THR C 898 -15.89 -40.34 -2.78
C THR C 898 -16.02 -39.23 -1.74
N ILE C 899 -16.83 -39.52 -0.72
CA ILE C 899 -16.98 -38.67 0.46
C ILE C 899 -16.95 -39.56 1.69
N SER C 900 -16.23 -39.12 2.72
CA SER C 900 -16.10 -39.87 3.97
C SER C 900 -16.99 -39.32 5.06
N ASP C 901 -18.19 -38.87 4.72
CA ASP C 901 -19.10 -38.27 5.68
C ASP C 901 -20.51 -38.81 5.46
N PHE C 902 -21.34 -38.66 6.48
CA PHE C 902 -22.69 -39.20 6.49
C PHE C 902 -23.45 -38.54 7.62
N PRO C 903 -24.78 -38.40 7.50
CA PRO C 903 -25.57 -37.95 8.65
C PRO C 903 -25.52 -38.99 9.77
N SER C 904 -25.65 -38.48 11.00
CA SER C 904 -25.63 -39.36 12.16
C SER C 904 -26.94 -40.13 12.26
N LYS C 905 -26.99 -41.04 13.24
CA LYS C 905 -28.16 -41.91 13.39
C LYS C 905 -29.40 -41.14 13.79
N ASP C 906 -29.25 -40.12 14.65
CA ASP C 906 -30.39 -39.30 15.03
C ASP C 906 -30.83 -38.39 13.89
N ASP C 907 -29.87 -37.89 13.09
CA ASP C 907 -30.22 -37.03 11.97
C ASP C 907 -30.86 -37.82 10.83
N PHE C 908 -30.47 -39.08 10.67
CA PHE C 908 -31.07 -39.92 9.64
C PHE C 908 -32.54 -40.20 9.92
N ASP C 909 -32.93 -40.23 11.19
CA ASP C 909 -34.32 -40.43 11.57
C ASP C 909 -35.06 -39.13 11.89
N ARG C 910 -34.41 -37.99 11.71
CA ARG C 910 -35.04 -36.71 12.08
C ARG C 910 -35.74 -36.04 10.91
N ASN C 911 -34.99 -35.73 9.85
CA ASN C 911 -35.50 -34.95 8.73
C ASN C 911 -35.27 -35.67 7.42
N PHE C 912 -35.64 -36.94 7.37
CA PHE C 912 -35.50 -37.75 6.17
C PHE C 912 -36.77 -38.55 5.92
N ILE C 913 -37.08 -38.74 4.64
CA ILE C 913 -38.15 -39.63 4.23
C ILE C 913 -37.57 -40.71 3.34
N PHE C 914 -38.21 -41.86 3.31
CA PHE C 914 -37.67 -43.07 2.70
C PHE C 914 -38.47 -43.42 1.45
N ARG C 915 -37.77 -43.57 0.33
CA ARG C 915 -38.34 -44.08 -0.91
C ARG C 915 -37.50 -45.26 -1.39
N ASN C 916 -38.17 -46.31 -1.87
CA ASN C 916 -37.50 -47.55 -2.23
C ASN C 916 -37.78 -47.91 -3.68
N HIS C 917 -36.74 -48.42 -4.35
CA HIS C 917 -36.83 -48.91 -5.72
C HIS C 917 -36.53 -50.41 -5.74
N SER C 918 -36.96 -51.06 -6.82
CA SER C 918 -36.60 -52.45 -7.10
C SER C 918 -36.60 -52.59 -8.62
N VAL C 919 -35.41 -52.45 -9.20
CA VAL C 919 -35.24 -52.39 -10.65
C VAL C 919 -34.51 -53.64 -11.12
N THR C 920 -34.99 -54.23 -12.21
CA THR C 920 -34.58 -55.55 -12.64
C THR C 920 -34.28 -55.50 -14.14
N LEU C 921 -33.41 -56.42 -14.58
CA LEU C 921 -33.11 -56.57 -16.00
C LEU C 921 -34.36 -56.92 -16.79
N ASN C 922 -34.45 -56.39 -18.00
CA ASN C 922 -35.51 -56.77 -18.93
C ASN C 922 -34.93 -57.60 -20.07
N THR C 923 -35.74 -58.55 -20.56
CA THR C 923 -35.28 -59.56 -21.49
C THR C 923 -34.92 -59.00 -22.86
N ASP C 924 -35.38 -57.80 -23.20
CA ASP C 924 -35.02 -57.22 -24.49
C ASP C 924 -33.58 -56.73 -24.51
N GLN C 925 -33.05 -56.28 -23.39
CA GLN C 925 -31.69 -55.76 -23.34
C GLN C 925 -30.64 -56.82 -23.05
N GLU C 926 -31.04 -58.01 -22.58
CA GLU C 926 -30.07 -59.07 -22.40
C GLU C 926 -29.77 -59.80 -23.71
N GLN C 927 -30.49 -59.50 -24.78
CA GLN C 927 -30.08 -59.93 -26.11
C GLN C 927 -28.74 -59.29 -26.47
N TYR C 928 -28.57 -58.02 -26.13
CA TYR C 928 -27.26 -57.40 -26.13
C TYR C 928 -26.46 -57.88 -24.92
N ASN C 929 -25.15 -57.63 -24.95
CA ASN C 929 -24.26 -58.03 -23.86
C ASN C 929 -24.52 -57.09 -22.68
N GLN C 930 -25.54 -57.41 -21.90
CA GLN C 930 -25.97 -56.58 -20.77
C GLN C 930 -26.41 -57.49 -19.63
N THR C 931 -25.57 -57.60 -18.61
CA THR C 931 -25.93 -58.28 -17.37
C THR C 931 -26.47 -57.25 -16.38
N TYR C 932 -26.60 -57.64 -15.11
CA TYR C 932 -26.96 -56.68 -14.08
C TYR C 932 -25.80 -55.78 -13.69
N LYS C 933 -24.57 -56.23 -13.91
CA LYS C 933 -23.39 -55.52 -13.42
C LYS C 933 -23.16 -54.22 -14.18
N ASP C 934 -23.21 -54.28 -15.51
CA ASP C 934 -22.97 -53.07 -16.30
C ASP C 934 -24.15 -52.12 -16.26
N LEU C 935 -25.38 -52.64 -16.13
CA LEU C 935 -26.53 -51.78 -15.87
C LEU C 935 -26.39 -51.08 -14.51
N LEU C 936 -25.88 -51.82 -13.51
CA LEU C 936 -25.65 -51.23 -12.19
C LEU C 936 -24.63 -50.10 -12.25
N ARG C 937 -23.50 -50.34 -12.93
CA ARG C 937 -22.51 -49.28 -13.02
C ARG C 937 -22.96 -48.15 -13.95
N ASP C 938 -23.90 -48.41 -14.86
CA ASP C 938 -24.50 -47.33 -15.63
C ASP C 938 -25.40 -46.46 -14.75
N MET C 939 -26.15 -47.08 -13.83
CA MET C 939 -26.93 -46.29 -12.88
C MET C 939 -26.02 -45.45 -11.98
N ILE C 940 -24.92 -46.04 -11.51
CA ILE C 940 -23.96 -45.28 -10.72
C ILE C 940 -23.29 -44.21 -11.58
N TYR C 941 -23.11 -44.47 -12.89
CA TYR C 941 -22.62 -43.46 -13.82
C TYR C 941 -23.56 -42.27 -13.92
N MET C 942 -24.87 -42.54 -13.98
CA MET C 942 -25.85 -41.45 -13.99
C MET C 942 -25.85 -40.68 -12.68
N ARG C 943 -25.75 -41.38 -11.55
CA ARG C 943 -25.68 -40.72 -10.25
C ARG C 943 -24.45 -39.84 -10.13
N LEU C 944 -23.29 -40.33 -10.57
CA LEU C 944 -22.08 -39.52 -10.61
C LEU C 944 -22.19 -38.34 -11.58
N LEU C 945 -22.93 -38.52 -12.67
CA LEU C 945 -23.15 -37.41 -13.60
C LEU C 945 -23.99 -36.31 -12.96
N THR C 946 -25.03 -36.69 -12.21
CA THR C 946 -25.85 -35.69 -11.53
C THR C 946 -25.10 -35.04 -10.37
N GLY C 947 -24.22 -35.79 -9.70
CA GLY C 947 -23.43 -35.20 -8.63
C GLY C 947 -23.30 -36.01 -7.36
N PHE C 948 -23.69 -37.28 -7.42
CA PHE C 948 -23.55 -38.16 -6.26
C PHE C 948 -22.10 -38.58 -6.06
N GLN C 949 -21.70 -38.74 -4.81
CA GLN C 949 -20.37 -39.24 -4.47
C GLN C 949 -20.51 -40.54 -3.70
N ILE C 950 -19.63 -41.50 -3.99
CA ILE C 950 -19.74 -42.85 -3.44
C ILE C 950 -19.13 -42.86 -2.04
N CYS C 951 -19.97 -43.04 -1.03
CA CYS C 951 -19.54 -42.91 0.36
C CYS C 951 -18.77 -44.15 0.80
N VAL C 952 -17.50 -43.94 1.17
CA VAL C 952 -16.72 -44.94 1.89
C VAL C 952 -16.03 -44.24 3.05
N GLY C 953 -16.00 -44.89 4.20
CA GLY C 953 -15.44 -44.28 5.39
C GLY C 953 -15.85 -45.01 6.65
N ARG C 954 -15.88 -44.26 7.75
CA ARG C 954 -16.19 -44.83 9.06
C ARG C 954 -17.65 -44.69 9.43
N GLN C 955 -18.24 -43.50 9.22
CA GLN C 955 -19.63 -43.26 9.63
C GLN C 955 -20.60 -44.09 8.80
N VAL C 956 -20.31 -44.28 7.52
CA VAL C 956 -21.15 -45.10 6.67
C VAL C 956 -21.07 -46.57 7.10
N GLU C 957 -19.88 -47.01 7.51
CA GLU C 957 -19.74 -48.37 8.01
C GLU C 957 -20.43 -48.55 9.34
N LYS C 958 -20.35 -47.55 10.21
CA LYS C 958 -21.00 -47.63 11.52
C LYS C 958 -22.51 -47.44 11.43
N ILE C 959 -23.01 -46.90 10.33
CA ILE C 959 -24.45 -46.82 10.13
C ILE C 959 -24.99 -47.98 9.29
N GLU C 960 -24.12 -48.69 8.58
CA GLU C 960 -24.56 -49.86 7.82
C GLU C 960 -24.77 -51.06 8.75
N LEU C 961 -23.87 -51.23 9.74
CA LEU C 961 -23.97 -52.34 10.67
C LEU C 961 -25.13 -52.20 11.65
N SER C 962 -25.76 -51.03 11.71
CA SER C 962 -26.94 -50.80 12.54
C SER C 962 -28.24 -51.12 11.82
N ARG C 963 -28.20 -52.00 10.82
CA ARG C 963 -29.37 -52.37 10.05
C ARG C 963 -30.38 -53.14 10.87
N VAL C 971 -20.32 -55.17 3.55
CA VAL C 971 -19.08 -54.49 3.17
C VAL C 971 -19.41 -53.31 2.26
N VAL C 972 -18.92 -52.13 2.64
CA VAL C 972 -19.11 -50.94 1.81
C VAL C 972 -18.19 -51.03 0.60
N ASN C 973 -18.64 -50.46 -0.52
CA ASN C 973 -17.91 -50.54 -1.77
C ASN C 973 -17.69 -49.14 -2.33
N LYS C 974 -16.67 -49.02 -3.16
CA LYS C 974 -16.39 -47.79 -3.89
C LYS C 974 -16.37 -48.01 -5.39
N TYR C 975 -15.79 -49.11 -5.85
CA TYR C 975 -15.83 -49.50 -7.25
C TYR C 975 -16.51 -50.86 -7.36
N LEU C 976 -16.51 -51.42 -8.56
CA LEU C 976 -17.05 -52.75 -8.77
C LEU C 976 -15.97 -53.73 -9.21
N ASN C 981 -17.93 -61.54 -8.22
CA ASN C 981 -18.53 -61.09 -6.97
C ASN C 981 -20.02 -60.81 -7.15
N ASP C 982 -20.72 -60.66 -6.03
CA ASP C 982 -22.13 -60.32 -6.07
C ASP C 982 -22.55 -59.24 -5.08
N ALA C 983 -21.70 -58.85 -4.13
CA ALA C 983 -22.02 -57.83 -3.15
C ALA C 983 -21.45 -56.51 -3.62
N PHE C 984 -22.32 -55.54 -3.88
CA PHE C 984 -21.96 -54.25 -4.46
C PHE C 984 -22.64 -53.13 -3.69
N LYS C 985 -22.50 -53.16 -2.37
CA LYS C 985 -23.13 -52.19 -1.49
C LYS C 985 -22.43 -50.84 -1.61
N LEU C 986 -23.03 -49.92 -2.36
CA LEU C 986 -22.54 -48.55 -2.48
C LEU C 986 -23.48 -47.60 -1.74
N TYR C 987 -22.95 -46.43 -1.42
CA TYR C 987 -23.70 -45.37 -0.75
C TYR C 987 -23.41 -44.08 -1.48
N LEU C 988 -24.42 -43.49 -2.12
CA LEU C 988 -24.25 -42.28 -2.92
C LEU C 988 -25.05 -41.16 -2.30
N MET C 989 -24.41 -40.00 -2.13
CA MET C 989 -25.00 -38.92 -1.34
C MET C 989 -24.82 -37.58 -2.04
N ILE C 990 -25.91 -36.80 -2.10
CA ILE C 990 -25.85 -35.38 -2.41
C ILE C 990 -26.44 -34.66 -1.21
N ASP C 991 -26.54 -33.33 -1.29
CA ASP C 991 -27.13 -32.56 -0.21
C ASP C 991 -28.62 -32.84 -0.06
N SER C 992 -29.29 -33.27 -1.14
CA SER C 992 -30.72 -33.51 -1.08
C SER C 992 -31.04 -34.91 -0.59
N GLU C 993 -30.55 -35.93 -1.30
CA GLU C 993 -30.94 -37.30 -1.00
C GLU C 993 -29.72 -38.21 -0.97
N ILE C 994 -29.84 -39.30 -0.22
CA ILE C 994 -28.78 -40.29 -0.08
C ILE C 994 -29.31 -41.62 -0.60
N HIS C 995 -28.51 -42.27 -1.44
CA HIS C 995 -28.90 -43.51 -2.11
C HIS C 995 -28.05 -44.66 -1.58
N ARG C 996 -28.71 -45.70 -1.10
CA ARG C 996 -28.05 -46.96 -0.75
C ARG C 996 -28.42 -47.96 -1.83
N ILE C 997 -27.41 -48.49 -2.52
CA ILE C 997 -27.62 -49.40 -3.64
C ILE C 997 -26.92 -50.71 -3.33
N THR C 998 -27.67 -51.80 -3.35
CA THR C 998 -27.14 -53.12 -3.09
C THR C 998 -27.56 -54.06 -4.21
N CYS C 999 -26.70 -55.05 -4.49
CA CYS C 999 -26.95 -56.01 -5.55
C CYS C 999 -26.89 -57.43 -4.99
N SER C 1000 -27.13 -58.40 -5.85
CA SER C 1000 -27.11 -59.80 -5.49
C SER C 1000 -26.86 -60.61 -6.76
N SER C 1001 -26.94 -61.94 -6.62
CA SER C 1001 -26.80 -62.82 -7.77
C SER C 1001 -28.08 -62.98 -8.56
N SER C 1002 -29.21 -62.56 -8.01
CA SER C 1002 -30.49 -62.68 -8.72
C SER C 1002 -30.64 -61.64 -9.81
N GLY C 1003 -29.96 -60.50 -9.70
CA GLY C 1003 -30.05 -59.45 -10.68
C GLY C 1003 -30.91 -58.26 -10.27
N ILE C 1004 -31.64 -58.37 -9.17
CA ILE C 1004 -32.48 -57.26 -8.69
C ILE C 1004 -31.59 -56.25 -7.98
N ILE C 1005 -31.70 -54.99 -8.36
CA ILE C 1005 -30.94 -53.91 -7.75
C ILE C 1005 -31.85 -53.19 -6.76
N ASP C 1006 -31.48 -53.23 -5.48
CA ASP C 1006 -32.25 -52.56 -4.44
C ASP C 1006 -31.68 -51.16 -4.23
N VAL C 1007 -32.49 -50.15 -4.52
CA VAL C 1007 -32.09 -48.75 -4.40
C VAL C 1007 -33.01 -48.10 -3.38
N GLU C 1008 -32.42 -47.53 -2.33
CA GLU C 1008 -33.16 -46.87 -1.27
C GLU C 1008 -32.83 -45.39 -1.26
N ARG C 1009 -33.83 -44.55 -1.37
CA ARG C 1009 -33.66 -43.11 -1.47
C ARG C 1009 -34.06 -42.45 -0.16
N TYR C 1010 -33.11 -41.78 0.47
CA TYR C 1010 -33.37 -41.04 1.72
C TYR C 1010 -33.41 -39.55 1.39
N LEU C 1011 -34.58 -39.10 0.93
CA LEU C 1011 -34.77 -37.69 0.62
C LEU C 1011 -34.79 -36.87 1.91
N ARG C 1012 -34.44 -35.59 1.79
CA ARG C 1012 -34.37 -34.72 2.96
C ARG C 1012 -35.75 -34.40 3.51
N LEU C 1018 -38.37 -22.67 2.07
CA LEU C 1018 -37.04 -22.06 2.06
C LEU C 1018 -36.88 -21.18 0.82
N PHE C 1019 -37.43 -21.65 -0.31
CA PHE C 1019 -37.39 -20.88 -1.55
C PHE C 1019 -38.52 -19.87 -1.65
N ASP C 1020 -39.51 -19.93 -0.76
CA ASP C 1020 -40.62 -18.99 -0.77
C ASP C 1020 -40.42 -17.78 0.11
N GLN C 1021 -39.46 -17.83 1.04
CA GLN C 1021 -39.19 -16.72 1.93
C GLN C 1021 -38.06 -15.83 1.44
N VAL C 1022 -37.80 -15.83 0.14
CA VAL C 1022 -36.81 -14.94 -0.46
C VAL C 1022 -37.53 -14.13 -1.55
N PRO C 1023 -37.34 -12.81 -1.59
CA PRO C 1023 -38.06 -12.00 -2.59
C PRO C 1023 -37.57 -12.28 -4.00
N SER C 1024 -38.47 -12.01 -4.96
CA SER C 1024 -38.13 -12.16 -6.36
C SER C 1024 -37.07 -11.15 -6.77
N TYR C 1025 -36.12 -11.59 -7.59
CA TYR C 1025 -34.95 -10.80 -7.91
C TYR C 1025 -34.65 -10.94 -9.40
N ILE C 1026 -34.93 -9.91 -10.16
CA ILE C 1026 -34.66 -9.88 -11.59
C ILE C 1026 -33.68 -8.75 -11.86
N PRO C 1027 -32.40 -9.07 -12.05
CA PRO C 1027 -31.39 -8.03 -12.26
C PRO C 1027 -31.41 -7.51 -13.69
N LEU C 1028 -30.49 -6.61 -13.98
CA LEU C 1028 -30.31 -6.07 -15.31
C LEU C 1028 -29.01 -6.61 -15.91
N VAL C 1029 -29.10 -7.21 -17.08
CA VAL C 1029 -28.00 -7.97 -17.67
C VAL C 1029 -27.63 -7.36 -19.01
N LYS C 1030 -26.35 -7.04 -19.18
CA LYS C 1030 -25.79 -6.58 -20.45
C LYS C 1030 -24.84 -7.65 -20.96
N THR C 1031 -25.17 -8.23 -22.11
CA THR C 1031 -24.33 -9.27 -22.70
C THR C 1031 -23.25 -8.60 -23.54
N ARG C 1032 -22.51 -9.41 -24.30
CA ARG C 1032 -21.36 -8.89 -25.05
C ARG C 1032 -21.80 -8.07 -26.26
N TYR C 1033 -22.92 -8.42 -26.88
CA TYR C 1033 -23.36 -7.77 -28.11
C TYR C 1033 -24.46 -6.73 -27.88
N GLU C 1034 -24.82 -6.47 -26.64
CA GLU C 1034 -25.84 -5.47 -26.32
C GLU C 1034 -25.21 -4.10 -26.10
N SER C 1035 -26.01 -3.07 -26.29
CA SER C 1035 -25.61 -1.69 -26.03
C SER C 1035 -26.38 -1.05 -24.90
N SER C 1036 -27.45 -1.68 -24.41
CA SER C 1036 -28.28 -1.13 -23.35
C SER C 1036 -28.55 -2.20 -22.31
N PHE C 1037 -28.68 -1.77 -21.05
CA PHE C 1037 -28.99 -2.68 -19.97
C PHE C 1037 -30.45 -3.11 -20.05
N ARG C 1038 -30.69 -4.41 -20.10
CA ARG C 1038 -32.03 -4.94 -20.25
C ARG C 1038 -32.35 -5.85 -19.08
N ASP C 1039 -33.64 -6.05 -18.85
CA ASP C 1039 -34.11 -6.92 -17.78
C ASP C 1039 -33.75 -8.36 -18.07
N ALA C 1040 -33.25 -9.06 -17.05
CA ALA C 1040 -32.86 -10.45 -17.20
C ALA C 1040 -34.08 -11.33 -17.39
N MET C 1041 -33.89 -12.47 -18.04
CA MET C 1041 -34.98 -13.38 -18.34
C MET C 1041 -35.10 -14.53 -17.36
N ILE C 1042 -34.28 -14.56 -16.31
CA ILE C 1042 -34.29 -15.63 -15.33
C ILE C 1042 -34.07 -15.02 -13.94
N ASP C 1043 -34.73 -15.58 -12.94
CA ASP C 1043 -34.43 -15.25 -11.56
C ASP C 1043 -33.20 -16.05 -11.12
N PRO C 1044 -32.08 -15.41 -10.81
CA PRO C 1044 -30.89 -16.17 -10.43
C PRO C 1044 -31.01 -16.87 -9.09
N LEU C 1045 -31.77 -16.30 -8.16
CA LEU C 1045 -31.92 -16.93 -6.85
C LEU C 1045 -32.85 -18.13 -6.90
N HIS C 1046 -33.95 -18.03 -7.64
CA HIS C 1046 -35.01 -19.02 -7.56
C HIS C 1046 -34.85 -20.17 -8.55
N VAL C 1047 -33.85 -20.13 -9.41
CA VAL C 1047 -33.52 -21.30 -10.23
C VAL C 1047 -32.57 -22.18 -9.43
N LYS C 1048 -32.73 -23.49 -9.57
CA LYS C 1048 -32.05 -24.41 -8.67
C LYS C 1048 -31.87 -25.76 -9.36
N ARG C 1049 -31.04 -26.60 -8.74
CA ARG C 1049 -30.86 -27.98 -9.20
C ARG C 1049 -32.04 -28.79 -8.68
N GLU C 1050 -32.94 -29.17 -9.57
CA GLU C 1050 -34.13 -29.88 -9.16
C GLU C 1050 -33.80 -31.34 -8.89
N SER C 1051 -34.55 -31.93 -7.96
CA SER C 1051 -34.43 -33.36 -7.69
C SER C 1051 -34.94 -34.14 -8.88
N LEU C 1052 -34.07 -34.89 -9.52
CA LEU C 1052 -34.42 -35.63 -10.71
C LEU C 1052 -35.40 -36.75 -10.37
N ASN C 1053 -36.34 -37.01 -11.29
CA ASN C 1053 -37.25 -38.11 -11.12
C ASN C 1053 -36.49 -39.41 -11.36
N TRP C 1054 -35.85 -39.93 -10.31
CA TRP C 1054 -34.91 -41.02 -10.45
C TRP C 1054 -35.58 -42.34 -10.77
N ASN C 1055 -36.86 -42.49 -10.44
CA ASN C 1055 -37.57 -43.73 -10.74
C ASN C 1055 -37.69 -43.96 -12.23
N GLN C 1056 -38.04 -42.92 -12.99
CA GLN C 1056 -38.13 -43.05 -14.44
C GLN C 1056 -36.76 -43.18 -15.08
N ILE C 1057 -35.73 -42.57 -14.45
CA ILE C 1057 -34.35 -42.73 -14.93
C ILE C 1057 -33.92 -44.19 -14.85
N ASP C 1058 -34.13 -44.81 -13.69
CA ASP C 1058 -33.82 -46.23 -13.54
C ASP C 1058 -34.71 -47.08 -14.43
N GLN C 1059 -35.96 -46.67 -14.65
CA GLN C 1059 -36.85 -47.42 -15.52
C GLN C 1059 -36.36 -47.41 -16.96
N VAL C 1060 -35.84 -46.29 -17.43
CA VAL C 1060 -35.41 -46.22 -18.83
C VAL C 1060 -34.00 -46.78 -19.04
N LEU C 1061 -33.11 -46.71 -18.04
CA LEU C 1061 -31.88 -47.48 -18.16
C LEU C 1061 -32.13 -48.98 -18.03
N ALA C 1062 -33.21 -49.39 -17.37
CA ALA C 1062 -33.54 -50.80 -17.35
C ALA C 1062 -34.07 -51.29 -18.69
N GLY C 1063 -34.84 -50.47 -19.39
CA GLY C 1063 -35.46 -50.87 -20.64
C GLY C 1063 -36.97 -51.02 -20.56
N ASP C 1070 -43.64 -39.95 -22.05
CA ASP C 1070 -42.52 -39.56 -21.22
C ASP C 1070 -42.45 -38.05 -21.08
N ARG C 1071 -43.45 -37.46 -20.43
CA ARG C 1071 -43.50 -36.03 -20.27
C ARG C 1071 -42.50 -35.55 -19.22
N LYS C 1072 -41.99 -34.34 -19.44
CA LYS C 1072 -41.11 -33.62 -18.50
C LYS C 1072 -39.85 -34.43 -18.16
N TRP C 1073 -39.26 -35.06 -19.18
CA TRP C 1073 -38.05 -35.83 -18.97
C TRP C 1073 -37.21 -35.82 -20.24
N HIS C 1074 -35.92 -35.58 -20.09
CA HIS C 1074 -35.01 -35.57 -21.23
C HIS C 1074 -33.60 -35.91 -20.78
N GLY C 1075 -32.86 -36.60 -21.65
CA GLY C 1075 -31.49 -36.95 -21.39
C GLY C 1075 -30.51 -35.96 -21.98
N PHE C 1076 -29.25 -36.37 -22.04
CA PHE C 1076 -28.22 -35.57 -22.70
C PHE C 1076 -28.53 -35.52 -24.20
N ARG C 1077 -28.32 -34.35 -24.80
CA ARG C 1077 -28.81 -34.17 -26.16
C ARG C 1077 -28.02 -33.10 -26.87
N ALA C 1078 -27.87 -33.27 -28.18
CA ALA C 1078 -27.14 -32.32 -29.02
C ALA C 1078 -27.67 -32.40 -30.44
N LYS C 1079 -28.16 -31.27 -30.96
CA LYS C 1079 -28.61 -31.15 -32.33
C LYS C 1079 -27.44 -30.81 -33.24
N TYR C 1080 -27.40 -31.43 -34.41
CA TYR C 1080 -26.27 -31.26 -35.32
C TYR C 1080 -26.75 -30.79 -36.68
N VAL C 1081 -26.08 -29.76 -37.20
CA VAL C 1081 -26.43 -29.13 -38.48
C VAL C 1081 -25.27 -29.32 -39.44
N VAL C 1082 -25.53 -29.93 -40.59
CA VAL C 1082 -24.55 -29.97 -41.67
C VAL C 1082 -24.94 -28.93 -42.71
N LEU C 1083 -23.92 -28.27 -43.28
CA LEU C 1083 -24.13 -27.09 -44.08
C LEU C 1083 -23.31 -27.16 -45.35
N PRO C 1084 -23.80 -26.58 -46.45
CA PRO C 1084 -23.03 -26.58 -47.69
C PRO C 1084 -21.89 -25.59 -47.62
N THR C 1085 -20.68 -26.06 -47.93
CA THR C 1085 -19.49 -25.22 -47.97
C THR C 1085 -18.69 -25.58 -49.22
N ASP C 1086 -17.45 -25.09 -49.28
CA ASP C 1086 -16.61 -25.24 -50.46
C ASP C 1086 -16.21 -26.69 -50.68
N ILE C 1087 -15.99 -27.04 -51.94
CA ILE C 1087 -15.66 -28.41 -52.34
C ILE C 1087 -14.15 -28.51 -52.53
N PRO C 1088 -13.49 -29.53 -51.98
CA PRO C 1088 -12.05 -29.68 -52.19
C PRO C 1088 -11.75 -30.00 -53.64
N PRO C 1089 -10.57 -29.62 -54.14
CA PRO C 1089 -10.26 -29.84 -55.56
C PRO C 1089 -10.09 -31.30 -55.94
N ASN C 1090 -9.69 -32.17 -55.01
CA ASN C 1090 -9.59 -33.59 -55.32
C ASN C 1090 -10.96 -34.25 -55.45
N THR C 1091 -12.00 -33.64 -54.88
CA THR C 1091 -13.34 -34.17 -55.01
C THR C 1091 -13.86 -33.99 -56.43
N TYR C 1092 -13.43 -32.93 -57.12
CA TYR C 1092 -13.89 -32.67 -58.49
C TYR C 1092 -13.31 -33.65 -59.49
N SER C 1093 -12.31 -34.44 -59.12
CA SER C 1093 -11.73 -35.46 -59.98
C SER C 1093 -12.33 -36.85 -59.73
N MET C 1094 -13.42 -36.92 -58.95
CA MET C 1094 -14.06 -38.18 -58.66
C MET C 1094 -14.92 -38.65 -59.83
N GLU C 1101 -16.46 -39.18 -63.35
CA GLU C 1101 -17.59 -38.46 -63.95
C GLU C 1101 -17.71 -37.05 -63.38
N THR C 1102 -17.71 -36.06 -64.27
CA THR C 1102 -17.91 -34.68 -63.86
C THR C 1102 -19.38 -34.47 -63.49
N LEU C 1103 -19.62 -34.06 -62.25
CA LEU C 1103 -20.98 -33.95 -61.72
C LEU C 1103 -21.26 -32.54 -61.24
N ASN C 1104 -22.54 -32.26 -61.05
CA ASN C 1104 -22.97 -30.99 -60.50
C ASN C 1104 -22.49 -30.87 -59.05
N PRO C 1105 -22.07 -29.67 -58.61
CA PRO C 1105 -21.81 -29.48 -57.17
C PRO C 1105 -23.00 -29.80 -56.28
N GLU C 1106 -24.22 -29.52 -56.73
CA GLU C 1106 -25.40 -29.97 -56.01
C GLU C 1106 -25.50 -31.49 -56.00
N GLU C 1107 -25.12 -32.12 -57.11
CA GLU C 1107 -25.14 -33.58 -57.19
C GLU C 1107 -24.13 -34.22 -56.25
N ILE C 1108 -22.91 -33.68 -56.18
CA ILE C 1108 -21.94 -34.26 -55.27
C ILE C 1108 -22.25 -33.92 -53.82
N ARG C 1109 -22.93 -32.79 -53.56
CA ARG C 1109 -23.33 -32.52 -52.18
C ARG C 1109 -24.46 -33.42 -51.72
N VAL C 1110 -25.43 -33.71 -52.61
CA VAL C 1110 -26.47 -34.66 -52.22
C VAL C 1110 -25.91 -36.08 -52.17
N GLU C 1111 -24.86 -36.37 -52.95
CA GLU C 1111 -24.16 -37.64 -52.81
C GLU C 1111 -23.47 -37.75 -51.46
N GLY C 1112 -22.85 -36.66 -51.00
CA GLY C 1112 -22.24 -36.66 -49.67
C GLY C 1112 -23.26 -36.80 -48.57
N LEU C 1113 -24.43 -36.16 -48.73
CA LEU C 1113 -25.51 -36.31 -47.77
C LEU C 1113 -26.02 -37.74 -47.71
N ARG C 1114 -26.20 -38.38 -48.87
CA ARG C 1114 -26.63 -39.78 -48.90
C ARG C 1114 -25.58 -40.70 -48.31
N ARG C 1115 -24.30 -40.40 -48.55
CA ARG C 1115 -23.23 -41.18 -47.96
C ARG C 1115 -23.20 -41.03 -46.44
N LEU C 1116 -23.46 -39.82 -45.92
CA LEU C 1116 -23.51 -39.61 -44.48
C LEU C 1116 -24.70 -40.34 -43.85
N ILE C 1117 -25.85 -40.33 -44.52
CA ILE C 1117 -27.02 -41.06 -44.03
C ILE C 1117 -26.75 -42.56 -44.03
N GLY C 1118 -26.11 -43.07 -45.09
CA GLY C 1118 -25.73 -44.47 -45.12
C GLY C 1118 -24.68 -44.83 -44.08
N SER C 1119 -23.76 -43.91 -43.79
CA SER C 1119 -22.77 -44.16 -42.75
C SER C 1119 -23.40 -44.21 -41.38
N ILE C 1120 -24.43 -43.39 -41.15
CA ILE C 1120 -25.16 -43.48 -39.89
C ILE C 1120 -25.94 -44.79 -39.81
N THR C 1121 -26.63 -45.17 -40.89
CA THR C 1121 -27.41 -46.41 -40.86
C THR C 1121 -26.53 -47.66 -40.90
N ARG C 1122 -25.26 -47.53 -41.26
CA ARG C 1122 -24.30 -48.63 -41.09
C ARG C 1122 -23.68 -48.66 -39.70
N SER C 1123 -23.92 -47.63 -38.89
CA SER C 1123 -23.47 -47.59 -37.51
C SER C 1123 -24.52 -48.11 -36.54
N ARG C 1124 -25.57 -48.75 -37.06
CA ARG C 1124 -26.66 -49.29 -36.25
C ARG C 1124 -26.15 -50.33 -35.26
N LEU C 1125 -26.53 -50.18 -34.00
CA LEU C 1125 -26.16 -51.16 -32.97
C LEU C 1125 -26.93 -52.46 -33.18
N ARG C 1126 -26.20 -53.56 -33.29
CA ARG C 1126 -26.80 -54.85 -33.60
C ARG C 1126 -26.70 -55.78 -32.40
N THR C 1127 -27.68 -56.67 -32.28
CA THR C 1127 -27.65 -57.68 -31.25
C THR C 1127 -26.58 -58.73 -31.57
N GLU C 1128 -26.19 -59.47 -30.54
CA GLU C 1128 -25.26 -60.58 -30.74
C GLU C 1128 -25.89 -61.74 -31.50
N LYS C 1129 -27.22 -61.84 -31.48
CA LYS C 1129 -27.90 -62.88 -32.24
C LYS C 1129 -27.80 -62.63 -33.74
N GLU C 1130 -27.87 -61.37 -34.17
CA GLU C 1130 -27.78 -61.03 -35.58
C GLU C 1130 -26.34 -60.82 -36.06
N LYS C 1131 -25.37 -60.79 -35.15
CA LYS C 1131 -23.97 -60.64 -35.51
C LYS C 1131 -23.25 -61.98 -35.60
N LYS C 1132 -23.95 -63.08 -35.41
CA LYS C 1132 -23.34 -64.40 -35.50
C LYS C 1132 -23.15 -64.82 -36.95
N MET C 1146 -36.15 -37.57 -50.69
CA MET C 1146 -36.90 -36.48 -51.30
C MET C 1146 -36.11 -35.18 -51.26
N PHE C 1147 -35.90 -34.57 -52.42
CA PHE C 1147 -35.17 -33.33 -52.53
C PHE C 1147 -35.93 -32.39 -53.45
N TYR C 1148 -35.92 -31.10 -53.11
CA TYR C 1148 -36.65 -30.09 -53.86
C TYR C 1148 -36.03 -28.73 -53.56
N THR C 1149 -36.64 -27.67 -54.08
CA THR C 1149 -36.32 -26.30 -53.73
C THR C 1149 -37.61 -25.54 -53.45
N GLY C 1150 -37.55 -24.59 -52.51
CA GLY C 1150 -38.69 -23.77 -52.19
C GLY C 1150 -39.22 -23.99 -50.79
N PRO C 1151 -40.36 -23.37 -50.48
CA PRO C 1151 -40.96 -23.55 -49.16
C PRO C 1151 -41.49 -24.96 -48.95
N LEU C 1152 -41.67 -25.31 -47.68
CA LEU C 1152 -42.00 -26.70 -47.34
C LEU C 1152 -43.44 -27.03 -47.70
N TYR C 1153 -44.37 -26.11 -47.47
CA TYR C 1153 -45.78 -26.41 -47.68
C TYR C 1153 -46.12 -26.57 -49.16
N ASN C 1154 -45.35 -25.92 -50.04
CA ASN C 1154 -45.49 -26.15 -51.47
C ASN C 1154 -45.14 -27.58 -51.83
N PHE C 1155 -44.08 -28.12 -51.23
CA PHE C 1155 -43.72 -29.52 -51.47
C PHE C 1155 -44.67 -30.47 -50.79
N ILE C 1156 -45.26 -30.08 -49.67
CA ILE C 1156 -46.25 -30.93 -49.00
C ILE C 1156 -47.50 -31.07 -49.86
N ASN C 1157 -48.02 -29.95 -50.35
CA ASN C 1157 -49.20 -30.00 -51.19
C ASN C 1157 -48.91 -30.41 -52.62
N GLU C 1158 -47.63 -30.46 -53.01
CA GLU C 1158 -47.28 -30.91 -54.35
C GLU C 1158 -47.45 -32.42 -54.48
N GLN C 1159 -47.03 -33.17 -53.47
CA GLN C 1159 -47.15 -34.62 -53.47
C GLN C 1159 -48.48 -35.10 -52.90
N GLN C 1160 -49.34 -34.19 -52.49
CA GLN C 1160 -50.65 -34.57 -51.96
C GLN C 1160 -51.66 -34.76 -53.08
N PRO C 1339 -54.14 -36.76 -39.15
CA PRO C 1339 -53.05 -37.34 -39.93
C PRO C 1339 -51.68 -36.82 -39.49
N ILE C 1340 -50.72 -37.72 -39.30
CA ILE C 1340 -49.39 -37.38 -38.80
C ILE C 1340 -48.37 -37.75 -39.87
N LEU C 1341 -47.57 -36.78 -40.28
CA LEU C 1341 -46.49 -37.00 -41.23
C LEU C 1341 -45.17 -36.83 -40.50
N MET C 1342 -44.46 -37.94 -40.29
CA MET C 1342 -43.15 -37.90 -39.66
C MET C 1342 -42.11 -37.43 -40.67
N LEU C 1343 -41.33 -36.43 -40.27
CA LEU C 1343 -40.28 -35.89 -41.12
C LEU C 1343 -38.89 -36.39 -40.75
N SER C 1344 -38.81 -37.40 -39.86
CA SER C 1344 -37.52 -37.93 -39.44
C SER C 1344 -37.66 -39.41 -39.16
N ASN C 1345 -36.51 -40.08 -39.10
CA ASN C 1345 -36.45 -41.52 -38.92
C ASN C 1345 -35.78 -41.87 -37.60
N SER C 1346 -36.12 -43.05 -37.06
CA SER C 1346 -35.61 -43.51 -35.78
C SER C 1346 -34.56 -44.59 -36.01
N LEU C 1347 -33.50 -44.55 -35.20
CA LEU C 1347 -32.37 -45.46 -35.36
C LEU C 1347 -31.55 -45.42 -34.08
N VAL C 1348 -31.11 -46.59 -33.62
CA VAL C 1348 -30.33 -46.70 -32.38
C VAL C 1348 -28.94 -47.22 -32.73
N ILE C 1349 -27.96 -46.32 -32.76
CA ILE C 1349 -26.66 -46.64 -33.33
C ILE C 1349 -25.70 -47.09 -32.23
N ASP C 1350 -24.64 -47.77 -32.67
CA ASP C 1350 -23.51 -48.11 -31.81
C ASP C 1350 -22.44 -47.04 -31.98
N VAL C 1351 -22.16 -46.31 -30.90
CA VAL C 1351 -21.19 -45.23 -30.97
C VAL C 1351 -19.78 -45.76 -31.13
N ASP C 1352 -19.42 -46.80 -30.38
CA ASP C 1352 -18.07 -47.37 -30.43
C ASP C 1352 -18.12 -48.73 -31.09
N PRO C 1353 -17.62 -48.88 -32.32
CA PRO C 1353 -17.57 -50.21 -32.95
C PRO C 1353 -16.31 -51.01 -32.67
N ALA C 1354 -15.24 -50.36 -32.21
CA ALA C 1354 -13.99 -51.05 -31.94
C ALA C 1354 -13.96 -51.75 -30.59
N GLY C 1355 -14.96 -51.52 -29.75
CA GLY C 1355 -15.00 -52.13 -28.43
C GLY C 1355 -13.92 -51.66 -27.49
N LYS C 1356 -13.64 -50.36 -27.47
CA LYS C 1356 -12.65 -49.82 -26.53
C LYS C 1356 -13.18 -49.88 -25.11
N SER C 1357 -14.42 -49.47 -24.89
CA SER C 1357 -15.03 -49.49 -23.56
C SER C 1357 -15.66 -50.86 -23.29
N SER C 1358 -15.88 -51.13 -22.02
CA SER C 1358 -16.42 -52.41 -21.58
C SER C 1358 -17.94 -52.43 -21.45
N LYS C 1359 -18.61 -51.33 -21.79
CA LYS C 1359 -20.06 -51.23 -21.64
C LYS C 1359 -20.69 -51.03 -23.01
N GLN C 1360 -22.02 -50.92 -23.00
CA GLN C 1360 -22.78 -50.64 -24.22
C GLN C 1360 -22.87 -49.13 -24.44
N GLU C 1361 -22.48 -48.69 -25.62
CA GLU C 1361 -22.57 -47.29 -26.01
C GLU C 1361 -23.59 -47.20 -27.14
N SER C 1362 -24.85 -46.96 -26.77
CA SER C 1362 -25.96 -46.87 -27.71
C SER C 1362 -26.55 -45.48 -27.67
N CYS C 1363 -26.77 -44.89 -28.85
CA CYS C 1363 -27.36 -43.57 -28.98
C CYS C 1363 -28.45 -43.60 -30.04
N THR C 1364 -29.43 -42.71 -29.90
CA THR C 1364 -30.57 -42.65 -30.80
C THR C 1364 -30.40 -41.50 -31.78
N VAL C 1365 -30.62 -41.78 -33.07
CA VAL C 1365 -30.36 -40.84 -34.14
C VAL C 1365 -31.66 -40.51 -34.86
N HIS C 1366 -31.92 -39.22 -35.04
CA HIS C 1366 -33.00 -38.74 -35.90
C HIS C 1366 -32.39 -37.85 -36.98
N TYR C 1367 -32.68 -38.16 -38.25
CA TYR C 1367 -32.20 -37.35 -39.36
C TYR C 1367 -33.37 -36.94 -40.25
N ASP C 1368 -33.19 -35.81 -40.94
CA ASP C 1368 -34.27 -35.22 -41.72
C ASP C 1368 -34.57 -36.06 -42.95
N ARG C 1369 -35.86 -36.31 -43.19
CA ARG C 1369 -36.29 -37.10 -44.33
C ARG C 1369 -36.22 -36.35 -45.65
N VAL C 1370 -36.29 -35.02 -45.61
CA VAL C 1370 -36.36 -34.21 -46.82
C VAL C 1370 -35.32 -33.11 -46.71
N HIS C 1371 -34.88 -32.60 -47.86
CA HIS C 1371 -33.74 -31.71 -47.90
C HIS C 1371 -33.90 -30.65 -48.99
N ASN C 1372 -33.46 -29.42 -48.68
CA ASN C 1372 -33.24 -28.35 -49.62
C ASN C 1372 -31.82 -27.84 -49.48
N PRO C 1373 -31.19 -27.37 -50.57
CA PRO C 1373 -29.91 -26.67 -50.44
C PRO C 1373 -30.02 -25.37 -49.65
N ASP C 1374 -31.21 -24.78 -49.56
CA ASP C 1374 -31.45 -23.57 -48.79
C ASP C 1374 -31.97 -23.87 -47.39
N HIS C 1375 -32.09 -25.13 -47.01
CA HIS C 1375 -32.61 -25.53 -45.71
C HIS C 1375 -31.54 -26.34 -44.97
N CYS C 1376 -31.40 -26.07 -43.68
CA CYS C 1376 -30.39 -26.77 -42.89
C CYS C 1376 -30.82 -28.21 -42.63
N PHE C 1377 -29.85 -29.12 -42.66
CA PHE C 1377 -30.07 -30.54 -42.43
C PHE C 1377 -29.74 -30.86 -40.99
N HIS C 1378 -30.61 -31.63 -40.33
CA HIS C 1378 -30.53 -31.82 -38.89
C HIS C 1378 -30.22 -33.27 -38.54
N ILE C 1379 -29.24 -33.45 -37.65
CA ILE C 1379 -28.88 -34.74 -37.09
C ILE C 1379 -29.06 -34.63 -35.58
N ARG C 1380 -29.75 -35.60 -34.99
CA ARG C 1380 -30.01 -35.61 -33.56
C ARG C 1380 -29.28 -36.77 -32.90
N LEU C 1381 -28.77 -36.53 -31.69
CA LEU C 1381 -28.09 -37.53 -30.88
C LEU C 1381 -28.68 -37.50 -29.47
N GLU C 1382 -29.40 -38.55 -29.11
CA GLU C 1382 -30.05 -38.67 -27.81
C GLU C 1382 -29.37 -39.78 -27.03
N TRP C 1383 -28.57 -39.41 -26.03
CA TRP C 1383 -27.80 -40.40 -25.27
C TRP C 1383 -27.97 -40.13 -23.78
N LEU C 1384 -27.94 -41.21 -23.01
CA LEU C 1384 -28.09 -41.15 -21.56
C LEU C 1384 -26.77 -41.39 -20.83
N THR C 1385 -26.12 -42.53 -21.06
CA THR C 1385 -24.99 -42.96 -20.26
C THR C 1385 -23.75 -43.25 -21.10
N THR C 1386 -23.73 -42.81 -22.36
CA THR C 1386 -22.60 -43.07 -23.23
C THR C 1386 -21.41 -42.19 -22.87
N THR C 1387 -20.22 -42.68 -23.19
CA THR C 1387 -19.01 -41.91 -22.97
C THR C 1387 -18.97 -40.76 -23.96
N PRO C 1388 -18.82 -39.52 -23.49
CA PRO C 1388 -18.88 -38.37 -24.42
C PRO C 1388 -17.71 -38.27 -25.39
N LYS C 1389 -16.56 -38.87 -25.07
CA LYS C 1389 -15.44 -38.86 -26.01
C LYS C 1389 -15.75 -39.69 -27.24
N LEU C 1390 -16.50 -40.78 -27.06
CA LEU C 1390 -16.90 -41.59 -28.20
C LEU C 1390 -17.88 -40.83 -29.10
N ILE C 1391 -18.79 -40.08 -28.49
CA ILE C 1391 -19.67 -39.18 -29.25
C ILE C 1391 -18.86 -38.13 -29.99
N ASP C 1392 -17.82 -37.58 -29.34
CA ASP C 1392 -17.00 -36.55 -29.96
C ASP C 1392 -16.20 -37.09 -31.14
N ASP C 1393 -15.62 -38.29 -31.03
CA ASP C 1393 -14.88 -38.83 -32.16
C ASP C 1393 -15.81 -39.32 -33.26
N LEU C 1394 -17.02 -39.75 -32.92
CA LEU C 1394 -18.02 -40.05 -33.94
C LEU C 1394 -18.40 -38.81 -34.72
N VAL C 1395 -18.57 -37.68 -34.02
CA VAL C 1395 -18.85 -36.41 -34.66
C VAL C 1395 -17.68 -35.97 -35.51
N GLY C 1396 -16.45 -36.23 -35.05
CA GLY C 1396 -15.28 -35.91 -35.86
C GLY C 1396 -15.20 -36.73 -37.13
N ASN C 1397 -15.53 -38.02 -37.05
CA ASN C 1397 -15.58 -38.88 -38.23
C ASN C 1397 -16.65 -38.41 -39.21
N TRP C 1398 -17.83 -38.04 -38.69
CA TRP C 1398 -18.89 -37.51 -39.54
C TRP C 1398 -18.49 -36.18 -40.17
N SER C 1399 -17.78 -35.34 -39.42
CA SER C 1399 -17.33 -34.05 -39.95
C SER C 1399 -16.29 -34.24 -41.04
N ARG C 1400 -15.38 -35.19 -40.87
CA ARG C 1400 -14.41 -35.51 -41.93
C ARG C 1400 -15.11 -36.06 -43.16
N LEU C 1401 -16.13 -36.91 -42.98
CA LEU C 1401 -16.87 -37.44 -44.11
C LEU C 1401 -17.63 -36.34 -44.85
N CYS C 1402 -18.17 -35.37 -44.10
CA CYS C 1402 -18.89 -34.28 -44.74
C CYS C 1402 -17.92 -33.31 -45.43
N GLU C 1403 -16.76 -33.07 -44.84
CA GLU C 1403 -15.80 -32.14 -45.42
C GLU C 1403 -15.10 -32.74 -46.64
N ARG C 1404 -15.05 -34.07 -46.73
CA ARG C 1404 -14.53 -34.70 -47.94
C ARG C 1404 -15.43 -34.46 -49.14
N TYR C 1405 -16.73 -34.33 -48.92
CA TYR C 1405 -17.69 -34.10 -49.99
C TYR C 1405 -18.19 -32.67 -50.03
N GLY C 1406 -17.51 -31.74 -49.38
CA GLY C 1406 -17.85 -30.34 -49.50
C GLY C 1406 -18.99 -29.88 -48.62
N LEU C 1407 -19.18 -30.51 -47.46
CA LEU C 1407 -20.17 -30.06 -46.49
C LEU C 1407 -19.47 -29.63 -45.21
N LYS C 1408 -20.24 -29.30 -44.18
CA LYS C 1408 -19.66 -28.82 -42.93
C LYS C 1408 -20.62 -29.15 -41.79
N MET C 1409 -20.32 -30.22 -41.06
CA MET C 1409 -21.09 -30.57 -39.87
C MET C 1409 -20.69 -29.64 -38.73
N ILE C 1410 -21.69 -29.03 -38.10
CA ILE C 1410 -21.43 -28.07 -37.03
C ILE C 1410 -22.42 -28.33 -35.91
N GLU C 1411 -22.00 -28.02 -34.69
CA GLU C 1411 -22.79 -28.32 -33.50
C GLU C 1411 -23.55 -27.09 -33.03
N ILE C 1412 -24.83 -27.30 -32.70
CA ILE C 1412 -25.77 -26.20 -32.50
C ILE C 1412 -26.59 -26.47 -31.24
N PRO C 1413 -27.01 -25.40 -30.55
CA PRO C 1413 -27.90 -25.58 -29.39
C PRO C 1413 -29.23 -26.23 -29.76
N TRP C 1414 -29.68 -27.13 -28.88
CA TRP C 1414 -30.98 -27.77 -29.08
C TRP C 1414 -32.11 -26.82 -28.76
N GLU C 1415 -31.97 -26.05 -27.69
CA GLU C 1415 -33.02 -25.12 -27.28
C GLU C 1415 -33.11 -23.96 -28.24
N GLU C 1416 -34.27 -23.31 -28.25
CA GLU C 1416 -34.47 -22.18 -29.14
C GLU C 1416 -33.65 -20.99 -28.65
N LEU C 1417 -33.36 -20.07 -29.58
CA LEU C 1417 -32.47 -18.96 -29.28
C LEU C 1417 -33.12 -17.98 -28.32
N CYS C 1418 -34.44 -17.86 -28.37
CA CYS C 1418 -35.18 -16.98 -27.47
C CYS C 1418 -35.16 -17.45 -26.02
N THR C 1419 -34.78 -18.69 -25.77
CA THR C 1419 -34.79 -19.25 -24.43
C THR C 1419 -33.45 -19.19 -23.73
N ILE C 1420 -32.37 -18.89 -24.44
CA ILE C 1420 -31.04 -18.85 -23.84
C ILE C 1420 -30.80 -17.74 -22.81
N PRO C 1421 -31.48 -16.56 -22.81
CA PRO C 1421 -31.30 -15.69 -21.65
C PRO C 1421 -32.03 -16.18 -20.41
N SER C 1422 -33.01 -17.07 -20.56
CA SER C 1422 -33.69 -17.69 -19.44
C SER C 1422 -33.03 -18.96 -18.96
N VAL C 1423 -31.89 -19.33 -19.54
CA VAL C 1423 -31.13 -20.49 -19.11
C VAL C 1423 -29.69 -20.07 -18.78
N ASN C 1424 -29.01 -19.50 -19.76
CA ASN C 1424 -27.60 -19.12 -19.64
C ASN C 1424 -27.47 -17.61 -19.71
N PRO C 1425 -27.34 -16.92 -18.58
CA PRO C 1425 -27.30 -15.46 -18.61
C PRO C 1425 -26.00 -14.89 -19.15
N PHE C 1426 -24.92 -15.66 -19.18
CA PHE C 1426 -23.65 -15.16 -19.68
C PHE C 1426 -23.59 -15.15 -21.19
N HIS C 1427 -24.49 -15.86 -21.86
CA HIS C 1427 -24.47 -15.95 -23.31
C HIS C 1427 -24.85 -14.62 -23.95
N SER C 1428 -24.22 -14.34 -25.08
CA SER C 1428 -24.56 -13.14 -25.85
C SER C 1428 -25.92 -13.33 -26.52
N PHE C 1429 -26.70 -12.25 -26.53
CA PHE C 1429 -28.07 -12.25 -27.06
C PHE C 1429 -28.47 -10.79 -27.23
N VAL C 1430 -28.95 -10.43 -28.41
CA VAL C 1430 -29.22 -9.03 -28.72
C VAL C 1430 -30.62 -8.92 -29.33
N GLU C 1431 -31.23 -7.75 -29.14
CA GLU C 1431 -32.49 -7.40 -29.79
C GLU C 1431 -32.18 -6.60 -31.05
N ILE C 1432 -32.72 -7.04 -32.18
CA ILE C 1432 -32.51 -6.37 -33.46
C ILE C 1432 -33.82 -5.73 -33.88
N LYS C 1433 -33.82 -4.39 -33.95
CA LYS C 1433 -34.95 -3.62 -34.45
C LYS C 1433 -34.50 -2.98 -35.76
N LEU C 1434 -35.02 -3.48 -36.87
CA LEU C 1434 -34.60 -2.99 -38.18
C LEU C 1434 -35.10 -1.57 -38.40
N ALA C 1435 -34.29 -0.76 -39.07
CA ALA C 1435 -34.57 0.66 -39.21
C ALA C 1435 -35.73 0.90 -40.18
N ILE C 1436 -35.73 0.22 -41.32
CA ILE C 1436 -36.71 0.45 -42.38
C ILE C 1436 -37.83 -0.58 -42.19
N ASN C 1437 -38.98 -0.12 -41.71
CA ASN C 1437 -40.11 -1.01 -41.54
C ASN C 1437 -40.91 -1.06 -42.83
N PRO C 1438 -41.02 -2.21 -43.50
CA PRO C 1438 -41.87 -2.29 -44.70
C PRO C 1438 -43.35 -2.06 -44.41
N TRP C 1439 -43.82 -2.46 -43.23
CA TRP C 1439 -45.23 -2.29 -42.90
C TRP C 1439 -45.58 -0.87 -42.48
N GLU C 1440 -44.59 0.00 -42.32
CA GLU C 1440 -44.82 1.38 -41.90
C GLU C 1440 -44.32 2.41 -42.90
N ASP C 1441 -43.12 2.21 -43.45
CA ASP C 1441 -42.57 3.19 -44.40
C ASP C 1441 -43.29 3.07 -45.74
N PRO C 1442 -43.73 4.19 -46.33
CA PRO C 1442 -44.48 4.12 -47.59
C PRO C 1442 -43.61 3.94 -48.82
N GLU C 1443 -42.28 3.89 -48.68
CA GLU C 1443 -41.43 3.66 -49.85
C GLU C 1443 -41.58 2.24 -50.38
N PHE C 1444 -41.69 1.26 -49.47
CA PHE C 1444 -41.93 -0.13 -49.83
C PHE C 1444 -43.18 -0.56 -49.07
N LYS C 1445 -44.33 -0.53 -49.74
CA LYS C 1445 -45.58 -0.96 -49.14
C LYS C 1445 -46.50 -1.51 -50.22
N ASP C 1446 -47.01 -2.72 -50.00
CA ASP C 1446 -47.89 -3.36 -50.97
C ASP C 1446 -48.75 -4.39 -50.26
N ARG C 1447 -50.05 -4.38 -50.57
CA ARG C 1447 -50.95 -5.36 -49.98
C ARG C 1447 -50.74 -6.75 -50.55
N GLU C 1448 -50.50 -6.84 -51.87
CA GLU C 1448 -50.36 -8.14 -52.53
C GLU C 1448 -49.07 -8.83 -52.13
N LEU C 1449 -47.97 -8.08 -52.03
CA LEU C 1449 -46.69 -8.68 -51.65
C LEU C 1449 -46.74 -9.18 -50.21
N PHE C 1450 -47.31 -8.39 -49.30
CA PHE C 1450 -47.39 -8.81 -47.91
C PHE C 1450 -48.43 -9.91 -47.71
N ALA C 1451 -49.41 -10.01 -48.60
CA ALA C 1451 -50.34 -11.14 -48.54
C ALA C 1451 -49.68 -12.41 -49.03
N LYS C 1452 -48.88 -12.33 -50.09
CA LYS C 1452 -48.18 -13.51 -50.59
C LYS C 1452 -47.02 -13.90 -49.70
N SER C 1453 -46.27 -12.92 -49.21
CA SER C 1453 -45.10 -13.19 -48.35
C SER C 1453 -45.05 -12.08 -47.30
N LYS C 1454 -45.47 -12.42 -46.08
CA LYS C 1454 -45.56 -11.43 -45.01
C LYS C 1454 -44.18 -10.95 -44.56
N PHE C 1455 -43.20 -11.86 -44.57
CA PHE C 1455 -41.85 -11.56 -44.11
C PHE C 1455 -40.85 -11.61 -45.26
N TYR C 1456 -41.24 -11.08 -46.43
CA TYR C 1456 -40.40 -11.16 -47.62
C TYR C 1456 -39.10 -10.39 -47.44
N TYR C 1457 -39.19 -9.17 -46.89
CA TYR C 1457 -38.00 -8.32 -46.79
C TYR C 1457 -37.05 -8.85 -45.72
N HIS C 1458 -37.58 -9.36 -44.61
CA HIS C 1458 -36.73 -9.92 -43.57
C HIS C 1458 -36.05 -11.21 -44.02
N VAL C 1459 -36.78 -12.07 -44.75
CA VAL C 1459 -36.20 -13.29 -45.29
C VAL C 1459 -35.10 -12.95 -46.30
N TYR C 1460 -35.33 -11.95 -47.15
CA TYR C 1460 -34.30 -11.56 -48.10
C TYR C 1460 -33.10 -10.91 -47.41
N LEU C 1461 -33.33 -10.17 -46.33
CA LEU C 1461 -32.21 -9.60 -45.57
C LEU C 1461 -31.37 -10.69 -44.92
N LEU C 1462 -32.02 -11.72 -44.36
CA LEU C 1462 -31.28 -12.83 -43.78
C LEU C 1462 -30.54 -13.63 -44.85
N LYS C 1463 -31.16 -13.81 -46.02
CA LYS C 1463 -30.52 -14.59 -47.08
C LYS C 1463 -29.35 -13.84 -47.70
N ALA C 1464 -29.45 -12.50 -47.77
CA ALA C 1464 -28.38 -11.70 -48.33
C ALA C 1464 -27.16 -11.62 -47.41
N SER C 1465 -27.34 -11.86 -46.12
CA SER C 1465 -26.24 -11.87 -45.17
C SER C 1465 -25.66 -13.25 -44.93
N GLY C 1466 -26.18 -14.28 -45.60
CA GLY C 1466 -25.64 -15.61 -45.49
C GLY C 1466 -26.25 -16.48 -44.42
N PHE C 1467 -27.50 -16.24 -44.05
CA PHE C 1467 -28.15 -16.99 -42.97
C PHE C 1467 -29.06 -18.04 -43.59
N LEU C 1468 -28.68 -19.31 -43.43
CA LEU C 1468 -29.53 -20.42 -43.83
C LEU C 1468 -30.67 -20.58 -42.83
N LEU C 1469 -31.76 -21.20 -43.28
CA LEU C 1469 -32.96 -21.35 -42.46
C LEU C 1469 -32.90 -22.64 -41.66
N ASP C 1470 -33.42 -22.58 -40.43
CA ASP C 1470 -33.40 -23.73 -39.53
C ASP C 1470 -34.75 -24.46 -39.45
N ASN C 1471 -35.80 -23.76 -39.06
CA ASN C 1471 -37.11 -24.39 -38.85
C ASN C 1471 -37.85 -24.44 -40.18
N ARG C 1472 -37.75 -25.56 -40.88
CA ARG C 1472 -38.44 -25.70 -42.15
C ARG C 1472 -39.94 -25.84 -41.96
N ALA C 1473 -40.39 -26.36 -40.83
CA ALA C 1473 -41.81 -26.57 -40.56
C ALA C 1473 -42.47 -25.36 -39.92
N SER C 1474 -41.90 -24.18 -40.08
CA SER C 1474 -42.45 -22.99 -39.44
C SER C 1474 -43.73 -22.54 -40.11
N LYS C 1475 -44.66 -22.02 -39.31
CA LYS C 1475 -45.95 -21.55 -39.79
C LYS C 1475 -46.01 -20.03 -39.93
N PHE C 1476 -44.87 -19.35 -39.87
CA PHE C 1476 -44.83 -17.91 -40.08
C PHE C 1476 -44.42 -17.53 -41.49
N LEU C 1477 -43.89 -18.47 -42.27
CA LEU C 1477 -43.52 -18.24 -43.66
C LEU C 1477 -44.32 -19.12 -44.59
N GLN C 1478 -45.56 -19.43 -44.20
CA GLN C 1478 -46.39 -20.40 -44.89
C GLN C 1478 -47.37 -19.72 -45.83
N ASN C 1479 -47.97 -20.54 -46.70
CA ASN C 1479 -49.02 -20.11 -47.61
C ASN C 1479 -50.32 -20.86 -47.42
N GLN C 1480 -50.28 -22.11 -46.97
CA GLN C 1480 -51.48 -22.90 -46.78
C GLN C 1480 -51.24 -23.93 -45.69
N ASP C 1481 -52.33 -24.43 -45.12
CA ASP C 1481 -52.25 -25.44 -44.06
C ASP C 1481 -52.96 -26.73 -44.47
N ILE C 1482 -52.24 -27.84 -44.33
CA ILE C 1482 -52.76 -29.18 -44.56
C ILE C 1482 -51.92 -30.12 -43.69
N GLU C 1483 -52.35 -31.39 -43.60
CA GLU C 1483 -51.71 -32.41 -42.78
C GLU C 1483 -51.68 -31.99 -41.31
N PHE C 1484 -52.89 -31.98 -40.74
CA PHE C 1484 -53.26 -31.30 -39.49
C PHE C 1484 -52.23 -31.48 -38.36
N ASP C 1485 -51.63 -32.66 -38.26
CA ASP C 1485 -50.58 -32.90 -37.27
C ASP C 1485 -49.26 -33.13 -38.01
N ILE C 1486 -48.26 -32.32 -37.67
CA ILE C 1486 -46.88 -32.53 -38.14
C ILE C 1486 -46.01 -32.81 -36.92
N MET C 1487 -45.12 -33.79 -37.05
CA MET C 1487 -44.27 -34.18 -35.93
C MET C 1487 -42.94 -34.70 -36.46
N TYR C 1488 -41.88 -34.38 -35.72
CA TYR C 1488 -40.60 -35.02 -35.93
C TYR C 1488 -40.55 -36.33 -35.15
N SER C 1489 -39.54 -37.15 -35.46
CA SER C 1489 -39.40 -38.42 -34.76
C SER C 1489 -38.93 -38.25 -33.33
N TRP C 1490 -38.36 -37.08 -32.99
CA TRP C 1490 -37.96 -36.77 -31.62
C TRP C 1490 -39.01 -35.98 -30.86
N GLY C 1491 -40.14 -35.66 -31.49
CA GLY C 1491 -41.21 -34.95 -30.83
C GLY C 1491 -41.69 -33.77 -31.64
N LYS C 1492 -42.61 -33.01 -31.05
CA LYS C 1492 -43.20 -31.87 -31.72
C LYS C 1492 -42.21 -30.69 -31.75
N PRO C 1493 -42.26 -29.87 -32.81
CA PRO C 1493 -41.40 -28.67 -32.86
C PRO C 1493 -41.96 -27.57 -31.99
N GLN C 1494 -41.31 -27.34 -30.85
CA GLN C 1494 -41.74 -26.31 -29.90
C GLN C 1494 -40.98 -25.00 -30.13
N PHE C 1495 -41.17 -24.44 -31.32
CA PHE C 1495 -40.45 -23.26 -31.75
C PHE C 1495 -41.40 -22.06 -31.84
N LYS C 1496 -41.01 -20.96 -31.20
CA LYS C 1496 -41.81 -19.75 -31.16
C LYS C 1496 -41.55 -18.82 -32.34
N TYR C 1497 -40.33 -18.73 -32.81
CA TYR C 1497 -39.95 -17.85 -33.90
C TYR C 1497 -39.28 -18.66 -35.01
N VAL C 1498 -38.84 -17.96 -36.05
CA VAL C 1498 -38.27 -18.60 -37.23
C VAL C 1498 -36.76 -18.51 -37.12
N GLN C 1499 -36.11 -19.62 -36.78
CA GLN C 1499 -34.68 -19.60 -36.52
C GLN C 1499 -33.89 -19.67 -37.82
N TYR C 1500 -32.75 -18.99 -37.84
CA TYR C 1500 -31.85 -18.96 -38.98
C TYR C 1500 -30.43 -19.26 -38.52
N ILE C 1501 -29.70 -20.03 -39.33
CA ILE C 1501 -28.33 -20.43 -39.04
C ILE C 1501 -27.40 -19.78 -40.06
N HIS C 1502 -26.29 -19.23 -39.57
CA HIS C 1502 -25.26 -18.73 -40.48
C HIS C 1502 -24.62 -19.88 -41.25
N HIS C 1503 -24.19 -19.58 -42.48
CA HIS C 1503 -23.56 -20.60 -43.31
C HIS C 1503 -22.21 -21.02 -42.76
N THR C 1504 -21.52 -20.12 -42.06
CA THR C 1504 -20.32 -20.51 -41.32
C THR C 1504 -20.66 -21.19 -40.01
N GLY C 1505 -21.91 -21.07 -39.56
CA GLY C 1505 -22.35 -21.70 -38.34
C GLY C 1505 -21.88 -21.04 -37.06
N ALA C 1506 -21.23 -19.88 -37.16
CA ALA C 1506 -20.77 -19.19 -35.97
C ALA C 1506 -21.91 -18.48 -35.25
N TYR C 1507 -22.95 -18.06 -35.97
CA TYR C 1507 -24.03 -17.27 -35.39
C TYR C 1507 -25.38 -17.86 -35.75
N VAL C 1508 -26.35 -17.60 -34.89
CA VAL C 1508 -27.72 -18.08 -35.05
C VAL C 1508 -28.63 -16.87 -35.06
N ALA C 1509 -29.56 -16.83 -36.02
CA ALA C 1509 -30.56 -15.78 -36.10
C ALA C 1509 -31.95 -16.35 -35.88
N GLU C 1510 -32.89 -15.46 -35.57
CA GLU C 1510 -34.25 -15.86 -35.30
C GLU C 1510 -35.19 -14.71 -35.67
N LEU C 1511 -36.24 -15.01 -36.41
CA LEU C 1511 -37.17 -14.00 -36.93
C LEU C 1511 -38.50 -14.13 -36.23
N ARG C 1512 -38.94 -13.03 -35.60
CA ARG C 1512 -40.14 -13.03 -34.78
C ARG C 1512 -41.38 -12.82 -35.64
N GLU C 1513 -42.52 -12.56 -34.99
CA GLU C 1513 -43.76 -12.22 -35.67
C GLU C 1513 -43.91 -10.72 -35.86
N ASN C 1514 -43.17 -9.91 -35.12
CA ASN C 1514 -43.22 -8.46 -35.26
C ASN C 1514 -42.08 -7.91 -36.11
N GLY C 1515 -41.32 -8.78 -36.77
CA GLY C 1515 -40.24 -8.36 -37.62
C GLY C 1515 -38.93 -8.10 -36.92
N CYS C 1516 -38.90 -8.12 -35.59
CA CYS C 1516 -37.65 -7.96 -34.85
C CYS C 1516 -36.87 -9.26 -34.85
N LEU C 1517 -35.56 -9.16 -35.04
CA LEU C 1517 -34.70 -10.32 -35.15
C LEU C 1517 -33.99 -10.59 -33.83
N PHE C 1518 -33.69 -11.87 -33.59
CA PHE C 1518 -32.75 -12.26 -32.56
C PHE C 1518 -31.44 -12.68 -33.20
N LEU C 1519 -30.38 -12.66 -32.40
CA LEU C 1519 -29.03 -12.87 -32.93
C LEU C 1519 -28.13 -13.29 -31.77
N ALA C 1520 -27.49 -14.44 -31.90
CA ALA C 1520 -26.61 -14.94 -30.85
C ALA C 1520 -25.57 -15.87 -31.45
N PRO C 1521 -24.34 -15.84 -30.97
CA PRO C 1521 -23.29 -16.69 -31.54
C PRO C 1521 -23.45 -18.14 -31.11
N ASN C 1522 -22.73 -19.00 -31.81
CA ASN C 1522 -22.69 -20.43 -31.49
C ASN C 1522 -21.41 -20.66 -30.70
N ASN C 1523 -21.51 -20.47 -29.38
CA ASN C 1523 -20.34 -20.58 -28.51
C ASN C 1523 -19.83 -22.00 -28.39
N ILE C 1524 -20.66 -23.00 -28.70
CA ILE C 1524 -20.23 -24.39 -28.60
C ILE C 1524 -19.20 -24.71 -29.68
N TYR C 1525 -19.46 -24.25 -30.91
CA TYR C 1525 -18.47 -24.40 -31.98
C TYR C 1525 -17.29 -23.47 -31.80
N ILE C 1526 -17.55 -22.20 -31.47
CA ILE C 1526 -16.48 -21.22 -31.31
C ILE C 1526 -15.70 -21.48 -30.03
N LYS C 1550 -16.59 -10.72 -35.81
CA LYS C 1550 -16.36 -9.83 -36.94
C LYS C 1550 -17.60 -9.75 -37.83
N VAL C 1551 -18.11 -10.91 -38.23
CA VAL C 1551 -19.31 -10.96 -39.05
C VAL C 1551 -20.53 -10.55 -38.24
N ILE C 1552 -20.52 -10.81 -36.93
CA ILE C 1552 -21.64 -10.45 -36.07
C ILE C 1552 -21.81 -8.93 -35.99
N LEU C 1553 -20.69 -8.19 -35.89
CA LEU C 1553 -20.77 -6.74 -35.88
C LEU C 1553 -21.15 -6.19 -37.24
N ASN C 1554 -20.73 -6.87 -38.32
CA ASN C 1554 -21.12 -6.47 -39.66
C ASN C 1554 -22.62 -6.58 -39.87
N PHE C 1555 -23.21 -7.69 -39.41
CA PHE C 1555 -24.65 -7.87 -39.56
C PHE C 1555 -25.43 -6.94 -38.63
N LYS C 1556 -24.91 -6.68 -37.43
CA LYS C 1556 -25.57 -5.74 -36.53
C LYS C 1556 -25.53 -4.32 -37.06
N SER C 1557 -24.43 -3.94 -37.72
CA SER C 1557 -24.34 -2.62 -38.33
C SER C 1557 -25.19 -2.52 -39.59
N THR C 1558 -25.29 -3.61 -40.35
CA THR C 1558 -26.15 -3.61 -41.54
C THR C 1558 -27.62 -3.50 -41.15
N CYS C 1559 -28.04 -4.20 -40.09
CA CYS C 1559 -29.42 -4.10 -39.64
C CYS C 1559 -29.75 -2.74 -39.03
N LEU C 1560 -28.75 -1.99 -38.57
CA LEU C 1560 -28.98 -0.72 -37.89
C LEU C 1560 -28.50 0.47 -38.72
N ASP C 1561 -28.39 0.31 -40.04
CA ASP C 1561 -28.02 1.40 -40.94
C ASP C 1561 -29.17 1.67 -41.89
N TYR C 1562 -29.50 2.95 -42.05
CA TYR C 1562 -30.54 3.34 -43.00
C TYR C 1562 -30.13 3.02 -44.43
N GLN C 1563 -28.87 3.31 -44.79
CA GLN C 1563 -28.43 3.18 -46.17
C GLN C 1563 -28.32 1.71 -46.59
N LYS C 1564 -27.71 0.88 -45.75
CA LYS C 1564 -27.50 -0.52 -46.11
C LYS C 1564 -28.81 -1.29 -46.16
N LEU C 1565 -29.68 -1.07 -45.18
CA LEU C 1565 -30.98 -1.74 -45.17
C LEU C 1565 -31.86 -1.23 -46.30
N ARG C 1566 -31.79 0.07 -46.60
CA ARG C 1566 -32.55 0.61 -47.72
C ARG C 1566 -32.06 0.03 -49.04
N SER C 1567 -30.75 -0.14 -49.21
CA SER C 1567 -30.21 -0.73 -50.42
C SER C 1567 -30.62 -2.19 -50.56
N ILE C 1568 -30.59 -2.94 -49.45
CA ILE C 1568 -30.98 -4.35 -49.49
C ILE C 1568 -32.47 -4.49 -49.82
N PHE C 1569 -33.31 -3.64 -49.22
CA PHE C 1569 -34.74 -3.69 -49.52
C PHE C 1569 -35.03 -3.22 -50.95
N LEU C 1570 -34.26 -2.27 -51.47
CA LEU C 1570 -34.40 -1.85 -52.86
C LEU C 1570 -34.03 -2.99 -53.81
N ASP C 1571 -32.97 -3.72 -53.48
CA ASP C 1571 -32.62 -4.91 -54.27
C ASP C 1571 -33.70 -5.97 -54.19
N ALA C 1572 -34.32 -6.12 -53.01
CA ALA C 1572 -35.42 -7.07 -52.85
C ALA C 1572 -36.62 -6.69 -53.71
N LYS C 1573 -36.95 -5.39 -53.73
CA LYS C 1573 -38.06 -4.92 -54.57
C LYS C 1573 -37.74 -5.08 -56.05
N GLU C 1574 -36.49 -4.82 -56.42
CA GLU C 1574 -36.07 -5.00 -57.82
C GLU C 1574 -36.16 -6.46 -58.24
N MET C 1575 -35.80 -7.39 -57.35
CA MET C 1575 -35.96 -8.80 -57.64
C MET C 1575 -37.42 -9.21 -57.68
N TRP C 1576 -38.27 -8.56 -56.86
CA TRP C 1576 -39.69 -8.86 -56.85
C TRP C 1576 -40.37 -8.41 -58.14
N ILE C 1577 -40.00 -7.23 -58.63
CA ILE C 1577 -40.62 -6.71 -59.85
C ILE C 1577 -40.14 -7.49 -61.07
N THR C 1578 -38.83 -7.59 -61.23
CA THR C 1578 -38.24 -8.27 -62.39
C THR C 1578 -38.24 -9.78 -62.21
N GLY D 7 6.66 18.24 0.91
CA GLY D 7 6.23 16.87 1.13
C GLY D 7 6.83 15.89 0.15
N PHE D 8 6.44 16.01 -1.12
CA PHE D 8 6.93 15.14 -2.18
C PHE D 8 7.84 15.91 -3.11
N VAL D 9 8.96 15.29 -3.46
CA VAL D 9 9.96 15.96 -4.31
C VAL D 9 9.43 16.05 -5.74
N PRO D 10 9.56 17.20 -6.40
CA PRO D 10 9.22 17.26 -7.83
C PRO D 10 10.19 16.49 -8.68
N ILE D 11 9.69 15.94 -9.78
CA ILE D 11 10.54 15.23 -10.73
C ILE D 11 11.40 16.25 -11.47
N HIS D 12 12.67 15.92 -11.67
CA HIS D 12 13.58 16.80 -12.37
C HIS D 12 13.53 16.58 -13.88
N THR D 13 13.67 15.34 -14.32
CA THR D 13 13.59 15.00 -15.74
C THR D 13 13.03 13.60 -15.87
N ILE D 14 12.02 13.43 -16.72
CA ILE D 14 11.52 12.13 -17.10
C ILE D 14 11.96 11.83 -18.52
N PHE D 15 12.53 10.65 -18.75
CA PHE D 15 12.91 10.27 -20.09
C PHE D 15 12.70 8.78 -20.29
N TYR D 16 12.43 8.41 -21.54
CA TYR D 16 12.12 7.05 -21.93
C TYR D 16 13.28 6.55 -22.80
N SER D 17 14.07 5.63 -22.26
CA SER D 17 15.20 5.08 -22.97
C SER D 17 14.86 3.70 -23.51
N VAL D 18 15.27 3.44 -24.75
CA VAL D 18 14.99 2.19 -25.43
C VAL D 18 16.30 1.65 -26.00
N PHE D 19 16.37 0.33 -26.15
CA PHE D 19 17.54 -0.32 -26.73
C PHE D 19 17.32 -0.50 -28.22
N HIS D 20 17.98 0.32 -29.02
CA HIS D 20 17.92 0.11 -30.46
C HIS D 20 18.79 -1.07 -30.85
N PRO D 21 18.33 -1.93 -31.78
CA PRO D 21 19.14 -3.07 -32.19
C PRO D 21 20.37 -2.70 -33.00
N THR D 22 20.50 -1.46 -33.48
CA THR D 22 21.63 -1.02 -34.27
C THR D 22 22.61 -0.15 -33.49
N GLU D 23 22.15 0.93 -32.88
CA GLU D 23 23.03 1.84 -32.16
C GLU D 23 22.97 1.63 -30.65
N GLY D 24 22.41 0.52 -30.18
CA GLY D 24 22.42 0.21 -28.77
C GLY D 24 21.43 1.02 -27.97
N SER D 25 21.77 1.21 -26.70
CA SER D 25 20.91 1.96 -25.80
C SER D 25 20.92 3.44 -26.15
N LYS D 26 19.73 4.03 -26.20
CA LYS D 26 19.59 5.45 -26.54
C LYS D 26 18.34 6.01 -25.89
N ILE D 27 18.31 7.32 -25.75
CA ILE D 27 17.15 8.02 -25.21
C ILE D 27 16.20 8.32 -26.37
N LYS D 28 14.96 7.86 -26.25
CA LYS D 28 13.97 8.09 -27.30
C LYS D 28 13.26 9.43 -27.11
N TYR D 29 12.67 9.63 -25.94
CA TYR D 29 11.97 10.87 -25.61
C TYR D 29 12.39 11.33 -24.22
N GLU D 30 12.31 12.63 -23.98
CA GLU D 30 12.81 13.22 -22.74
C GLU D 30 12.10 14.54 -22.48
N PHE D 31 11.34 14.60 -21.39
CA PHE D 31 10.75 15.85 -20.95
C PHE D 31 11.33 16.26 -19.60
N PRO D 32 11.81 17.50 -19.42
CA PRO D 32 11.91 18.62 -20.37
C PRO D 32 12.89 18.39 -21.52
N PRO D 33 12.70 19.04 -22.66
CA PRO D 33 13.60 18.81 -23.81
C PRO D 33 15.00 19.32 -23.52
N ASN D 34 15.99 18.44 -23.77
CA ASN D 34 17.41 18.71 -23.53
C ASN D 34 17.68 19.09 -22.08
N ASN D 35 16.96 18.46 -21.15
CA ASN D 35 17.18 18.74 -19.74
C ASN D 35 18.43 18.05 -19.20
N LEU D 36 18.76 16.87 -19.73
CA LEU D 36 19.92 16.13 -19.23
C LEU D 36 21.23 16.78 -19.68
N LYS D 37 21.28 17.25 -20.93
CA LYS D 37 22.50 17.88 -21.44
C LYS D 37 22.68 19.27 -20.85
N ASN D 38 21.60 19.96 -20.50
CA ASN D 38 21.72 21.28 -19.91
C ASN D 38 22.23 21.22 -18.48
N HIS D 39 21.97 20.11 -17.78
CA HIS D 39 22.36 19.96 -16.39
C HIS D 39 23.62 19.11 -16.24
N GLY D 40 24.32 18.82 -17.33
CA GLY D 40 25.55 18.05 -17.26
C GLY D 40 25.37 16.57 -17.04
N ILE D 41 24.19 16.03 -17.29
CA ILE D 41 23.93 14.60 -17.11
C ILE D 41 24.20 13.89 -18.43
N ASN D 42 25.19 13.01 -18.44
CA ASN D 42 25.59 12.29 -19.63
C ASN D 42 25.05 10.88 -19.56
N PHE D 43 24.20 10.52 -20.54
CA PHE D 43 23.53 9.22 -20.51
C PHE D 43 24.49 8.07 -20.78
N ASN D 44 25.57 8.33 -21.52
CA ASN D 44 26.52 7.27 -21.85
C ASN D 44 27.33 6.81 -20.64
N THR D 45 27.36 7.61 -19.57
CA THR D 45 28.06 7.19 -18.36
C THR D 45 27.30 6.07 -17.64
N PHE D 46 25.98 6.14 -17.60
CA PHE D 46 25.17 5.17 -16.87
C PHE D 46 24.20 4.42 -17.78
N LYS D 47 24.55 4.30 -19.07
CA LYS D 47 23.67 3.59 -20.00
C LYS D 47 23.62 2.10 -19.73
N ASN D 48 24.62 1.55 -19.03
CA ASN D 48 24.64 0.13 -18.70
C ASN D 48 23.83 -0.21 -17.45
N TYR D 49 23.34 0.79 -16.73
CA TYR D 49 22.38 0.57 -15.66
C TYR D 49 20.94 0.78 -16.10
N ILE D 50 20.72 1.68 -17.07
CA ILE D 50 19.38 1.90 -17.60
C ILE D 50 18.92 0.70 -18.39
N ILE D 51 19.78 0.15 -19.25
CA ILE D 51 19.51 -1.10 -19.95
C ILE D 51 20.56 -2.10 -19.52
N PRO D 52 20.41 -2.74 -18.37
CA PRO D 52 21.43 -3.68 -17.89
C PRO D 52 21.21 -5.08 -18.43
N LYS D 53 22.01 -6.03 -17.93
CA LYS D 53 21.80 -7.44 -18.23
C LYS D 53 20.49 -7.90 -17.62
N PRO D 54 19.88 -8.97 -18.15
CA PRO D 54 18.56 -9.41 -17.66
C PRO D 54 18.54 -9.85 -16.20
N ILE D 55 19.69 -10.04 -15.55
CA ILE D 55 19.69 -10.31 -14.11
C ILE D 55 19.24 -9.07 -13.35
N LEU D 56 19.77 -7.90 -13.72
CA LEU D 56 19.39 -6.65 -13.07
C LEU D 56 18.04 -6.12 -13.56
N CYS D 57 17.50 -6.65 -14.64
CA CYS D 57 16.23 -6.17 -15.17
C CYS D 57 15.07 -6.63 -14.30
N HIS D 58 13.94 -5.95 -14.46
CA HIS D 58 12.74 -6.11 -13.64
C HIS D 58 13.05 -5.92 -12.15
N LYS D 59 13.92 -4.96 -11.86
CA LYS D 59 14.26 -4.58 -10.50
C LYS D 59 14.27 -3.06 -10.41
N LEU D 60 13.89 -2.55 -9.25
CA LEU D 60 13.90 -1.11 -9.02
C LEU D 60 15.34 -0.68 -8.83
N ILE D 61 15.90 -0.05 -9.85
CA ILE D 61 17.30 0.38 -9.84
C ILE D 61 17.33 1.88 -9.58
N THR D 62 18.02 2.29 -8.53
CA THR D 62 18.20 3.69 -8.19
C THR D 62 19.68 3.93 -7.91
N PHE D 63 20.26 4.92 -8.57
CA PHE D 63 21.66 5.24 -8.39
C PHE D 63 21.85 6.74 -8.36
N LYS D 64 22.98 7.17 -7.81
CA LYS D 64 23.30 8.58 -7.64
C LYS D 64 24.24 9.03 -8.76
N TYR D 65 23.87 10.11 -9.44
CA TYR D 65 24.70 10.72 -10.47
C TYR D 65 24.85 12.19 -10.11
N GLY D 66 25.96 12.54 -9.46
CA GLY D 66 26.21 13.90 -9.06
C GLY D 66 25.24 14.40 -8.00
N THR D 67 24.54 15.49 -8.30
CA THR D 67 23.54 16.04 -7.41
C THR D 67 22.16 15.48 -7.67
N TYR D 68 22.04 14.48 -8.53
CA TYR D 68 20.76 13.94 -8.95
C TYR D 68 20.67 12.46 -8.60
N ARG D 69 19.48 12.03 -8.21
CA ARG D 69 19.18 10.62 -7.97
C ARG D 69 18.29 10.11 -9.09
N ILE D 70 18.70 9.00 -9.69
CA ILE D 70 18.08 8.49 -10.92
C ILE D 70 17.37 7.19 -10.58
N VAL D 71 16.05 7.21 -10.63
CA VAL D 71 15.23 6.06 -10.29
C VAL D 71 14.66 5.48 -11.58
N CYS D 72 14.82 4.16 -11.76
CA CYS D 72 14.37 3.52 -12.98
C CYS D 72 13.92 2.10 -12.67
N TYR D 73 13.07 1.58 -13.54
CA TYR D 73 12.62 0.19 -13.51
C TYR D 73 12.87 -0.41 -14.88
N PRO D 74 14.06 -0.96 -15.12
CA PRO D 74 14.36 -1.54 -16.44
C PRO D 74 13.53 -2.78 -16.71
N VAL D 75 13.02 -2.87 -17.94
CA VAL D 75 12.17 -3.97 -18.37
C VAL D 75 12.75 -4.58 -19.63
N THR D 76 12.93 -5.90 -19.64
CA THR D 76 13.40 -6.64 -20.81
C THR D 76 12.40 -7.76 -21.10
N ILE D 77 11.89 -7.80 -22.32
CA ILE D 77 10.94 -8.82 -22.75
C ILE D 77 11.62 -9.68 -23.80
N ASN D 78 11.65 -10.99 -23.56
CA ASN D 78 12.28 -11.95 -24.46
C ASN D 78 11.18 -12.62 -25.29
N SER D 79 11.21 -12.38 -26.61
CA SER D 79 10.24 -12.95 -27.53
C SER D 79 10.86 -12.98 -28.91
N PRO D 80 10.57 -13.99 -29.73
CA PRO D 80 11.17 -14.05 -31.08
C PRO D 80 10.61 -13.03 -32.05
N ILE D 81 9.56 -12.29 -31.68
CA ILE D 81 9.03 -11.26 -32.57
C ILE D 81 10.02 -10.12 -32.76
N TYR D 82 10.78 -9.80 -31.71
CA TYR D 82 11.69 -8.68 -31.78
C TYR D 82 13.02 -9.08 -32.42
N ALA D 83 13.72 -8.08 -32.94
CA ALA D 83 15.09 -8.29 -33.38
C ALA D 83 15.99 -8.55 -32.18
N ARG D 84 17.00 -9.38 -32.40
CA ARG D 84 17.95 -9.87 -31.38
C ARG D 84 17.25 -10.62 -30.25
N ASN D 85 16.05 -11.15 -30.52
CA ASN D 85 15.27 -12.01 -29.63
C ASN D 85 14.86 -11.32 -28.32
N PHE D 86 14.97 -10.00 -28.22
CA PHE D 86 14.57 -9.31 -27.00
C PHE D 86 14.27 -7.84 -27.31
N PHE D 87 13.46 -7.24 -26.44
CA PHE D 87 13.14 -5.82 -26.48
C PHE D 87 13.29 -5.25 -25.08
N SER D 88 13.99 -4.13 -24.98
CA SER D 88 14.30 -3.53 -23.68
C SER D 88 14.00 -2.05 -23.69
N PHE D 89 13.37 -1.58 -22.62
CA PHE D 89 13.06 -0.17 -22.43
C PHE D 89 13.20 0.17 -20.96
N ASN D 90 13.06 1.46 -20.64
CA ASN D 90 13.13 1.92 -19.26
C ASN D 90 12.48 3.29 -19.18
N PHE D 91 11.44 3.40 -18.34
CA PHE D 91 10.84 4.69 -18.02
C PHE D 91 11.59 5.24 -16.81
N VAL D 92 12.47 6.20 -17.05
CA VAL D 92 13.47 6.62 -16.07
C VAL D 92 13.06 7.97 -15.50
N PHE D 93 13.14 8.07 -14.17
CA PHE D 93 12.80 9.27 -13.43
C PHE D 93 14.06 9.83 -12.80
N VAL D 94 14.26 11.14 -12.91
CA VAL D 94 15.40 11.81 -12.30
C VAL D 94 14.89 12.74 -11.21
N PHE D 95 15.47 12.64 -10.04
CA PHE D 95 15.15 13.43 -8.86
C PHE D 95 16.43 14.06 -8.35
N PRO D 96 16.33 15.13 -7.57
CA PRO D 96 17.52 15.62 -6.85
C PRO D 96 17.97 14.61 -5.81
N TYR D 97 19.23 14.72 -5.41
CA TYR D 97 19.79 13.75 -4.47
C TYR D 97 19.27 14.00 -3.06
N ASP D 98 19.18 15.26 -2.64
CA ASP D 98 18.82 15.60 -1.26
C ASP D 98 17.30 15.65 -1.10
N CYS D 99 16.69 14.48 -1.20
CA CYS D 99 15.26 14.32 -0.97
C CYS D 99 15.00 12.88 -0.55
N GLU D 100 13.73 12.50 -0.54
CA GLU D 100 13.31 11.12 -0.30
C GLU D 100 12.50 10.66 -1.49
N THR D 101 13.08 9.75 -2.28
CA THR D 101 12.41 9.18 -3.44
C THR D 101 11.57 7.97 -3.09
N SER D 102 11.49 7.62 -1.81
CA SER D 102 10.66 6.51 -1.37
C SER D 102 9.18 6.59 -1.75
N PRO D 103 8.48 7.73 -1.65
CA PRO D 103 7.07 7.74 -2.11
C PRO D 103 6.91 7.52 -3.61
N TYR D 104 7.93 7.77 -4.42
CA TYR D 104 7.82 7.64 -5.87
C TYR D 104 8.19 6.26 -6.38
N GLU D 105 8.88 5.46 -5.58
CA GLU D 105 9.34 4.15 -6.05
C GLU D 105 8.24 3.16 -6.40
N PRO D 106 7.15 2.97 -5.61
CA PRO D 106 6.07 2.10 -6.09
C PRO D 106 5.40 2.60 -7.36
N ALA D 107 5.31 3.92 -7.55
CA ALA D 107 4.74 4.46 -8.77
C ALA D 107 5.57 4.11 -10.00
N ILE D 108 6.89 4.25 -9.91
CA ILE D 108 7.75 3.93 -11.03
C ILE D 108 7.79 2.43 -11.27
N THR D 109 7.78 1.63 -10.20
CA THR D 109 7.74 0.18 -10.33
C THR D 109 6.45 -0.28 -11.01
N ARG D 110 5.31 0.29 -10.62
CA ARG D 110 4.05 -0.09 -11.24
C ARG D 110 3.91 0.44 -12.66
N LEU D 111 4.50 1.60 -12.95
CA LEU D 111 4.54 2.09 -14.33
C LEU D 111 5.33 1.15 -15.23
N GLY D 112 6.49 0.70 -14.75
CA GLY D 112 7.28 -0.26 -15.51
C GLY D 112 6.59 -1.59 -15.69
N LYS D 113 5.94 -2.08 -14.62
CA LYS D 113 5.25 -3.37 -14.72
C LYS D 113 4.02 -3.29 -15.64
N MET D 114 3.28 -2.18 -15.57
CA MET D 114 2.13 -2.00 -16.44
C MET D 114 2.55 -1.88 -17.90
N PHE D 115 3.65 -1.18 -18.17
CA PHE D 115 4.12 -1.10 -19.55
C PHE D 115 4.73 -2.42 -20.02
N LYS D 116 5.28 -3.21 -19.10
CA LYS D 116 5.70 -4.56 -19.43
C LYS D 116 4.52 -5.42 -19.84
N VAL D 117 3.41 -5.32 -19.10
CA VAL D 117 2.20 -6.06 -19.42
C VAL D 117 1.64 -5.62 -20.78
N LEU D 118 1.63 -4.31 -21.03
CA LEU D 118 1.10 -3.80 -22.29
C LEU D 118 1.97 -4.18 -23.48
N GLU D 119 3.30 -4.15 -23.31
CA GLU D 119 4.21 -4.57 -24.37
C GLU D 119 4.12 -6.06 -24.63
N GLU D 120 3.92 -6.86 -23.57
CA GLU D 120 3.75 -8.31 -23.78
C GLU D 120 2.40 -8.62 -24.40
N GLN D 121 1.39 -7.78 -24.19
CA GLN D 121 0.05 -8.05 -24.69
C GLN D 121 -0.14 -7.58 -26.13
N ASN D 122 0.02 -6.29 -26.39
CA ASN D 122 -0.31 -5.72 -27.70
C ASN D 122 0.85 -5.04 -28.38
N GLN D 123 2.07 -5.14 -27.83
CA GLN D 123 3.30 -4.57 -28.38
C GLN D 123 3.16 -3.06 -28.61
N LEU D 124 2.90 -2.36 -27.50
CA LEU D 124 2.60 -0.94 -27.56
C LEU D 124 3.85 -0.10 -27.83
N LEU D 125 4.84 -0.21 -26.95
CA LEU D 125 6.04 0.62 -27.03
C LEU D 125 6.89 0.29 -28.25
N SER D 126 6.92 -0.99 -28.65
CA SER D 126 7.71 -1.38 -29.80
C SER D 126 7.10 -0.87 -31.10
N LYS D 127 5.77 -0.91 -31.20
CA LYS D 127 5.11 -0.38 -32.39
C LYS D 127 5.04 1.14 -32.39
N SER D 128 5.19 1.79 -31.24
CA SER D 128 5.13 3.25 -31.20
C SER D 128 6.36 3.90 -31.84
N GLU D 129 7.43 3.15 -32.09
CA GLU D 129 8.62 3.73 -32.70
C GLU D 129 8.44 4.00 -34.19
N ARG D 130 7.49 3.30 -34.83
CA ARG D 130 7.20 3.42 -36.28
C ARG D 130 8.44 3.13 -37.12
N ASP D 131 9.22 2.15 -36.71
CA ASP D 131 10.39 1.72 -37.45
C ASP D 131 10.51 0.20 -37.40
N PRO D 132 10.50 -0.49 -38.54
CA PRO D 132 10.53 -1.95 -38.51
C PRO D 132 11.93 -2.53 -38.40
N VAL D 133 12.74 -1.97 -37.50
CA VAL D 133 14.05 -2.52 -37.20
C VAL D 133 14.12 -3.13 -35.81
N PHE D 134 13.13 -2.87 -34.96
CA PHE D 134 13.02 -3.52 -33.67
C PHE D 134 12.46 -4.92 -33.77
N PHE D 135 11.98 -5.33 -34.93
CA PHE D 135 11.31 -6.61 -35.14
C PHE D 135 12.16 -7.49 -36.07
N ASP D 136 11.64 -8.68 -36.33
CA ASP D 136 12.32 -9.65 -37.18
C ASP D 136 11.93 -9.46 -38.65
N PHE D 195 -1.14 7.05 -30.13
CA PHE D 195 -0.50 7.21 -28.82
C PHE D 195 0.87 7.84 -28.98
N SER D 196 1.16 8.82 -28.11
CA SER D 196 2.42 9.57 -28.17
C SER D 196 3.18 9.38 -26.87
N ILE D 197 4.47 9.09 -26.96
CA ILE D 197 5.31 8.98 -25.79
C ILE D 197 5.55 10.35 -25.16
N GLN D 198 5.81 11.36 -25.99
CA GLN D 198 6.19 12.68 -25.49
C GLN D 198 5.03 13.35 -24.74
N ASP D 199 3.82 13.22 -25.26
CA ASP D 199 2.66 13.78 -24.57
C ASP D 199 2.40 13.07 -23.26
N LEU D 200 2.59 11.74 -23.22
CA LEU D 200 2.45 10.99 -21.98
C LEU D 200 3.48 11.41 -20.94
N LEU D 201 4.73 11.61 -21.37
CA LEU D 201 5.77 12.05 -20.44
C LEU D 201 5.50 13.45 -19.93
N MET D 202 5.02 14.35 -20.80
CA MET D 202 4.64 15.69 -20.37
C MET D 202 3.51 15.65 -19.35
N ARG D 203 2.50 14.83 -19.61
CA ARG D 203 1.36 14.74 -18.71
C ARG D 203 1.76 14.13 -17.37
N ILE D 204 2.59 13.08 -17.39
CA ILE D 204 3.07 12.46 -16.15
C ILE D 204 3.88 13.46 -15.33
N PHE D 205 4.78 14.17 -16.01
CA PHE D 205 5.65 15.14 -15.35
C PHE D 205 4.85 16.24 -14.68
N GLN D 206 3.95 16.89 -15.43
CA GLN D 206 3.25 18.04 -14.85
C GLN D 206 2.15 17.63 -13.90
N ASP D 207 1.52 16.47 -14.10
CA ASP D 207 0.49 16.03 -13.18
C ASP D 207 1.08 15.57 -11.86
N LEU D 208 2.25 14.91 -11.89
CA LEU D 208 2.89 14.51 -10.65
C LEU D 208 3.63 15.67 -9.99
N ASN D 209 4.00 16.71 -10.73
CA ASN D 209 4.63 17.88 -10.14
C ASN D 209 3.63 18.93 -9.70
N ASN D 210 2.36 18.83 -10.12
CA ASN D 210 1.36 19.84 -9.78
C ASN D 210 0.23 19.31 -8.91
N TYR D 211 -0.05 18.01 -8.96
CA TYR D 211 -1.19 17.46 -8.25
C TYR D 211 -0.84 16.27 -7.38
N SER D 212 0.36 15.70 -7.52
CA SER D 212 0.77 14.43 -6.92
C SER D 212 -0.18 13.29 -7.31
N GLU D 213 -0.80 13.41 -8.49
CA GLU D 213 -1.79 12.48 -8.98
C GLU D 213 -1.85 12.63 -10.50
N CYS D 214 -2.32 11.58 -11.17
CA CYS D 214 -2.49 11.65 -12.61
C CYS D 214 -3.53 10.63 -13.05
N LEU D 215 -4.24 10.97 -14.13
CA LEU D 215 -5.14 10.06 -14.83
C LEU D 215 -4.98 10.38 -16.31
N ILE D 216 -4.09 9.66 -16.98
CA ILE D 216 -3.70 9.96 -18.35
C ILE D 216 -4.08 8.79 -19.25
N PRO D 217 -5.14 8.89 -20.03
CA PRO D 217 -5.54 7.77 -20.90
C PRO D 217 -4.58 7.63 -22.07
N ILE D 218 -4.10 6.41 -22.28
CA ILE D 218 -3.19 6.11 -23.37
C ILE D 218 -3.84 5.24 -24.44
N ASP D 219 -4.99 4.64 -24.17
CA ASP D 219 -5.68 3.80 -25.12
C ASP D 219 -7.18 3.90 -24.84
N GLU D 220 -7.94 2.98 -25.42
CA GLU D 220 -9.37 2.89 -25.15
C GLU D 220 -9.68 2.11 -23.89
N GLY D 221 -8.69 1.44 -23.30
CA GLY D 221 -8.92 0.71 -22.08
C GLY D 221 -7.78 0.85 -21.07
N ASN D 222 -6.75 1.59 -21.42
CA ASN D 222 -5.57 1.74 -20.58
C ASN D 222 -5.36 3.19 -20.21
N ALA D 223 -4.98 3.43 -18.96
CA ALA D 223 -4.69 4.77 -18.48
C ALA D 223 -3.63 4.67 -17.40
N VAL D 224 -2.88 5.74 -17.23
CA VAL D 224 -1.85 5.84 -16.20
C VAL D 224 -2.50 6.52 -15.00
N ASP D 225 -2.80 5.74 -13.97
CA ASP D 225 -3.40 6.23 -12.74
C ASP D 225 -2.37 6.09 -11.62
N ILE D 226 -1.71 7.18 -11.28
CA ILE D 226 -0.65 7.20 -10.28
C ILE D 226 -1.05 8.19 -9.20
N LYS D 227 -1.02 7.74 -7.94
CA LYS D 227 -1.18 8.62 -6.80
C LYS D 227 -0.02 8.40 -5.84
N ILE D 228 0.65 9.49 -5.47
CA ILE D 228 1.83 9.41 -4.62
C ILE D 228 1.36 9.51 -3.16
N PHE D 229 1.64 8.46 -2.39
CA PHE D 229 1.28 8.38 -0.99
C PHE D 229 2.49 8.59 -0.10
N PRO D 230 2.33 9.23 1.05
CA PRO D 230 3.44 9.36 1.98
C PRO D 230 3.75 8.04 2.67
N LEU D 231 5.00 7.90 3.09
CA LEU D 231 5.44 6.71 3.80
C LEU D 231 5.39 6.98 5.30
N LEU D 232 4.78 6.05 6.04
CA LEU D 232 4.58 6.21 7.47
C LEU D 232 5.44 5.20 8.24
N ARG D 233 5.88 5.63 9.42
CA ARG D 233 6.68 4.77 10.28
C ARG D 233 5.83 3.62 10.83
N PRO D 234 6.39 2.43 10.95
CA PRO D 234 5.61 1.32 11.48
C PRO D 234 5.37 1.49 12.98
N PRO D 235 4.24 1.01 13.49
CA PRO D 235 3.99 1.08 14.92
C PRO D 235 4.91 0.17 15.71
N THR D 236 5.16 0.56 16.96
CA THR D 236 6.04 -0.17 17.84
C THR D 236 5.38 -1.45 18.36
N THR D 237 6.20 -2.32 18.93
CA THR D 237 5.73 -3.54 19.55
C THR D 237 5.70 -3.44 21.08
N CYS D 238 5.92 -2.25 21.62
CA CYS D 238 5.99 -2.04 23.06
C CYS D 238 4.63 -1.84 23.70
N VAL D 239 3.55 -1.84 22.92
CA VAL D 239 2.22 -1.70 23.47
C VAL D 239 1.85 -2.99 24.22
N SER D 240 1.26 -2.82 25.41
CA SER D 240 0.98 -3.94 26.29
C SER D 240 -0.41 -3.77 26.88
N LEU D 241 -0.74 -4.64 27.83
CA LEU D 241 -2.08 -4.65 28.41
C LEU D 241 -2.32 -3.48 29.35
N GLU D 242 -1.29 -3.05 30.09
CA GLU D 242 -1.46 -2.02 31.10
C GLU D 242 -1.53 -0.62 30.51
N ASP D 243 -1.24 -0.46 29.22
CA ASP D 243 -1.26 0.86 28.61
C ASP D 243 -2.70 1.27 28.33
N VAL D 244 -3.03 2.52 28.66
CA VAL D 244 -4.34 3.05 28.30
C VAL D 244 -4.17 3.86 27.02
N PRO D 245 -5.12 3.77 26.08
CA PRO D 245 -5.02 4.56 24.85
C PRO D 245 -5.77 5.88 24.94
N LEU D 246 -5.17 6.91 24.35
CA LEU D 246 -5.77 8.23 24.25
C LEU D 246 -6.02 8.55 22.78
N SER D 247 -7.28 8.67 22.40
CA SER D 247 -7.62 9.02 21.04
C SER D 247 -7.46 10.52 20.85
N SER D 248 -6.60 10.91 19.91
CA SER D 248 -6.38 12.31 19.61
C SER D 248 -7.38 12.87 18.62
N VAL D 249 -8.25 12.02 18.07
CA VAL D 249 -9.24 12.43 17.09
C VAL D 249 -10.59 11.87 17.49
N ASN D 250 -11.65 12.42 16.89
CA ASN D 250 -13.00 11.93 17.09
C ASN D 250 -13.18 10.68 16.25
N LEU D 251 -13.08 9.51 16.88
CA LEU D 251 -13.08 8.25 16.16
C LEU D 251 -14.47 7.82 15.70
N LYS D 252 -15.53 8.45 16.19
CA LYS D 252 -16.87 8.04 15.79
C LYS D 252 -17.19 8.50 14.37
N LYS D 253 -16.65 9.63 13.94
CA LYS D 253 -16.94 10.17 12.61
C LYS D 253 -16.02 9.63 11.53
N ILE D 254 -14.93 8.96 11.91
CA ILE D 254 -14.06 8.32 10.92
C ILE D 254 -14.57 6.94 10.52
N ILE D 255 -15.49 6.37 11.29
CA ILE D 255 -15.94 5.00 11.07
C ILE D 255 -16.79 4.97 9.80
N ASP D 256 -16.30 4.31 8.76
CA ASP D 256 -17.08 3.94 7.61
C ASP D 256 -17.21 2.41 7.55
N VAL D 257 -17.79 1.92 6.46
CA VAL D 257 -18.16 0.52 6.38
C VAL D 257 -16.95 -0.39 6.21
N ASN D 258 -15.80 0.15 5.84
CA ASN D 258 -14.62 -0.65 5.57
C ASN D 258 -13.76 -0.92 6.80
N TRP D 259 -14.17 -0.44 7.97
CA TRP D 259 -13.39 -0.66 9.18
C TRP D 259 -13.49 -2.11 9.63
N ASP D 260 -12.46 -2.55 10.35
CA ASP D 260 -12.48 -3.87 10.96
C ASP D 260 -13.55 -3.90 12.06
N PRO D 261 -14.28 -5.02 12.20
CA PRO D 261 -15.28 -5.10 13.28
C PRO D 261 -14.69 -4.98 14.67
N THR D 262 -13.46 -5.48 14.87
CA THR D 262 -12.80 -5.36 16.16
C THR D 262 -12.53 -3.89 16.49
N MET D 263 -11.98 -3.14 15.55
CA MET D 263 -11.70 -1.72 15.78
C MET D 263 -12.99 -0.93 16.02
N MET D 264 -14.05 -1.26 15.27
CA MET D 264 -15.34 -0.63 15.48
C MET D 264 -15.89 -0.93 16.87
N SER D 265 -15.59 -2.11 17.41
CA SER D 265 -15.99 -2.41 18.79
C SER D 265 -15.12 -1.66 19.80
N ILE D 266 -13.83 -1.50 19.50
CA ILE D 266 -12.92 -0.85 20.43
C ILE D 266 -13.22 0.65 20.56
N VAL D 267 -13.69 1.27 19.46
CA VAL D 267 -13.83 2.74 19.41
C VAL D 267 -14.67 3.36 20.54
N PRO D 268 -15.88 2.84 20.90
CA PRO D 268 -16.63 3.52 21.96
C PRO D 268 -16.10 3.32 23.38
N TYR D 269 -14.92 2.73 23.54
CA TYR D 269 -14.34 2.51 24.85
C TYR D 269 -12.97 3.15 25.04
N ILE D 270 -12.46 3.87 24.04
CA ILE D 270 -11.19 4.60 24.19
C ILE D 270 -11.56 5.98 24.73
N ASP D 271 -11.72 6.05 26.05
CA ASP D 271 -12.12 7.28 26.73
C ASP D 271 -10.95 7.96 27.43
N GLY D 272 -9.74 7.44 27.28
CA GLY D 272 -8.59 8.00 27.93
C GLY D 272 -8.32 7.51 29.33
N LEU D 273 -9.15 6.61 29.86
CA LEU D 273 -8.93 6.07 31.19
C LEU D 273 -9.15 4.56 31.27
N ASN D 274 -9.36 3.88 30.15
CA ASN D 274 -9.60 2.45 30.13
C ASN D 274 -8.33 1.74 29.70
N SER D 275 -7.94 0.69 30.42
CA SER D 275 -6.78 -0.08 30.01
C SER D 275 -7.15 -1.01 28.86
N ILE D 276 -6.12 -1.51 28.17
CA ILE D 276 -6.32 -2.38 27.04
C ILE D 276 -6.93 -3.71 27.48
N ALA D 277 -6.57 -4.20 28.66
CA ALA D 277 -7.27 -5.35 29.23
C ALA D 277 -8.73 -5.02 29.54
N LYS D 278 -8.98 -3.82 30.08
CA LYS D 278 -10.35 -3.40 30.36
C LYS D 278 -11.14 -3.20 29.08
N ILE D 279 -10.48 -2.69 28.03
CA ILE D 279 -11.15 -2.51 26.74
C ILE D 279 -11.45 -3.86 26.11
N SER D 280 -10.52 -4.82 26.25
CA SER D 280 -10.73 -6.17 25.74
C SER D 280 -11.88 -6.87 26.45
N LYS D 281 -11.97 -6.71 27.78
CA LYS D 281 -13.08 -7.31 28.51
C LYS D 281 -14.39 -6.60 28.26
N LEU D 282 -14.35 -5.29 28.02
CA LEU D 282 -15.57 -4.52 27.80
C LEU D 282 -16.16 -4.82 26.42
N SER D 283 -15.31 -5.00 25.43
CA SER D 283 -15.74 -5.24 24.05
C SER D 283 -15.82 -6.72 23.71
N ASN D 284 -15.60 -7.60 24.69
CA ASN D 284 -15.57 -9.05 24.50
C ASN D 284 -14.58 -9.46 23.42
N SER D 285 -13.39 -8.87 23.46
CA SER D 285 -12.38 -9.03 22.44
C SER D 285 -11.14 -9.68 23.02
N ASP D 286 -10.45 -10.46 22.20
CA ASP D 286 -9.16 -11.01 22.59
C ASP D 286 -8.13 -9.89 22.65
N PRO D 287 -7.28 -9.87 23.68
CA PRO D 287 -6.32 -8.76 23.83
C PRO D 287 -5.30 -8.64 22.70
N GLY D 288 -4.99 -9.72 22.00
CA GLY D 288 -4.05 -9.63 20.89
C GLY D 288 -4.59 -8.81 19.73
N LEU D 289 -5.86 -9.02 19.37
CA LEU D 289 -6.45 -8.22 18.30
C LEU D 289 -6.64 -6.77 18.72
N VAL D 290 -6.90 -6.52 20.00
CA VAL D 290 -6.95 -5.14 20.50
C VAL D 290 -5.59 -4.49 20.41
N ILE D 291 -4.54 -5.25 20.71
CA ILE D 291 -3.16 -4.75 20.58
C ILE D 291 -2.86 -4.39 19.14
N GLU D 292 -3.27 -5.24 18.20
CA GLU D 292 -3.03 -4.97 16.79
C GLU D 292 -3.86 -3.79 16.28
N CYS D 293 -5.10 -3.63 16.77
CA CYS D 293 -5.92 -2.51 16.37
C CYS D 293 -5.38 -1.18 16.91
N ILE D 294 -4.91 -1.20 18.16
CA ILE D 294 -4.26 -0.02 18.73
C ILE D 294 -2.97 0.29 17.97
N ARG D 295 -2.26 -0.75 17.52
CA ARG D 295 -1.07 -0.55 16.69
C ARG D 295 -1.41 0.08 15.35
N HIS D 296 -2.51 -0.36 14.73
CA HIS D 296 -2.94 0.23 13.46
C HIS D 296 -3.36 1.68 13.64
N LEU D 297 -4.01 1.99 14.77
CA LEU D 297 -4.38 3.38 15.04
C LEU D 297 -3.16 4.23 15.38
N ILE D 298 -2.13 3.63 15.96
CA ILE D 298 -0.86 4.32 16.17
C ILE D 298 -0.19 4.62 14.84
N TYR D 299 -0.30 3.68 13.89
CA TYR D 299 0.28 3.84 12.55
C TYR D 299 -0.31 5.02 11.80
N TYR D 300 -1.57 5.37 12.08
CA TYR D 300 -2.21 6.52 11.46
C TYR D 300 -2.13 7.78 12.30
N LYS D 301 -1.33 7.75 13.38
CA LYS D 301 -1.03 8.91 14.23
C LYS D 301 -2.30 9.50 14.86
N CYS D 302 -3.05 8.64 15.55
CA CYS D 302 -4.29 9.08 16.18
C CYS D 302 -4.50 8.57 17.59
N VAL D 303 -3.70 7.62 18.06
CA VAL D 303 -3.80 7.11 19.42
C VAL D 303 -2.42 7.12 20.06
N THR D 304 -2.33 7.73 21.25
CA THR D 304 -1.11 7.76 22.03
C THR D 304 -1.33 7.04 23.35
N LEU D 305 -0.40 6.17 23.71
CA LEU D 305 -0.55 5.36 24.91
C LEU D 305 -0.25 6.18 26.17
N SER D 306 -0.82 5.72 27.28
CA SER D 306 -0.60 6.36 28.58
C SER D 306 -0.71 5.29 29.66
N ASP D 307 -0.89 5.73 30.91
CA ASP D 307 -0.83 4.87 32.09
C ASP D 307 -2.17 4.84 32.80
N ILE D 308 -2.38 3.78 33.58
CA ILE D 308 -3.58 3.67 34.41
C ILE D 308 -3.47 4.66 35.55
N PHE D 309 -4.53 5.43 35.76
CA PHE D 309 -4.54 6.42 36.83
C PHE D 309 -4.89 5.74 38.15
N GLN D 310 -3.97 5.82 39.10
CA GLN D 310 -4.20 5.39 40.48
C GLN D 310 -3.66 6.47 41.40
N PHE D 311 -4.19 6.50 42.62
CA PHE D 311 -3.66 7.41 43.62
C PHE D 311 -2.41 6.85 44.29
N SER D 312 -2.06 5.61 44.02
CA SER D 312 -0.79 5.04 44.44
C SER D 312 0.34 5.34 43.45
N ASN D 313 0.04 6.03 42.35
CA ASN D 313 1.05 6.35 41.35
C ASN D 313 1.95 7.47 41.84
N ILE D 314 3.13 7.56 41.23
CA ILE D 314 4.11 8.58 41.55
C ILE D 314 4.39 9.36 40.27
N TYR D 315 4.03 10.65 40.28
CA TYR D 315 4.24 11.53 39.15
C TYR D 315 5.28 12.58 39.52
N ALA D 316 6.15 12.90 38.58
CA ALA D 316 7.19 13.89 38.79
C ALA D 316 7.24 14.80 37.56
N PRO D 317 7.62 16.06 37.74
CA PRO D 317 7.79 16.95 36.59
C PRO D 317 8.92 16.50 35.69
N SER D 318 8.74 16.73 34.39
CA SER D 318 9.69 16.37 33.37
C SER D 318 10.56 17.59 33.03
N SER D 319 11.40 17.45 32.01
CA SER D 319 12.21 18.56 31.53
C SER D 319 11.41 19.57 30.73
N LEU D 320 10.18 19.22 30.34
CA LEU D 320 9.30 20.11 29.59
C LEU D 320 8.29 20.80 30.49
N ILE D 321 8.58 20.94 31.79
CA ILE D 321 7.67 21.62 32.70
C ILE D 321 7.64 23.12 32.40
N ARG D 322 8.71 23.66 31.81
CA ARG D 322 8.74 25.05 31.40
C ARG D 322 7.85 25.32 30.19
N ASN D 323 7.40 24.29 29.48
CA ASN D 323 6.44 24.47 28.40
C ASN D 323 5.06 24.85 28.90
N PHE D 324 4.79 24.71 30.19
CA PHE D 324 3.58 25.30 30.78
C PHE D 324 3.68 26.83 30.77
N LEU D 325 4.90 27.36 30.76
CA LEU D 325 5.14 28.78 30.74
C LEU D 325 5.33 29.31 29.32
N THR D 326 6.12 28.62 28.50
CA THR D 326 6.43 29.08 27.14
C THR D 326 5.51 28.38 26.14
N ASP D 327 4.22 28.70 26.27
CA ASP D 327 3.19 28.23 25.35
C ASP D 327 1.97 29.12 25.49
N PRO D 328 1.43 29.65 24.39
CA PRO D 328 0.31 30.59 24.49
C PRO D 328 -1.03 29.94 24.78
N LEU D 329 -1.16 28.63 24.63
CA LEU D 329 -2.48 28.00 24.78
C LEU D 329 -2.47 26.78 25.70
N MET D 330 -1.39 26.53 26.44
CA MET D 330 -1.38 25.40 27.34
C MET D 330 -2.07 25.70 28.67
N ALA D 331 -1.79 26.87 29.24
CA ALA D 331 -2.34 27.21 30.55
C ALA D 331 -3.84 27.51 30.48
N SER D 332 -4.28 28.17 29.41
CA SER D 332 -5.71 28.45 29.24
C SER D 332 -6.50 27.17 29.04
N ASP D 333 -5.95 26.24 28.25
CA ASP D 333 -6.58 24.93 28.09
C ASP D 333 -6.58 24.16 29.41
N CYS D 334 -5.52 24.32 30.22
CA CYS D 334 -5.50 23.71 31.54
C CYS D 334 -6.62 24.25 32.43
N GLN D 335 -6.83 25.57 32.39
CA GLN D 335 -7.90 26.19 33.17
C GLN D 335 -9.26 25.69 32.72
N SER D 336 -9.49 25.62 31.42
CA SER D 336 -10.77 25.15 30.91
C SER D 336 -10.94 23.63 31.03
N TYR D 337 -9.86 22.90 31.29
CA TYR D 337 -9.88 21.44 31.32
C TYR D 337 -10.02 20.89 32.74
N VAL D 338 -9.15 21.30 33.66
CA VAL D 338 -9.05 20.63 34.97
C VAL D 338 -10.20 20.96 35.92
N THR D 339 -11.07 21.90 35.56
CA THR D 339 -12.09 22.38 36.47
C THR D 339 -13.39 21.62 36.26
N PHE D 340 -14.08 21.31 37.35
CA PHE D 340 -15.40 20.73 37.28
C PHE D 340 -16.37 21.71 36.63
N PRO D 341 -17.37 21.21 35.88
CA PRO D 341 -18.35 22.11 35.26
C PRO D 341 -19.20 22.87 36.28
N GLU D 342 -19.50 22.26 37.42
CA GLU D 342 -20.23 22.89 38.51
C GLU D 342 -19.40 22.79 39.79
N VAL D 343 -19.98 23.21 40.90
CA VAL D 343 -19.35 23.01 42.20
C VAL D 343 -19.59 21.55 42.58
N SER D 344 -18.60 20.70 42.30
CA SER D 344 -18.77 19.27 42.47
C SER D 344 -18.77 18.89 43.95
N LYS D 345 -19.27 17.68 44.22
CA LYS D 345 -19.35 17.19 45.59
C LYS D 345 -17.99 16.81 46.15
N ILE D 346 -17.02 16.47 45.29
CA ILE D 346 -15.65 16.21 45.75
C ILE D 346 -15.04 17.46 46.36
N SER D 347 -15.41 18.63 45.84
CA SER D 347 -15.00 19.91 46.43
C SER D 347 -15.81 20.26 47.68
N ASN D 348 -16.53 19.30 48.28
CA ASN D 348 -17.14 19.46 49.58
C ASN D 348 -16.72 18.39 50.57
N LEU D 349 -16.11 17.30 50.11
CA LEU D 349 -15.68 16.24 51.01
C LEU D 349 -14.48 16.70 51.84
N PRO D 350 -14.46 16.41 53.13
CA PRO D 350 -13.24 16.63 53.92
C PRO D 350 -12.24 15.51 53.66
N LEU D 351 -11.00 15.73 54.13
CA LEU D 351 -9.95 14.75 53.95
C LEU D 351 -10.20 13.50 54.77
N ASN D 352 -10.64 13.66 56.02
CA ASN D 352 -10.92 12.54 56.90
C ASN D 352 -12.21 12.80 57.64
N LYS D 353 -13.01 11.75 57.82
CA LYS D 353 -14.27 11.86 58.55
C LYS D 353 -14.66 10.51 59.14
N PHE D 431 -14.83 31.63 39.92
CA PHE D 431 -13.87 31.81 38.83
C PHE D 431 -13.03 30.56 38.60
N LEU D 432 -12.42 30.48 37.42
CA LEU D 432 -11.52 29.38 37.13
C LEU D 432 -10.23 29.52 37.95
N PRO D 433 -9.57 28.40 38.23
CA PRO D 433 -8.26 28.48 38.89
C PRO D 433 -7.23 29.20 38.03
N THR D 434 -6.43 30.03 38.68
CA THR D 434 -5.42 30.78 37.96
C THR D 434 -4.30 29.86 37.49
N ARG D 435 -3.59 30.31 36.45
CA ARG D 435 -2.53 29.50 35.86
C ARG D 435 -1.35 29.35 36.81
N SER D 436 -1.14 30.32 37.69
CA SER D 436 -0.10 30.20 38.70
C SER D 436 -0.40 29.07 39.67
N CYS D 437 -1.67 28.90 40.04
CA CYS D 437 -2.07 27.79 40.90
C CYS D 437 -1.81 26.44 40.23
N LEU D 438 -2.13 26.35 38.94
CA LEU D 438 -1.90 25.10 38.21
C LEU D 438 -0.41 24.80 38.07
N PHE D 439 0.40 25.82 37.81
CA PHE D 439 1.84 25.61 37.73
C PHE D 439 2.43 25.21 39.07
N ASP D 440 1.97 25.83 40.16
CA ASP D 440 2.46 25.48 41.49
C ASP D 440 2.03 24.08 41.89
N LEU D 441 0.86 23.63 41.41
CA LEU D 441 0.47 22.25 41.66
C LEU D 441 1.26 21.27 40.81
N TYR D 442 1.64 21.66 39.59
CA TYR D 442 2.43 20.78 38.73
C TYR D 442 3.87 20.64 39.21
N ARG D 443 4.44 21.71 39.79
CA ARG D 443 5.80 21.61 40.31
C ARG D 443 5.88 20.74 41.56
N SER D 444 4.86 20.80 42.40
CA SER D 444 4.89 20.19 43.73
C SER D 444 4.92 18.66 43.69
N LEU D 445 4.66 18.05 42.54
CA LEU D 445 4.87 16.63 42.39
C LEU D 445 6.35 16.32 42.49
N SER D 446 6.66 15.11 42.99
CA SER D 446 8.04 14.76 43.24
C SER D 446 8.20 13.25 43.19
N GLN D 447 9.43 12.81 43.00
CA GLN D 447 9.74 11.39 42.96
C GLN D 447 9.65 10.78 44.35
N GLY D 448 9.13 9.57 44.42
CA GLY D 448 8.97 8.89 45.69
C GLY D 448 7.81 9.34 46.53
N GLN D 449 7.09 10.38 46.11
CA GLN D 449 5.92 10.89 46.81
C GLN D 449 4.71 10.51 45.98
N THR D 450 3.86 9.66 46.54
CA THR D 450 2.70 9.16 45.81
C THR D 450 1.64 10.24 45.69
N LEU D 451 0.67 9.99 44.81
CA LEU D 451 -0.40 10.95 44.58
C LEU D 451 -1.36 11.05 45.77
N LYS D 452 -1.45 10.00 46.58
CA LYS D 452 -2.23 10.08 47.81
C LYS D 452 -1.62 11.08 48.79
N THR D 453 -0.30 11.00 48.98
CA THR D 453 0.38 11.92 49.87
C THR D 453 0.36 13.34 49.33
N TRP D 454 0.56 13.50 48.02
CA TRP D 454 0.53 14.82 47.40
C TRP D 454 -0.86 15.43 47.49
N TYR D 455 -1.90 14.61 47.31
CA TYR D 455 -3.27 15.11 47.36
C TYR D 455 -3.72 15.40 48.78
N GLU D 456 -3.26 14.63 49.76
CA GLU D 456 -3.61 14.93 51.14
C GLU D 456 -2.74 16.03 51.74
N SER D 457 -1.63 16.38 51.10
CA SER D 457 -0.88 17.57 51.47
C SER D 457 -1.43 18.82 50.81
N LYS D 458 -1.99 18.69 49.62
CA LYS D 458 -2.61 19.80 48.89
C LYS D 458 -4.02 19.39 48.49
N TYR D 459 -4.96 19.59 49.41
CA TYR D 459 -6.36 19.33 49.14
C TYR D 459 -7.26 20.54 49.32
N MET D 460 -6.86 21.51 50.13
CA MET D 460 -7.60 22.77 50.19
C MET D 460 -7.43 23.55 48.89
N ILE D 461 -6.27 23.44 48.26
CA ILE D 461 -6.00 24.14 47.00
C ILE D 461 -6.89 23.60 45.89
N LEU D 462 -7.03 22.28 45.79
CA LEU D 462 -7.86 21.70 44.75
C LEU D 462 -9.34 21.84 45.07
N LYS D 463 -9.70 21.86 46.36
CA LYS D 463 -11.10 22.01 46.73
C LYS D 463 -11.59 23.44 46.50
N GLU D 464 -10.78 24.44 46.85
CA GLU D 464 -11.17 25.83 46.66
C GLU D 464 -11.19 26.22 45.20
N ASN D 465 -10.28 25.67 44.40
CA ASN D 465 -10.19 26.00 42.98
C ASN D 465 -11.00 25.04 42.10
N ASN D 466 -11.68 24.05 42.70
CA ASN D 466 -12.57 23.12 42.01
C ASN D 466 -11.84 22.34 40.91
N ILE D 467 -10.72 21.73 41.29
CA ILE D 467 -9.81 21.08 40.34
C ILE D 467 -10.00 19.57 40.42
N ASP D 468 -10.24 18.95 39.27
CA ASP D 468 -10.28 17.49 39.17
C ASP D 468 -8.85 16.97 39.07
N ILE D 469 -8.46 16.13 40.02
CA ILE D 469 -7.07 15.67 40.08
C ILE D 469 -6.74 14.72 38.94
N ARG D 470 -7.71 13.87 38.54
CA ARG D 470 -7.50 12.98 37.40
C ARG D 470 -7.34 13.78 36.11
N ARG D 471 -8.15 14.81 35.93
CA ARG D 471 -8.06 15.65 34.73
C ARG D 471 -6.77 16.46 34.75
N PHE D 472 -6.35 16.89 35.93
CA PHE D 472 -5.09 17.61 36.11
C PHE D 472 -3.89 16.75 35.72
N ILE D 473 -3.87 15.51 36.20
CA ILE D 473 -2.77 14.58 35.89
C ILE D 473 -2.79 14.20 34.41
N THR D 474 -3.99 14.00 33.84
CA THR D 474 -4.10 13.64 32.43
C THR D 474 -3.64 14.78 31.52
N PHE D 475 -3.97 16.02 31.86
CA PHE D 475 -3.49 17.15 31.07
C PHE D 475 -1.98 17.31 31.22
N GLY D 476 -1.45 17.06 32.41
CA GLY D 476 0.00 17.13 32.58
C GLY D 476 0.73 16.07 31.78
N LEU D 477 0.18 14.86 31.72
CA LEU D 477 0.83 13.80 30.97
C LEU D 477 0.66 13.99 29.47
N GLU D 478 -0.46 14.55 29.02
CA GLU D 478 -0.68 14.73 27.59
C GLU D 478 0.23 15.79 27.01
N LYS D 479 0.55 16.83 27.77
CA LYS D 479 1.48 17.87 27.34
C LYS D 479 2.93 17.52 27.64
N ARG D 480 3.17 16.33 28.21
CA ARG D 480 4.50 15.80 28.52
C ARG D 480 5.28 16.71 29.46
N ILE D 481 4.56 17.35 30.40
CA ILE D 481 5.19 18.18 31.41
C ILE D 481 5.41 17.42 32.72
N ILE D 482 4.75 16.28 32.91
CA ILE D 482 5.03 15.38 34.01
C ILE D 482 5.12 13.95 33.45
N TYR D 483 5.74 13.07 34.22
CA TYR D 483 5.90 11.68 33.83
C TYR D 483 5.60 10.80 35.04
N ARG D 484 5.28 9.53 34.77
CA ARG D 484 5.00 8.57 35.83
C ARG D 484 6.22 7.74 36.15
N CYS D 485 6.53 7.63 37.45
CA CYS D 485 7.60 6.78 37.93
C CYS D 485 7.00 5.40 38.22
N TYR D 486 7.35 4.43 37.38
CA TYR D 486 6.77 3.10 37.50
C TYR D 486 7.35 2.36 38.71
N SER D 487 6.52 1.53 39.34
CA SER D 487 6.90 0.78 40.54
C SER D 487 7.28 -0.64 40.16
N PHE D 488 8.47 -1.07 40.56
CA PHE D 488 9.01 -2.37 40.17
C PHE D 488 9.22 -3.26 41.38
N PRO D 489 8.41 -4.29 41.58
CA PRO D 489 8.62 -5.20 42.73
C PRO D 489 9.68 -6.26 42.48
N VAL D 490 10.95 -5.94 42.70
CA VAL D 490 12.03 -6.89 42.50
C VAL D 490 12.21 -7.65 43.80
N MET D 491 12.73 -8.88 43.71
CA MET D 491 13.09 -9.67 44.87
C MET D 491 14.58 -9.51 45.14
N ILE D 492 15.11 -10.34 46.02
CA ILE D 492 16.54 -10.30 46.35
C ILE D 492 17.37 -10.80 45.17
N MET D 565 -5.69 -13.34 53.59
CA MET D 565 -5.60 -13.48 52.14
C MET D 565 -6.06 -14.87 51.69
N PRO D 566 -6.88 -14.92 50.66
CA PRO D 566 -7.39 -16.20 50.16
C PRO D 566 -6.29 -17.01 49.47
N LYS D 567 -6.60 -18.28 49.24
CA LYS D 567 -5.65 -19.18 48.61
C LYS D 567 -5.55 -18.86 47.12
N LEU D 568 -4.35 -18.50 46.69
CA LEU D 568 -4.12 -18.10 45.30
C LEU D 568 -4.07 -19.32 44.39
N SER D 569 -4.61 -19.18 43.19
CA SER D 569 -4.80 -20.30 42.29
C SER D 569 -3.48 -20.71 41.63
N ASP D 570 -3.52 -21.85 40.94
CA ASP D 570 -2.33 -22.39 40.30
C ASP D 570 -1.91 -21.55 39.10
N GLU D 571 -2.87 -21.22 38.23
CA GLU D 571 -2.55 -20.35 37.10
C GLU D 571 -2.24 -18.93 37.56
N GLU D 572 -2.93 -18.47 38.62
CA GLU D 572 -2.68 -17.16 39.18
C GLU D 572 -1.27 -17.08 39.77
N GLU D 573 -0.86 -18.10 40.52
CA GLU D 573 0.50 -18.11 41.06
C GLU D 573 1.54 -18.31 39.96
N GLY D 574 1.19 -19.01 38.89
CA GLY D 574 2.11 -19.16 37.78
C GLY D 574 2.36 -17.85 37.06
N ILE D 575 1.29 -17.08 36.80
CA ILE D 575 1.49 -15.81 36.11
C ILE D 575 2.11 -14.79 37.05
N LEU D 576 1.86 -14.90 38.36
CA LEU D 576 2.56 -14.04 39.32
C LEU D 576 4.06 -14.33 39.34
N GLU D 577 4.43 -15.61 39.34
CA GLU D 577 5.85 -15.98 39.32
C GLU D 577 6.51 -15.56 38.01
N GLU D 578 5.81 -15.72 36.89
CA GLU D 578 6.36 -15.30 35.60
C GLU D 578 6.51 -13.79 35.52
N SER D 579 5.59 -13.04 36.13
CA SER D 579 5.71 -11.59 36.17
C SER D 579 6.84 -11.15 37.07
N ILE D 580 7.07 -11.88 38.16
CA ILE D 580 8.16 -11.54 39.07
C ILE D 580 9.51 -11.84 38.43
N ARG D 581 9.63 -12.98 37.74
CA ARG D 581 10.89 -13.35 37.10
C ARG D 581 11.21 -12.49 35.88
N ASN D 582 10.25 -11.72 35.37
CA ASN D 582 10.47 -10.81 34.26
C ASN D 582 10.62 -9.35 34.70
N ALA D 583 10.63 -9.11 36.02
CA ALA D 583 10.79 -7.77 36.62
C ALA D 583 9.73 -6.80 36.14
N GLU D 584 8.50 -7.28 36.02
CA GLU D 584 7.40 -6.45 35.52
C GLU D 584 6.97 -5.45 36.59
N THR D 585 6.26 -4.41 36.14
CA THR D 585 5.78 -3.36 37.02
C THR D 585 4.62 -3.86 37.86
N PHE D 586 4.24 -3.07 38.86
CA PHE D 586 3.04 -3.35 39.63
C PHE D 586 1.79 -3.24 38.77
N ASP D 587 1.81 -2.34 37.77
CA ASP D 587 0.64 -2.17 36.91
C ASP D 587 0.37 -3.42 36.09
N LYS D 588 1.41 -4.05 35.55
CA LYS D 588 1.21 -5.23 34.72
C LYS D 588 0.74 -6.41 35.56
N ILE D 589 1.29 -6.58 36.77
CA ILE D 589 0.84 -7.65 37.65
C ILE D 589 -0.60 -7.41 38.09
N CYS D 590 -0.94 -6.16 38.41
CA CYS D 590 -2.31 -5.83 38.81
C CYS D 590 -3.29 -6.06 37.68
N VAL D 591 -2.89 -5.76 36.45
CA VAL D 591 -3.72 -6.03 35.29
C VAL D 591 -3.89 -7.54 35.08
N LEU D 592 -2.80 -8.28 35.21
CA LEU D 592 -2.84 -9.72 34.91
C LEU D 592 -3.64 -10.49 35.95
N LEU D 593 -3.55 -10.09 37.22
CA LEU D 593 -4.31 -10.76 38.27
C LEU D 593 -5.69 -10.15 38.48
N SER D 594 -5.99 -9.02 37.82
CA SER D 594 -7.22 -8.24 38.00
C SER D 594 -7.44 -7.88 39.47
N LYS D 595 -6.37 -7.42 40.11
CA LYS D 595 -6.36 -7.13 41.54
C LYS D 595 -5.79 -5.75 41.78
N PRO D 596 -6.16 -5.10 42.89
CA PRO D 596 -5.51 -3.83 43.25
C PRO D 596 -4.08 -4.02 43.72
N LYS D 597 -3.41 -2.93 44.06
CA LYS D 597 -2.00 -2.99 44.41
C LYS D 597 -1.76 -3.65 45.76
N LEU D 598 -2.70 -3.51 46.70
CA LEU D 598 -2.49 -4.01 48.06
C LEU D 598 -2.56 -5.53 48.09
N GLU D 599 -3.47 -6.13 47.33
CA GLU D 599 -3.56 -7.59 47.27
C GLU D 599 -2.31 -8.19 46.63
N VAL D 600 -1.80 -7.55 45.58
CA VAL D 600 -0.57 -7.99 44.94
C VAL D 600 0.61 -7.87 45.90
N GLU D 601 0.66 -6.78 46.67
CA GLU D 601 1.72 -6.60 47.65
C GLU D 601 1.65 -7.65 48.76
N SER D 602 0.44 -7.98 49.21
CA SER D 602 0.28 -9.01 50.23
C SER D 602 0.68 -10.38 49.71
N TYR D 603 0.31 -10.70 48.48
CA TYR D 603 0.69 -12.00 47.89
C TYR D 603 2.19 -12.08 47.68
N LEU D 604 2.82 -10.96 47.31
CA LEU D 604 4.28 -10.96 47.13
C LEU D 604 5.00 -11.08 48.45
N ASN D 605 4.48 -10.43 49.50
CA ASN D 605 5.07 -10.59 50.83
C ASN D 605 4.88 -12.00 51.35
N GLU D 606 3.78 -12.66 50.98
CA GLU D 606 3.62 -14.07 51.29
C GLU D 606 4.64 -14.91 50.53
N LEU D 607 4.92 -14.56 49.28
CA LEU D 607 5.84 -15.35 48.47
C LEU D 607 7.30 -15.11 48.85
N GLY D 608 7.65 -13.90 49.24
CA GLY D 608 9.03 -13.61 49.59
C GLY D 608 9.18 -12.19 50.09
N GLU D 609 10.42 -11.74 50.16
CA GLU D 609 10.74 -10.37 50.53
C GLU D 609 11.10 -9.60 49.27
N PHE D 610 10.57 -8.38 49.14
CA PHE D 610 10.70 -7.63 47.90
C PHE D 610 10.93 -6.16 48.19
N LYS D 611 11.54 -5.49 47.23
CA LYS D 611 11.77 -4.06 47.27
C LYS D 611 11.18 -3.42 46.03
N VAL D 612 10.72 -2.19 46.17
CA VAL D 612 10.03 -1.47 45.11
C VAL D 612 10.91 -0.33 44.63
N ILE D 613 11.12 -0.25 43.32
CA ILE D 613 11.84 0.85 42.69
C ILE D 613 10.82 1.72 41.98
N ASN D 614 10.77 2.99 42.35
CA ASN D 614 9.93 3.96 41.67
C ASN D 614 10.81 4.74 40.71
N SER D 615 11.06 4.13 39.56
CA SER D 615 11.94 4.71 38.54
C SER D 615 11.24 5.84 37.78
#